data_5UTV
#
_entry.id   5UTV
#
_entity_poly.entity_id   1
_entity_poly.type   'polypeptide(L)'
_entity_poly.pdbx_seq_one_letter_code
;SHMTAVQDFVVDILLNGARDWDVLQTTCTVDRKVYKTICKRGNTYLCFDDTNLYAITGDVVLKFATVSKARAYLETK
;
_entity_poly.pdbx_strand_id   A
#
# COMPACT_ATOMS: atom_id res chain seq x y z
N SER A 1 6.24 2.86 -19.20
CA SER A 1 5.30 2.61 -18.09
C SER A 1 5.94 2.91 -16.76
N HIS A 2 5.14 3.23 -15.72
CA HIS A 2 5.53 3.43 -14.29
C HIS A 2 4.30 3.77 -13.39
N MET A 3 3.75 4.99 -13.52
CA MET A 3 2.41 5.42 -13.07
C MET A 3 1.28 4.69 -13.85
N THR A 4 1.42 3.38 -14.07
CA THR A 4 0.56 2.58 -14.91
C THR A 4 -0.14 1.55 -14.07
N ALA A 5 0.61 0.59 -13.57
CA ALA A 5 0.12 -0.48 -12.71
C ALA A 5 -0.16 -0.01 -11.27
N VAL A 6 0.82 0.72 -10.74
CA VAL A 6 0.88 1.36 -9.42
C VAL A 6 -0.30 2.31 -9.26
N GLN A 7 -0.61 3.07 -10.31
CA GLN A 7 -1.64 4.07 -10.36
C GLN A 7 -3.02 3.46 -10.16
N ASP A 8 -3.38 2.68 -11.17
CA ASP A 8 -4.59 1.83 -11.31
C ASP A 8 -4.85 0.94 -10.08
N PHE A 9 -3.79 0.35 -9.51
CA PHE A 9 -3.89 -0.31 -8.22
C PHE A 9 -4.31 0.68 -7.13
N VAL A 10 -3.55 1.77 -6.96
CA VAL A 10 -3.76 2.72 -5.85
C VAL A 10 -5.19 3.27 -5.80
N VAL A 11 -5.77 3.70 -6.93
CA VAL A 11 -7.18 4.15 -6.98
C VAL A 11 -8.25 3.11 -6.66
N ASP A 12 -7.94 1.82 -6.78
CA ASP A 12 -8.83 0.74 -6.35
C ASP A 12 -9.13 0.81 -4.83
N ILE A 13 -8.17 1.29 -4.04
CA ILE A 13 -8.35 1.77 -2.64
C ILE A 13 -8.88 3.21 -2.65
N LEU A 14 -8.25 4.14 -3.41
CA LEU A 14 -8.34 5.57 -3.12
C LEU A 14 -9.73 6.17 -3.33
N LEU A 15 -10.30 5.91 -4.51
CA LEU A 15 -11.67 6.32 -4.83
C LEU A 15 -12.64 5.14 -4.68
N ASN A 16 -12.26 4.00 -5.26
CA ASN A 16 -13.14 2.83 -5.36
C ASN A 16 -13.34 2.15 -3.99
N GLY A 17 -12.38 2.35 -3.06
CA GLY A 17 -12.39 1.79 -1.70
C GLY A 17 -11.91 0.33 -1.64
N ALA A 18 -11.17 0.02 -0.58
CA ALA A 18 -10.55 -1.29 -0.36
C ALA A 18 -11.56 -2.41 -0.03
N ARG A 19 -10.97 -3.57 0.26
CA ARG A 19 -11.35 -4.53 1.30
C ARG A 19 -11.58 -3.84 2.62
N ASP A 20 -11.63 -4.65 3.65
CA ASP A 20 -11.79 -4.35 5.08
C ASP A 20 -10.83 -3.29 5.70
N TRP A 21 -9.97 -2.66 4.89
CA TRP A 21 -9.08 -1.59 5.27
C TRP A 21 -9.80 -0.24 5.31
N ASP A 22 -9.34 0.62 6.20
CA ASP A 22 -9.70 2.06 6.23
C ASP A 22 -8.92 2.72 5.10
N VAL A 23 -9.48 3.77 4.50
CA VAL A 23 -8.87 4.41 3.34
C VAL A 23 -8.26 5.65 3.92
N LEU A 24 -6.95 5.56 4.06
CA LEU A 24 -6.20 6.61 4.72
C LEU A 24 -5.19 7.17 3.78
N GLN A 25 -5.23 8.49 3.71
CA GLN A 25 -4.20 9.19 2.99
C GLN A 25 -3.32 9.79 4.05
N THR A 26 -2.33 9.00 4.44
CA THR A 26 -1.17 9.45 5.19
C THR A 26 0.11 8.92 4.53
N THR A 27 1.29 9.32 5.00
CA THR A 27 2.57 8.78 4.51
C THR A 27 3.28 8.30 5.77
N CYS A 28 3.91 7.16 5.65
CA CYS A 28 4.58 6.43 6.71
C CYS A 28 6.06 6.57 6.57
N THR A 29 6.77 6.41 7.68
CA THR A 29 8.22 6.51 7.73
C THR A 29 8.88 5.27 8.27
N VAL A 30 9.63 4.61 7.39
CA VAL A 30 10.36 3.35 7.66
C VAL A 30 11.59 3.25 6.76
N ASP A 31 12.65 2.53 7.15
CA ASP A 31 13.85 2.26 6.35
C ASP A 31 14.71 3.52 6.10
N ARG A 32 14.43 4.60 6.84
CA ARG A 32 15.00 5.95 6.65
C ARG A 32 14.43 6.59 5.36
N LYS A 33 13.28 6.09 4.91
CA LYS A 33 12.51 6.49 3.74
C LYS A 33 11.06 6.75 4.17
N VAL A 34 10.29 7.48 3.37
CA VAL A 34 8.86 7.68 3.60
C VAL A 34 8.12 7.13 2.39
N TYR A 35 7.07 6.38 2.69
CA TYR A 35 6.18 5.67 1.76
C TYR A 35 4.79 6.23 1.89
N LYS A 36 4.00 6.23 0.82
CA LYS A 36 2.69 6.84 0.87
C LYS A 36 1.62 5.76 1.06
N THR A 37 0.92 5.81 2.19
CA THR A 37 -0.15 4.85 2.46
C THR A 37 -1.37 5.26 1.70
N ILE A 38 -2.18 4.25 1.42
CA ILE A 38 -3.50 4.36 0.83
C ILE A 38 -4.58 3.94 1.81
N CYS A 39 -4.19 3.01 2.67
CA CYS A 39 -5.13 2.26 3.49
C CYS A 39 -4.47 1.61 4.66
N LYS A 40 -5.23 1.64 5.75
CA LYS A 40 -4.85 1.07 6.99
C LYS A 40 -5.85 0.06 7.52
N ARG A 41 -5.34 -1.10 7.90
CA ARG A 41 -6.09 -2.11 8.64
C ARG A 41 -5.29 -2.52 9.85
N GLY A 42 -5.85 -2.26 11.01
CA GLY A 42 -5.18 -2.61 12.25
C GLY A 42 -3.87 -1.85 12.45
N ASN A 43 -2.81 -2.63 12.66
CA ASN A 43 -1.44 -2.08 12.79
C ASN A 43 -0.72 -2.03 11.44
N THR A 44 -1.41 -2.35 10.33
CA THR A 44 -0.83 -2.36 8.97
C THR A 44 -1.38 -1.25 8.05
N TYR A 45 -0.50 -0.75 7.18
CA TYR A 45 -0.50 0.48 6.41
C TYR A 45 0.12 0.01 5.13
N LEU A 46 -0.69 -0.04 4.12
CA LEU A 46 -0.28 -0.47 2.83
C LEU A 46 0.15 0.79 2.09
N CYS A 47 1.38 0.79 1.58
CA CYS A 47 1.97 1.97 0.98
C CYS A 47 2.62 1.63 -0.37
N PHE A 48 2.80 2.65 -1.20
CA PHE A 48 3.43 2.51 -2.53
C PHE A 48 4.53 3.51 -2.77
N ASP A 49 5.45 3.17 -3.67
CA ASP A 49 6.45 4.10 -4.20
C ASP A 49 6.34 4.10 -5.74
N ASP A 50 7.44 4.44 -6.42
CA ASP A 50 7.52 4.60 -7.86
C ASP A 50 7.54 3.27 -8.69
N THR A 51 7.60 2.15 -7.99
CA THR A 51 8.15 0.92 -8.48
C THR A 51 7.23 -0.25 -8.24
N ASN A 52 6.54 -0.23 -7.10
CA ASN A 52 5.93 -1.30 -6.36
C ASN A 52 5.38 -0.77 -5.03
N LEU A 53 4.75 -1.68 -4.31
CA LEU A 53 4.17 -1.47 -2.99
C LEU A 53 5.02 -2.11 -1.91
N TYR A 54 4.65 -1.77 -0.69
CA TYR A 54 5.20 -2.29 0.53
C TYR A 54 4.04 -2.40 1.54
N ALA A 55 3.97 -3.46 2.33
CA ALA A 55 3.21 -3.39 3.57
C ALA A 55 4.17 -2.84 4.63
N ILE A 56 3.77 -1.78 5.32
CA ILE A 56 4.39 -1.45 6.60
C ILE A 56 3.46 -2.01 7.67
N THR A 57 3.91 -3.08 8.32
CA THR A 57 3.25 -3.66 9.49
C THR A 57 3.94 -3.05 10.69
N GLY A 58 3.34 -1.99 11.24
CA GLY A 58 3.87 -1.18 12.33
C GLY A 58 5.13 -0.42 11.89
N ASP A 59 6.26 -1.12 11.99
CA ASP A 59 7.62 -0.65 11.65
C ASP A 59 8.31 -1.54 10.59
N VAL A 60 7.58 -2.53 10.03
CA VAL A 60 8.11 -3.63 9.23
C VAL A 60 7.73 -3.40 7.79
N VAL A 61 8.69 -2.87 7.03
CA VAL A 61 8.54 -2.69 5.59
C VAL A 61 8.71 -4.03 4.88
N LEU A 62 7.73 -4.32 4.01
CA LEU A 62 7.61 -5.55 3.26
C LEU A 62 7.28 -5.26 1.81
N LYS A 63 8.36 -5.02 1.06
CA LYS A 63 8.36 -4.85 -0.38
C LYS A 63 7.70 -6.03 -1.12
N PHE A 64 6.69 -5.70 -1.92
CA PHE A 64 6.06 -6.59 -2.87
C PHE A 64 6.90 -6.63 -4.16
N ALA A 65 6.94 -7.76 -4.86
CA ALA A 65 7.53 -7.80 -6.21
C ALA A 65 6.65 -7.19 -7.33
N THR A 66 5.46 -6.66 -7.01
CA THR A 66 4.47 -6.22 -7.97
C THR A 66 3.61 -5.27 -7.21
N VAL A 67 2.70 -4.71 -7.98
CA VAL A 67 1.60 -3.99 -7.43
C VAL A 67 0.46 -4.94 -7.02
N SER A 68 0.05 -5.85 -7.92
CA SER A 68 -1.05 -6.81 -7.70
C SER A 68 -0.87 -7.69 -6.46
N LYS A 69 0.36 -7.79 -5.93
CA LYS A 69 0.63 -8.56 -4.73
C LYS A 69 -0.05 -7.95 -3.54
N ALA A 70 0.13 -6.65 -3.37
CA ALA A 70 -0.58 -5.85 -2.37
C ALA A 70 -2.13 -5.95 -2.46
N ARG A 71 -2.68 -6.22 -3.65
CA ARG A 71 -4.12 -6.43 -3.80
C ARG A 71 -4.58 -7.74 -3.16
N ALA A 72 -3.81 -8.81 -3.40
CA ALA A 72 -4.07 -10.11 -2.80
C ALA A 72 -3.68 -10.16 -1.29
N TYR A 73 -2.81 -9.25 -0.85
CA TYR A 73 -2.50 -9.02 0.56
C TYR A 73 -3.72 -8.44 1.28
N LEU A 74 -4.42 -7.49 0.64
CA LEU A 74 -5.56 -6.79 1.23
C LEU A 74 -6.72 -7.67 1.66
N GLU A 75 -6.87 -8.82 1.01
CA GLU A 75 -7.81 -9.88 1.36
C GLU A 75 -7.19 -10.95 2.28
N THR A 76 -5.87 -10.95 2.46
CA THR A 76 -5.06 -11.96 3.16
C THR A 76 -4.11 -11.30 4.17
N LYS A 77 -4.67 -11.02 5.37
CA LYS A 77 -4.02 -10.60 6.65
C LYS A 77 -3.61 -9.09 6.69
N SER A 1 8.15 1.54 -16.04
CA SER A 1 6.68 1.85 -16.11
C SER A 1 6.10 1.98 -14.70
N HIS A 2 5.35 3.05 -14.37
CA HIS A 2 5.34 3.52 -12.99
C HIS A 2 3.86 3.78 -12.63
N MET A 3 3.41 5.02 -12.87
CA MET A 3 2.03 5.51 -12.77
C MET A 3 1.09 4.92 -13.84
N THR A 4 1.40 3.70 -14.32
CA THR A 4 0.43 2.86 -14.99
C THR A 4 -0.10 1.80 -14.04
N ALA A 5 0.74 0.85 -13.65
CA ALA A 5 0.31 -0.25 -12.79
C ALA A 5 0.16 0.20 -11.33
N VAL A 6 1.12 0.99 -10.82
CA VAL A 6 1.13 1.53 -9.45
C VAL A 6 -0.03 2.49 -9.27
N GLN A 7 -0.49 3.12 -10.38
CA GLN A 7 -1.59 4.05 -10.34
C GLN A 7 -2.94 3.36 -10.17
N ASP A 8 -3.29 2.55 -11.18
CA ASP A 8 -4.53 1.75 -11.28
C ASP A 8 -4.78 0.96 -10.00
N PHE A 9 -3.77 0.20 -9.53
CA PHE A 9 -3.85 -0.50 -8.25
C PHE A 9 -4.25 0.48 -7.13
N VAL A 10 -3.49 1.58 -6.98
CA VAL A 10 -3.70 2.54 -5.89
C VAL A 10 -5.10 3.14 -5.89
N VAL A 11 -5.59 3.62 -7.03
CA VAL A 11 -6.98 4.17 -7.15
C VAL A 11 -8.11 3.16 -7.00
N ASP A 12 -7.85 1.86 -7.15
CA ASP A 12 -8.80 0.82 -6.78
C ASP A 12 -8.99 0.73 -5.25
N ILE A 13 -7.98 1.10 -4.45
CA ILE A 13 -8.02 1.30 -2.97
C ILE A 13 -8.46 2.73 -2.66
N LEU A 14 -8.11 3.73 -3.48
CA LEU A 14 -8.34 5.15 -3.18
C LEU A 14 -9.80 5.56 -3.46
N LEU A 15 -10.24 5.46 -4.71
CA LEU A 15 -11.57 5.95 -5.15
C LEU A 15 -12.60 4.85 -5.41
N ASN A 16 -12.16 3.62 -5.68
CA ASN A 16 -13.09 2.48 -5.66
C ASN A 16 -13.17 1.85 -4.24
N GLY A 17 -12.18 2.11 -3.37
CA GLY A 17 -12.02 1.49 -2.06
C GLY A 17 -11.56 0.04 -2.09
N ALA A 18 -10.85 -0.34 -1.04
CA ALA A 18 -10.38 -1.69 -0.81
C ALA A 18 -11.54 -2.69 -0.47
N ARG A 19 -11.09 -3.89 -0.07
CA ARG A 19 -11.62 -4.61 1.10
C ARG A 19 -11.78 -3.71 2.34
N ASP A 20 -12.10 -4.38 3.43
CA ASP A 20 -12.20 -4.00 4.82
C ASP A 20 -11.14 -3.03 5.40
N TRP A 21 -10.14 -2.62 4.61
CA TRP A 21 -9.25 -1.56 5.00
C TRP A 21 -9.97 -0.20 5.13
N ASP A 22 -9.30 0.65 5.89
CA ASP A 22 -9.72 1.97 6.38
C ASP A 22 -8.76 3.00 5.80
N VAL A 23 -9.30 3.99 5.11
CA VAL A 23 -8.66 4.51 3.90
C VAL A 23 -7.96 5.75 4.37
N LEU A 24 -6.65 5.59 4.43
CA LEU A 24 -5.76 6.51 5.07
C LEU A 24 -4.72 6.93 4.05
N GLN A 25 -4.76 8.23 3.77
CA GLN A 25 -3.65 8.95 3.18
C GLN A 25 -2.87 9.63 4.30
N THR A 26 -1.93 8.83 4.77
CA THR A 26 -0.74 9.26 5.51
C THR A 26 0.47 8.83 4.69
N THR A 27 1.68 9.10 5.18
CA THR A 27 2.94 8.67 4.55
C THR A 27 3.77 8.18 5.71
N CYS A 28 4.47 7.06 5.54
CA CYS A 28 5.01 6.34 6.69
C CYS A 28 6.46 5.98 6.54
N THR A 29 7.19 6.23 7.60
CA THR A 29 8.63 6.36 7.59
C THR A 29 9.28 5.15 8.20
N VAL A 30 9.99 4.42 7.37
CA VAL A 30 10.72 3.18 7.70
C VAL A 30 11.95 3.03 6.76
N ASP A 31 13.10 2.60 7.30
CA ASP A 31 14.37 2.27 6.62
C ASP A 31 15.14 3.45 6.07
N ARG A 32 14.81 4.65 6.56
CA ARG A 32 15.31 5.96 6.12
C ARG A 32 14.61 6.41 4.81
N LYS A 33 13.41 5.90 4.58
CA LYS A 33 12.49 6.20 3.47
C LYS A 33 11.11 6.46 4.06
N VAL A 34 10.26 7.17 3.34
CA VAL A 34 8.83 7.27 3.67
C VAL A 34 8.06 6.60 2.52
N TYR A 35 6.88 6.08 2.81
CA TYR A 35 6.01 5.36 1.88
C TYR A 35 4.60 5.88 1.94
N LYS A 36 3.99 6.19 0.81
CA LYS A 36 2.71 6.89 0.84
C LYS A 36 1.54 5.90 0.95
N THR A 37 0.78 5.97 2.04
CA THR A 37 -0.22 5.01 2.45
C THR A 37 -1.52 5.31 1.71
N ILE A 38 -2.31 4.26 1.50
CA ILE A 38 -3.64 4.36 0.89
C ILE A 38 -4.71 3.95 1.87
N CYS A 39 -4.42 2.87 2.59
CA CYS A 39 -5.37 2.19 3.43
C CYS A 39 -4.60 1.57 4.53
N LYS A 40 -5.36 1.32 5.57
CA LYS A 40 -4.88 0.74 6.75
C LYS A 40 -5.86 -0.31 7.25
N ARG A 41 -5.36 -1.45 7.72
CA ARG A 41 -6.16 -2.33 8.54
C ARG A 41 -5.43 -2.66 9.81
N GLY A 42 -6.01 -2.23 10.91
CA GLY A 42 -5.37 -2.38 12.18
C GLY A 42 -4.08 -1.59 12.26
N ASN A 43 -3.02 -2.27 12.66
CA ASN A 43 -1.67 -1.69 12.69
C ASN A 43 -0.91 -1.86 11.35
N THR A 44 -1.61 -2.28 10.26
CA THR A 44 -1.01 -2.36 8.91
C THR A 44 -1.55 -1.29 7.96
N TYR A 45 -0.70 -0.81 7.06
CA TYR A 45 -0.74 0.43 6.31
C TYR A 45 -0.09 0.02 5.03
N LEU A 46 -0.88 0.04 3.99
CA LEU A 46 -0.45 -0.35 2.70
C LEU A 46 -0.13 0.89 1.91
N CYS A 47 1.10 0.88 1.39
CA CYS A 47 1.78 2.04 0.88
C CYS A 47 2.40 1.72 -0.47
N PHE A 48 2.69 2.76 -1.24
CA PHE A 48 3.29 2.65 -2.55
C PHE A 48 4.42 3.64 -2.73
N ASP A 49 5.32 3.37 -3.68
CA ASP A 49 6.26 4.37 -4.20
C ASP A 49 6.13 4.48 -5.74
N ASP A 50 7.21 4.91 -6.40
CA ASP A 50 7.24 5.01 -7.86
C ASP A 50 7.31 3.64 -8.56
N THR A 51 7.47 2.57 -7.76
CA THR A 51 8.16 1.34 -8.18
C THR A 51 7.28 0.09 -8.00
N ASN A 52 6.43 0.12 -6.98
CA ASN A 52 5.72 -0.97 -6.35
C ASN A 52 5.14 -0.51 -5.00
N LEU A 53 4.57 -1.47 -4.29
CA LEU A 53 3.99 -1.31 -2.98
C LEU A 53 4.84 -1.94 -1.90
N TYR A 54 4.48 -1.63 -0.66
CA TYR A 54 5.06 -2.15 0.57
C TYR A 54 3.94 -2.19 1.63
N ALA A 55 3.88 -3.23 2.45
CA ALA A 55 3.17 -3.11 3.70
C ALA A 55 4.13 -2.53 4.73
N ILE A 56 3.68 -1.59 5.55
CA ILE A 56 4.34 -1.31 6.82
C ILE A 56 3.43 -1.86 7.89
N THR A 57 3.85 -2.96 8.50
CA THR A 57 3.10 -3.56 9.61
C THR A 57 3.80 -3.02 10.87
N GLY A 58 3.23 -2.02 11.57
CA GLY A 58 3.80 -1.21 12.73
C GLY A 58 4.98 -0.36 12.12
N ASP A 59 6.07 -1.02 11.76
CA ASP A 59 7.45 -0.46 11.48
C ASP A 59 8.21 -1.46 10.60
N VAL A 60 7.54 -2.52 10.11
CA VAL A 60 8.08 -3.58 9.29
C VAL A 60 7.75 -3.35 7.80
N VAL A 61 8.75 -2.91 7.02
CA VAL A 61 8.55 -2.72 5.59
C VAL A 61 8.64 -4.04 4.85
N LEU A 62 7.60 -4.32 4.06
CA LEU A 62 7.44 -5.53 3.30
C LEU A 62 7.10 -5.17 1.86
N LYS A 63 8.16 -5.03 1.08
CA LYS A 63 8.07 -4.77 -0.38
C LYS A 63 7.30 -5.88 -1.10
N PHE A 64 6.32 -5.49 -1.91
CA PHE A 64 5.71 -6.39 -2.89
C PHE A 64 6.56 -6.38 -4.16
N ALA A 65 6.67 -7.52 -4.83
CA ALA A 65 7.29 -7.63 -6.16
C ALA A 65 6.41 -7.18 -7.32
N THR A 66 5.25 -6.57 -7.06
CA THR A 66 4.31 -6.10 -8.05
C THR A 66 3.53 -5.10 -7.28
N VAL A 67 2.63 -4.52 -8.02
CA VAL A 67 1.57 -3.75 -7.45
C VAL A 67 0.38 -4.62 -7.03
N SER A 68 -0.05 -5.47 -7.95
CA SER A 68 -1.23 -6.34 -7.84
C SER A 68 -1.11 -7.29 -6.65
N LYS A 69 0.10 -7.51 -6.13
CA LYS A 69 0.32 -8.30 -4.95
C LYS A 69 -0.38 -7.75 -3.74
N ALA A 70 -0.17 -6.46 -3.48
CA ALA A 70 -0.82 -5.79 -2.35
C ALA A 70 -2.35 -6.07 -2.26
N ARG A 71 -3.04 -6.24 -3.39
CA ARG A 71 -4.49 -6.54 -3.52
C ARG A 71 -4.90 -7.89 -2.93
N ALA A 72 -4.05 -8.90 -3.06
CA ALA A 72 -4.28 -10.23 -2.48
C ALA A 72 -3.82 -10.29 -1.00
N TYR A 73 -2.87 -9.42 -0.63
CA TYR A 73 -2.38 -9.32 0.73
C TYR A 73 -3.43 -8.65 1.60
N LEU A 74 -4.12 -7.65 1.06
CA LEU A 74 -5.24 -6.96 1.68
C LEU A 74 -6.29 -7.88 2.31
N GLU A 75 -6.59 -8.96 1.62
CA GLU A 75 -7.53 -10.00 2.07
C GLU A 75 -6.82 -11.12 2.86
N THR A 76 -5.50 -10.97 3.08
CA THR A 76 -4.58 -11.98 3.63
C THR A 76 -3.51 -11.39 4.60
N LYS A 77 -3.93 -11.12 5.84
CA LYS A 77 -3.14 -11.03 7.07
C LYS A 77 -2.31 -9.74 7.25
N SER A 1 5.30 1.31 -16.54
CA SER A 1 6.55 1.83 -15.90
C SER A 1 6.30 2.20 -14.42
N HIS A 2 5.87 3.41 -14.05
CA HIS A 2 5.92 3.83 -12.63
C HIS A 2 4.49 3.95 -12.07
N MET A 3 3.95 5.19 -12.07
CA MET A 3 2.54 5.60 -11.98
C MET A 3 1.64 5.01 -13.10
N THR A 4 1.97 3.83 -13.62
CA THR A 4 1.16 3.08 -14.58
C THR A 4 0.31 2.02 -13.90
N ALA A 5 0.98 0.99 -13.36
CA ALA A 5 0.31 -0.11 -12.68
C ALA A 5 0.06 0.24 -11.22
N VAL A 6 0.97 0.97 -10.58
CA VAL A 6 0.84 1.41 -9.18
C VAL A 6 -0.30 2.40 -9.06
N GLN A 7 -0.50 3.26 -10.06
CA GLN A 7 -1.54 4.28 -10.01
C GLN A 7 -2.93 3.66 -10.06
N ASP A 8 -3.15 2.85 -11.09
CA ASP A 8 -4.32 1.97 -11.33
C ASP A 8 -4.69 1.17 -10.07
N PHE A 9 -3.72 0.40 -9.56
CA PHE A 9 -3.87 -0.37 -8.33
C PHE A 9 -4.31 0.53 -7.17
N VAL A 10 -3.62 1.66 -6.98
CA VAL A 10 -3.94 2.64 -5.93
C VAL A 10 -5.40 3.10 -6.03
N VAL A 11 -5.90 3.50 -7.20
CA VAL A 11 -7.34 3.89 -7.34
C VAL A 11 -8.36 2.79 -7.11
N ASP A 12 -7.99 1.51 -7.24
CA ASP A 12 -8.87 0.44 -6.75
C ASP A 12 -9.14 0.57 -5.23
N ILE A 13 -8.14 0.94 -4.42
CA ILE A 13 -8.25 1.31 -2.99
C ILE A 13 -8.82 2.72 -2.88
N LEU A 14 -8.39 3.69 -3.70
CA LEU A 14 -8.57 5.10 -3.38
C LEU A 14 -10.02 5.55 -3.57
N LEU A 15 -10.57 5.33 -4.78
CA LEU A 15 -11.92 5.77 -5.14
C LEU A 15 -12.94 4.62 -5.16
N ASN A 16 -12.54 3.44 -5.67
CA ASN A 16 -13.36 2.23 -5.63
C ASN A 16 -13.31 1.53 -4.25
N GLY A 17 -12.35 1.91 -3.41
CA GLY A 17 -12.25 1.56 -1.99
C GLY A 17 -11.38 0.36 -1.67
N ALA A 18 -10.85 0.36 -0.46
CA ALA A 18 -10.20 -0.83 0.07
C ALA A 18 -11.19 -2.00 0.25
N ARG A 19 -10.66 -3.11 0.76
CA ARG A 19 -11.45 -4.13 1.47
C ARG A 19 -12.00 -3.55 2.79
N ASP A 20 -12.19 -4.43 3.74
CA ASP A 20 -12.48 -4.15 5.16
C ASP A 20 -11.49 -3.17 5.88
N TRP A 21 -10.50 -2.61 5.15
CA TRP A 21 -9.60 -1.56 5.61
C TRP A 21 -10.26 -0.17 5.60
N ASP A 22 -9.59 0.77 6.25
CA ASP A 22 -9.83 2.20 6.03
C ASP A 22 -9.12 2.58 4.72
N VAL A 23 -9.52 3.70 4.13
CA VAL A 23 -8.83 4.33 3.01
C VAL A 23 -8.25 5.54 3.67
N LEU A 24 -6.96 5.43 3.87
CA LEU A 24 -6.22 6.48 4.54
C LEU A 24 -5.34 7.21 3.56
N GLN A 25 -5.25 8.52 3.74
CA GLN A 25 -4.23 9.29 3.06
C GLN A 25 -3.28 9.86 4.09
N THR A 26 -2.31 9.03 4.47
CA THR A 26 -1.20 9.40 5.34
C THR A 26 0.12 8.84 4.76
N THR A 27 1.26 9.09 5.39
CA THR A 27 2.60 8.73 4.94
C THR A 27 3.32 8.14 6.14
N CYS A 28 4.11 7.11 5.89
CA CYS A 28 4.84 6.35 6.89
C CYS A 28 6.33 6.43 6.67
N THR A 29 7.10 6.18 7.73
CA THR A 29 8.56 6.30 7.67
C THR A 29 9.27 5.04 8.17
N VAL A 30 10.00 4.39 7.26
CA VAL A 30 10.79 3.15 7.49
C VAL A 30 11.97 3.05 6.50
N ASP A 31 13.12 2.39 6.87
CA ASP A 31 14.40 2.05 6.18
C ASP A 31 15.21 3.37 5.89
N ARG A 32 14.82 4.50 6.54
CA ARG A 32 15.28 5.88 6.31
C ARG A 32 14.66 6.38 4.99
N LYS A 33 13.45 5.88 4.70
CA LYS A 33 12.59 6.19 3.59
C LYS A 33 11.21 6.51 4.12
N VAL A 34 10.43 7.13 3.27
CA VAL A 34 9.01 7.42 3.51
C VAL A 34 8.20 6.85 2.38
N TYR A 35 7.05 6.26 2.74
CA TYR A 35 6.13 5.57 1.84
C TYR A 35 4.74 6.14 2.00
N LYS A 36 3.99 6.28 0.91
CA LYS A 36 2.68 6.90 1.01
C LYS A 36 1.60 5.85 1.13
N THR A 37 0.79 5.96 2.18
CA THR A 37 -0.23 4.99 2.55
C THR A 37 -1.42 5.19 1.62
N ILE A 38 -2.20 4.12 1.46
CA ILE A 38 -3.53 4.20 0.81
C ILE A 38 -4.67 3.79 1.73
N CYS A 39 -4.35 2.83 2.59
CA CYS A 39 -5.34 2.11 3.34
C CYS A 39 -4.68 1.47 4.52
N LYS A 40 -5.43 1.47 5.61
CA LYS A 40 -4.99 0.92 6.84
C LYS A 40 -5.97 0.01 7.50
N ARG A 41 -5.43 -1.07 8.05
CA ARG A 41 -6.17 -2.01 8.87
C ARG A 41 -5.27 -2.47 9.99
N GLY A 42 -5.73 -2.25 11.19
CA GLY A 42 -4.94 -2.59 12.35
C GLY A 42 -3.75 -1.67 12.49
N ASN A 43 -2.60 -2.30 12.70
CA ASN A 43 -1.26 -1.68 12.62
C ASN A 43 -0.67 -1.63 11.21
N THR A 44 -1.40 -2.13 10.19
CA THR A 44 -0.91 -2.21 8.81
C THR A 44 -1.48 -1.09 7.95
N TYR A 45 -0.66 -0.65 7.01
CA TYR A 45 -0.72 0.53 6.17
C TYR A 45 -0.05 0.03 4.92
N LEU A 46 -0.88 -0.16 3.93
CA LEU A 46 -0.44 -0.53 2.62
C LEU A 46 0.04 0.78 2.00
N CYS A 47 1.29 0.83 1.56
CA CYS A 47 1.93 2.01 1.01
C CYS A 47 2.51 1.74 -0.38
N PHE A 48 2.83 2.79 -1.11
CA PHE A 48 3.41 2.67 -2.44
C PHE A 48 4.56 3.63 -2.69
N ASP A 49 5.44 3.25 -3.61
CA ASP A 49 6.40 4.18 -4.20
C ASP A 49 6.20 4.18 -5.72
N ASP A 50 7.27 4.52 -6.44
CA ASP A 50 7.31 4.65 -7.87
C ASP A 50 7.32 3.31 -8.65
N THR A 51 7.56 2.20 -7.95
CA THR A 51 7.90 0.89 -8.56
C THR A 51 6.89 -0.21 -8.26
N ASN A 52 6.14 -0.08 -7.15
CA ASN A 52 5.54 -1.12 -6.34
C ASN A 52 5.01 -0.55 -5.01
N LEU A 53 4.65 -1.47 -4.12
CA LEU A 53 4.07 -1.26 -2.83
C LEU A 53 4.87 -1.92 -1.72
N TYR A 54 4.47 -1.64 -0.50
CA TYR A 54 5.10 -2.13 0.71
C TYR A 54 4.01 -2.17 1.76
N ALA A 55 3.88 -3.25 2.53
CA ALA A 55 3.07 -3.17 3.75
C ALA A 55 4.03 -2.78 4.85
N ILE A 56 3.79 -1.63 5.49
CA ILE A 56 4.45 -1.35 6.75
C ILE A 56 3.55 -1.89 7.87
N THR A 57 4.00 -2.98 8.49
CA THR A 57 3.30 -3.66 9.59
C THR A 57 3.98 -3.18 10.87
N GLY A 58 3.45 -2.09 11.44
CA GLY A 58 4.06 -1.35 12.56
C GLY A 58 5.34 -0.61 12.15
N ASP A 59 6.40 -1.36 11.88
CA ASP A 59 7.77 -0.90 11.58
C ASP A 59 8.46 -1.81 10.54
N VAL A 60 7.75 -2.84 10.08
CA VAL A 60 8.22 -3.93 9.21
C VAL A 60 7.85 -3.55 7.79
N VAL A 61 8.84 -3.12 7.01
CA VAL A 61 8.63 -2.82 5.59
C VAL A 61 8.69 -4.09 4.76
N LEU A 62 7.53 -4.46 4.22
CA LEU A 62 7.37 -5.62 3.35
C LEU A 62 7.12 -5.17 1.91
N LYS A 63 8.21 -4.99 1.19
CA LYS A 63 8.25 -4.71 -0.26
C LYS A 63 7.53 -5.77 -1.10
N PHE A 64 6.50 -5.37 -1.86
CA PHE A 64 5.84 -6.23 -2.83
C PHE A 64 6.64 -6.19 -4.14
N ALA A 65 6.96 -7.35 -4.71
CA ALA A 65 7.60 -7.44 -6.04
C ALA A 65 6.71 -6.96 -7.20
N THR A 66 5.49 -6.49 -6.95
CA THR A 66 4.53 -6.14 -7.97
C THR A 66 3.65 -5.18 -7.27
N VAL A 67 2.85 -4.57 -8.11
CA VAL A 67 1.67 -3.96 -7.62
C VAL A 67 0.59 -4.98 -7.25
N SER A 68 0.29 -5.92 -8.16
CA SER A 68 -0.78 -6.93 -8.05
C SER A 68 -0.75 -7.73 -6.73
N LYS A 69 0.43 -7.89 -6.13
CA LYS A 69 0.61 -8.47 -4.81
C LYS A 69 -0.19 -7.76 -3.71
N ALA A 70 -0.03 -6.45 -3.62
CA ALA A 70 -0.68 -5.62 -2.60
C ALA A 70 -2.22 -5.79 -2.49
N ARG A 71 -2.87 -6.25 -3.58
CA ARG A 71 -4.31 -6.52 -3.59
C ARG A 71 -4.67 -7.79 -2.84
N ALA A 72 -3.90 -8.84 -3.09
CA ALA A 72 -4.02 -10.10 -2.38
C ALA A 72 -3.59 -9.96 -0.91
N TYR A 73 -2.75 -8.97 -0.58
CA TYR A 73 -2.40 -8.66 0.82
C TYR A 73 -3.65 -8.19 1.59
N LEU A 74 -4.43 -7.31 0.94
CA LEU A 74 -5.54 -6.62 1.47
C LEU A 74 -6.57 -7.53 1.98
N GLU A 75 -6.75 -8.68 1.37
CA GLU A 75 -7.69 -9.71 1.87
C GLU A 75 -7.01 -10.85 2.64
N THR A 76 -5.68 -11.05 2.49
CA THR A 76 -4.94 -12.27 2.81
C THR A 76 -3.55 -11.94 3.38
N LYS A 77 -3.40 -12.43 4.59
CA LYS A 77 -2.52 -12.10 5.72
C LYS A 77 -1.12 -12.77 5.73
N SER A 1 7.39 0.68 -17.14
CA SER A 1 6.07 0.88 -16.49
C SER A 1 6.26 1.43 -15.09
N HIS A 2 5.27 2.15 -14.52
CA HIS A 2 5.34 2.74 -13.15
C HIS A 2 3.99 3.38 -12.81
N MET A 3 3.79 4.64 -13.20
CA MET A 3 2.54 5.44 -13.17
C MET A 3 1.31 4.84 -13.88
N THR A 4 1.31 3.57 -14.27
CA THR A 4 0.12 2.88 -14.80
C THR A 4 -0.31 1.76 -13.91
N ALA A 5 0.62 0.85 -13.61
CA ALA A 5 0.38 -0.32 -12.81
C ALA A 5 0.18 0.08 -11.34
N VAL A 6 1.02 0.98 -10.81
CA VAL A 6 0.80 1.66 -9.52
C VAL A 6 -0.55 2.37 -9.52
N GLN A 7 -0.97 2.94 -10.65
CA GLN A 7 -2.12 3.83 -10.67
C GLN A 7 -3.43 3.07 -10.57
N ASP A 8 -3.58 2.14 -11.50
CA ASP A 8 -4.63 1.11 -11.55
C ASP A 8 -4.79 0.47 -10.17
N PHE A 9 -3.68 -0.06 -9.63
CA PHE A 9 -3.71 -0.64 -8.30
C PHE A 9 -4.14 0.38 -7.23
N VAL A 10 -3.49 1.55 -7.18
CA VAL A 10 -3.78 2.57 -6.14
C VAL A 10 -5.26 3.01 -6.17
N VAL A 11 -5.83 3.26 -7.36
CA VAL A 11 -7.26 3.61 -7.55
C VAL A 11 -8.23 2.51 -7.05
N ASP A 12 -7.80 1.25 -6.91
CA ASP A 12 -8.59 0.13 -6.35
C ASP A 12 -8.94 0.34 -4.86
N ILE A 13 -8.08 1.05 -4.13
CA ILE A 13 -8.28 1.61 -2.77
C ILE A 13 -8.93 3.01 -2.89
N LEU A 14 -8.41 3.89 -3.76
CA LEU A 14 -8.51 5.32 -3.53
C LEU A 14 -9.91 5.90 -3.79
N LEU A 15 -10.46 5.53 -4.95
CA LEU A 15 -11.81 5.92 -5.38
C LEU A 15 -12.81 4.78 -5.16
N ASN A 16 -12.41 3.53 -5.47
CA ASN A 16 -13.27 2.35 -5.28
C ASN A 16 -13.42 1.95 -3.81
N GLY A 17 -12.42 2.25 -2.97
CA GLY A 17 -12.29 1.82 -1.57
C GLY A 17 -11.52 0.51 -1.43
N ALA A 18 -10.69 0.42 -0.40
CA ALA A 18 -10.04 -0.86 -0.08
C ALA A 18 -11.11 -1.93 0.25
N ARG A 19 -10.66 -3.13 0.59
CA ARG A 19 -11.40 -4.05 1.42
C ARG A 19 -11.80 -3.47 2.80
N ASP A 20 -12.06 -4.39 3.69
CA ASP A 20 -12.30 -4.21 5.14
C ASP A 20 -11.26 -3.32 5.94
N TRP A 21 -10.33 -2.66 5.25
CA TRP A 21 -9.48 -1.58 5.67
C TRP A 21 -10.23 -0.18 5.75
N ASP A 22 -9.52 0.78 6.36
CA ASP A 22 -9.72 2.22 6.22
C ASP A 22 -9.08 2.62 4.89
N VAL A 23 -9.40 3.79 4.37
CA VAL A 23 -8.73 4.43 3.25
C VAL A 23 -8.11 5.61 3.95
N LEU A 24 -6.83 5.48 4.12
CA LEU A 24 -6.08 6.54 4.71
C LEU A 24 -5.24 7.26 3.62
N GLN A 25 -5.14 8.54 3.78
CA GLN A 25 -4.23 9.38 3.03
C GLN A 25 -3.26 9.95 4.03
N THR A 26 -2.20 9.16 4.29
CA THR A 26 -1.03 9.57 5.04
C THR A 26 0.28 8.96 4.47
N THR A 27 1.44 9.28 5.02
CA THR A 27 2.75 8.75 4.65
C THR A 27 3.44 8.27 5.92
N CYS A 28 4.16 7.16 5.82
CA CYS A 28 4.86 6.45 6.87
C CYS A 28 6.36 6.49 6.70
N THR A 29 7.09 6.23 7.77
CA THR A 29 8.55 6.29 7.80
C THR A 29 9.19 4.99 8.26
N VAL A 30 10.02 4.41 7.37
CA VAL A 30 10.81 3.17 7.62
C VAL A 30 12.08 3.12 6.71
N ASP A 31 13.19 2.56 7.20
CA ASP A 31 14.49 2.33 6.50
C ASP A 31 15.27 3.59 6.15
N ARG A 32 14.91 4.74 6.76
CA ARG A 32 15.31 6.09 6.35
C ARG A 32 14.66 6.51 5.00
N LYS A 33 13.50 5.93 4.73
CA LYS A 33 12.64 6.16 3.60
C LYS A 33 11.27 6.50 4.14
N VAL A 34 10.47 7.09 3.28
CA VAL A 34 9.08 7.39 3.58
C VAL A 34 8.25 6.86 2.42
N TYR A 35 7.14 6.23 2.78
CA TYR A 35 6.21 5.52 1.90
C TYR A 35 4.84 6.15 2.05
N LYS A 36 4.09 6.21 0.97
CA LYS A 36 2.79 6.87 1.01
C LYS A 36 1.69 5.82 1.16
N THR A 37 0.92 5.90 2.24
CA THR A 37 -0.14 4.98 2.63
C THR A 37 -1.35 5.22 1.74
N ILE A 38 -2.17 4.19 1.59
CA ILE A 38 -3.48 4.30 0.92
C ILE A 38 -4.63 3.87 1.81
N CYS A 39 -4.33 2.90 2.66
CA CYS A 39 -5.34 2.19 3.41
C CYS A 39 -4.70 1.51 4.58
N LYS A 40 -5.49 1.38 5.64
CA LYS A 40 -5.02 0.90 6.91
C LYS A 40 -5.91 -0.18 7.47
N ARG A 41 -5.35 -1.27 7.98
CA ARG A 41 -6.10 -2.20 8.79
C ARG A 41 -5.30 -2.61 9.99
N GLY A 42 -5.81 -2.22 11.13
CA GLY A 42 -5.08 -2.42 12.35
C GLY A 42 -3.80 -1.60 12.39
N ASN A 43 -2.71 -2.28 12.71
CA ASN A 43 -1.37 -1.70 12.68
C ASN A 43 -0.72 -1.68 11.26
N THR A 44 -1.44 -2.20 10.24
CA THR A 44 -0.91 -2.23 8.84
C THR A 44 -1.50 -1.10 8.01
N TYR A 45 -0.68 -0.60 7.08
CA TYR A 45 -0.80 0.55 6.23
C TYR A 45 -0.14 0.03 4.98
N LEU A 46 -0.98 -0.17 4.00
CA LEU A 46 -0.53 -0.51 2.69
C LEU A 46 -0.04 0.80 2.07
N CYS A 47 1.22 0.82 1.65
CA CYS A 47 1.90 2.00 1.12
C CYS A 47 2.47 1.69 -0.25
N PHE A 48 2.84 2.75 -0.98
CA PHE A 48 3.46 2.64 -2.29
C PHE A 48 4.66 3.57 -2.42
N ASP A 49 5.56 3.20 -3.33
CA ASP A 49 6.52 4.13 -3.95
C ASP A 49 6.18 4.19 -5.45
N ASP A 50 7.08 4.79 -6.21
CA ASP A 50 6.99 4.89 -7.66
C ASP A 50 7.19 3.57 -8.42
N THR A 51 7.54 2.52 -7.68
CA THR A 51 8.17 1.30 -8.19
C THR A 51 7.32 0.07 -7.96
N ASN A 52 6.57 0.06 -6.85
CA ASN A 52 5.95 -1.06 -6.18
C ASN A 52 5.40 -0.63 -4.82
N LEU A 53 4.70 -1.55 -4.16
CA LEU A 53 4.07 -1.33 -2.87
C LEU A 53 4.83 -1.95 -1.73
N TYR A 54 4.39 -1.64 -0.50
CA TYR A 54 4.97 -2.14 0.72
C TYR A 54 3.86 -2.15 1.76
N ALA A 55 3.69 -3.22 2.53
CA ALA A 55 2.85 -3.15 3.72
C ALA A 55 3.76 -2.86 4.89
N ILE A 56 3.73 -1.64 5.44
CA ILE A 56 4.43 -1.40 6.70
C ILE A 56 3.48 -1.88 7.81
N THR A 57 3.87 -2.99 8.45
CA THR A 57 3.15 -3.58 9.59
C THR A 57 3.92 -3.14 10.82
N GLY A 58 3.45 -2.08 11.46
CA GLY A 58 4.13 -1.37 12.55
C GLY A 58 5.41 -0.63 12.09
N ASP A 59 6.40 -1.41 11.67
CA ASP A 59 7.75 -1.05 11.24
C ASP A 59 8.33 -2.05 10.20
N VAL A 60 7.63 -3.17 9.98
CA VAL A 60 7.99 -4.25 9.08
C VAL A 60 7.65 -3.81 7.67
N VAL A 61 8.63 -3.32 6.95
CA VAL A 61 8.51 -2.95 5.55
C VAL A 61 8.45 -4.17 4.66
N LEU A 62 7.22 -4.58 4.33
CA LEU A 62 6.99 -5.71 3.45
C LEU A 62 6.79 -5.21 2.02
N LYS A 63 7.95 -5.04 1.38
CA LYS A 63 8.14 -4.76 -0.05
C LYS A 63 7.48 -5.82 -0.94
N PHE A 64 6.60 -5.40 -1.84
CA PHE A 64 5.97 -6.25 -2.83
C PHE A 64 6.76 -6.24 -4.16
N ALA A 65 7.03 -7.41 -4.74
CA ALA A 65 7.62 -7.53 -6.08
C ALA A 65 6.70 -7.06 -7.22
N THR A 66 5.55 -6.43 -6.95
CA THR A 66 4.56 -6.06 -7.93
C THR A 66 3.70 -5.06 -7.22
N VAL A 67 2.79 -4.57 -8.01
CA VAL A 67 1.69 -3.83 -7.49
C VAL A 67 0.54 -4.74 -7.06
N SER A 68 0.16 -5.69 -7.91
CA SER A 68 -0.96 -6.62 -7.68
C SER A 68 -0.75 -7.52 -6.47
N LYS A 69 0.49 -7.64 -5.96
CA LYS A 69 0.74 -8.36 -4.71
C LYS A 69 -0.03 -7.72 -3.56
N ALA A 70 0.07 -6.39 -3.44
CA ALA A 70 -0.68 -5.60 -2.47
C ALA A 70 -2.21 -5.77 -2.52
N ARG A 71 -2.77 -6.15 -3.69
CA ARG A 71 -4.21 -6.39 -3.87
C ARG A 71 -4.66 -7.69 -3.21
N ALA A 72 -3.80 -8.70 -3.32
CA ALA A 72 -3.92 -9.98 -2.64
C ALA A 72 -3.53 -9.89 -1.15
N TYR A 73 -2.66 -8.94 -0.75
CA TYR A 73 -2.33 -8.68 0.66
C TYR A 73 -3.57 -8.21 1.46
N LEU A 74 -4.32 -7.29 0.79
CA LEU A 74 -5.52 -6.74 1.24
C LEU A 74 -6.53 -7.76 1.63
N GLU A 75 -6.63 -8.84 0.89
CA GLU A 75 -7.67 -9.84 1.19
C GLU A 75 -7.05 -11.01 1.99
N THR A 76 -5.72 -11.17 2.03
CA THR A 76 -5.01 -12.33 2.60
C THR A 76 -3.80 -11.90 3.40
N LYS A 77 -3.95 -12.21 4.68
CA LYS A 77 -3.12 -12.04 5.88
C LYS A 77 -1.75 -12.77 5.88
N SER A 1 5.13 2.05 -16.68
CA SER A 1 6.34 2.80 -16.35
C SER A 1 6.43 2.99 -14.84
N HIS A 2 5.90 4.06 -14.23
CA HIS A 2 6.01 4.34 -12.78
C HIS A 2 4.61 4.43 -12.11
N MET A 3 4.04 5.64 -12.10
CA MET A 3 2.61 6.01 -11.95
C MET A 3 1.70 5.38 -13.05
N THR A 4 2.06 4.19 -13.57
CA THR A 4 1.19 3.43 -14.47
C THR A 4 0.40 2.39 -13.70
N ALA A 5 1.01 1.31 -13.22
CA ALA A 5 0.29 0.25 -12.52
C ALA A 5 0.12 0.56 -11.02
N VAL A 6 1.13 1.19 -10.42
CA VAL A 6 1.16 1.60 -9.01
C VAL A 6 0.08 2.64 -8.76
N GLN A 7 -0.17 3.51 -9.74
CA GLN A 7 -1.20 4.54 -9.69
C GLN A 7 -2.59 3.92 -9.70
N ASP A 8 -2.83 3.12 -10.73
CA ASP A 8 -4.02 2.32 -11.03
C ASP A 8 -4.47 1.50 -9.83
N PHE A 9 -3.60 0.66 -9.29
CA PHE A 9 -3.83 -0.04 -8.04
C PHE A 9 -4.16 0.95 -6.92
N VAL A 10 -3.36 2.01 -6.78
CA VAL A 10 -3.62 3.01 -5.73
C VAL A 10 -5.05 3.58 -5.80
N VAL A 11 -5.54 4.01 -6.96
CA VAL A 11 -6.93 4.47 -7.18
C VAL A 11 -8.04 3.43 -6.98
N ASP A 12 -7.70 2.15 -7.04
CA ASP A 12 -8.62 1.05 -6.67
C ASP A 12 -8.94 1.10 -5.16
N ILE A 13 -7.92 1.19 -4.29
CA ILE A 13 -8.00 1.33 -2.81
C ILE A 13 -8.49 2.76 -2.46
N LEU A 14 -8.27 3.75 -3.33
CA LEU A 14 -8.58 5.16 -3.07
C LEU A 14 -10.04 5.55 -3.34
N LEU A 15 -10.62 5.14 -4.50
CA LEU A 15 -11.96 5.53 -4.91
C LEU A 15 -12.97 4.39 -4.82
N ASN A 16 -12.60 3.20 -5.30
CA ASN A 16 -13.44 1.99 -5.18
C ASN A 16 -13.37 1.43 -3.74
N GLY A 17 -12.31 1.82 -2.99
CA GLY A 17 -11.98 1.28 -1.68
C GLY A 17 -11.30 -0.09 -1.77
N ALA A 18 -10.81 -0.49 -0.60
CA ALA A 18 -10.37 -1.82 -0.32
C ALA A 18 -11.53 -2.76 0.11
N ARG A 19 -11.09 -3.95 0.50
CA ARG A 19 -11.56 -4.73 1.66
C ARG A 19 -11.71 -3.88 2.91
N ASP A 20 -11.81 -4.58 4.02
CA ASP A 20 -11.87 -4.10 5.38
C ASP A 20 -10.82 -3.03 5.78
N TRP A 21 -9.87 -2.67 4.90
CA TRP A 21 -8.97 -1.55 5.12
C TRP A 21 -9.69 -0.18 5.16
N ASP A 22 -9.20 0.66 6.06
CA ASP A 22 -9.62 2.02 6.32
C ASP A 22 -8.74 2.97 5.51
N VAL A 23 -9.34 4.00 4.92
CA VAL A 23 -8.81 4.54 3.66
C VAL A 23 -8.18 5.86 4.01
N LEU A 24 -6.88 5.74 4.08
CA LEU A 24 -5.98 6.75 4.60
C LEU A 24 -4.99 7.04 3.51
N GLN A 25 -5.28 8.16 2.87
CA GLN A 25 -4.27 8.89 2.17
C GLN A 25 -3.46 9.60 3.22
N THR A 26 -2.35 8.96 3.56
CA THR A 26 -1.32 9.63 4.29
C THR A 26 0.07 9.16 3.83
N THR A 27 1.14 9.52 4.55
CA THR A 27 2.51 9.07 4.29
C THR A 27 3.03 8.52 5.62
N CYS A 28 3.77 7.42 5.53
CA CYS A 28 4.44 6.69 6.58
C CYS A 28 5.96 6.82 6.48
N THR A 29 6.70 6.55 7.56
CA THR A 29 8.16 6.44 7.57
C THR A 29 8.66 5.14 8.14
N VAL A 30 9.46 4.41 7.37
CA VAL A 30 10.14 3.17 7.86
C VAL A 30 11.46 2.99 7.12
N ASP A 31 12.49 2.41 7.79
CA ASP A 31 13.79 1.98 7.22
C ASP A 31 14.52 3.15 6.45
N ARG A 32 14.39 4.36 7.00
CA ARG A 32 15.06 5.56 6.63
C ARG A 32 14.54 6.00 5.26
N LYS A 33 13.28 5.60 4.91
CA LYS A 33 12.53 5.98 3.76
C LYS A 33 11.09 6.29 4.22
N VAL A 34 10.45 7.23 3.53
CA VAL A 34 8.99 7.47 3.64
C VAL A 34 8.24 6.78 2.49
N TYR A 35 7.01 6.32 2.73
CA TYR A 35 6.12 5.67 1.78
C TYR A 35 4.69 6.18 1.91
N LYS A 36 4.05 6.39 0.76
CA LYS A 36 2.73 7.00 0.74
C LYS A 36 1.65 5.91 0.88
N THR A 37 0.79 5.98 1.90
CA THR A 37 -0.23 4.98 2.26
C THR A 37 -1.49 5.26 1.50
N ILE A 38 -2.22 4.20 1.23
CA ILE A 38 -3.59 4.28 0.69
C ILE A 38 -4.63 3.94 1.73
N CYS A 39 -4.33 2.88 2.48
CA CYS A 39 -5.22 2.26 3.40
C CYS A 39 -4.41 1.71 4.53
N LYS A 40 -5.00 1.80 5.71
CA LYS A 40 -4.60 0.95 6.80
C LYS A 40 -5.50 -0.23 7.03
N ARG A 41 -4.99 -1.26 7.70
CA ARG A 41 -5.82 -2.02 8.62
C ARG A 41 -5.10 -2.22 9.96
N GLY A 42 -5.66 -1.65 11.00
CA GLY A 42 -5.06 -1.74 12.33
C GLY A 42 -3.71 -1.08 12.38
N ASN A 43 -2.68 -1.84 12.77
CA ASN A 43 -1.29 -1.36 12.85
C ASN A 43 -0.55 -1.34 11.49
N THR A 44 -1.30 -1.59 10.42
CA THR A 44 -0.74 -1.75 9.06
C THR A 44 -1.31 -0.79 8.04
N TYR A 45 -0.51 -0.38 7.06
CA TYR A 45 -0.66 0.75 6.18
C TYR A 45 0.05 0.29 4.95
N LEU A 46 -0.73 0.07 3.93
CA LEU A 46 -0.25 -0.37 2.68
C LEU A 46 0.11 0.85 1.86
N CYS A 47 1.37 0.96 1.49
CA CYS A 47 1.94 2.13 0.87
C CYS A 47 2.58 1.83 -0.49
N PHE A 48 3.08 2.86 -1.19
CA PHE A 48 3.64 2.76 -2.54
C PHE A 48 4.89 3.60 -2.80
N ASP A 49 5.59 3.23 -3.88
CA ASP A 49 6.66 4.05 -4.47
C ASP A 49 6.48 4.07 -6.01
N ASP A 50 7.60 4.16 -6.75
CA ASP A 50 7.53 4.25 -8.22
C ASP A 50 7.15 2.96 -8.93
N THR A 51 7.52 1.83 -8.33
CA THR A 51 7.60 0.55 -9.05
C THR A 51 6.56 -0.44 -8.57
N ASN A 52 5.97 -0.20 -7.39
CA ASN A 52 5.37 -1.18 -6.55
C ASN A 52 5.08 -0.57 -5.16
N LEU A 53 4.77 -1.47 -4.24
CA LEU A 53 4.05 -1.26 -3.01
C LEU A 53 4.80 -1.93 -1.88
N TYR A 54 4.48 -1.54 -0.66
CA TYR A 54 5.08 -2.07 0.53
C TYR A 54 4.03 -2.09 1.62
N ALA A 55 3.97 -3.19 2.38
CA ALA A 55 3.20 -3.15 3.62
C ALA A 55 4.13 -2.60 4.68
N ILE A 56 3.66 -1.63 5.45
CA ILE A 56 4.28 -1.32 6.74
C ILE A 56 3.35 -1.85 7.81
N THR A 57 3.69 -3.01 8.40
CA THR A 57 2.90 -3.67 9.44
C THR A 57 3.65 -3.56 10.75
N GLY A 58 3.10 -2.83 11.71
CA GLY A 58 3.76 -2.38 12.94
C GLY A 58 4.83 -1.32 12.65
N ASP A 59 5.88 -1.78 11.98
CA ASP A 59 7.15 -1.10 11.69
C ASP A 59 8.01 -1.93 10.70
N VAL A 60 7.38 -2.87 9.99
CA VAL A 60 7.97 -3.87 9.09
C VAL A 60 7.62 -3.47 7.68
N VAL A 61 8.60 -2.93 6.96
CA VAL A 61 8.50 -2.73 5.51
C VAL A 61 8.70 -4.04 4.76
N LEU A 62 7.64 -4.40 4.05
CA LEU A 62 7.53 -5.60 3.23
C LEU A 62 7.19 -5.14 1.80
N LYS A 63 8.24 -4.99 0.99
CA LYS A 63 8.17 -4.78 -0.47
C LYS A 63 7.38 -5.88 -1.21
N PHE A 64 6.47 -5.45 -2.09
CA PHE A 64 5.74 -6.31 -3.01
C PHE A 64 6.42 -6.30 -4.38
N ALA A 65 6.72 -7.48 -4.96
CA ALA A 65 7.24 -7.63 -6.34
C ALA A 65 6.35 -7.19 -7.52
N THR A 66 5.20 -6.63 -7.14
CA THR A 66 4.20 -6.19 -8.11
C THR A 66 3.32 -5.26 -7.35
N VAL A 67 2.44 -4.68 -8.11
CA VAL A 67 1.35 -3.91 -7.57
C VAL A 67 0.19 -4.86 -7.17
N SER A 68 -0.15 -5.80 -8.08
CA SER A 68 -1.30 -6.67 -7.93
C SER A 68 -1.13 -7.60 -6.74
N LYS A 69 0.10 -7.71 -6.23
CA LYS A 69 0.35 -8.43 -4.95
C LYS A 69 -0.39 -7.87 -3.74
N ALA A 70 -0.20 -6.57 -3.53
CA ALA A 70 -0.87 -5.88 -2.45
C ALA A 70 -2.39 -6.18 -2.39
N ARG A 71 -3.05 -6.37 -3.53
CA ARG A 71 -4.47 -6.75 -3.69
C ARG A 71 -4.84 -8.13 -3.12
N ALA A 72 -3.93 -9.10 -3.22
CA ALA A 72 -4.06 -10.45 -2.68
C ALA A 72 -3.53 -10.51 -1.24
N TYR A 73 -2.71 -9.53 -0.82
CA TYR A 73 -2.25 -9.40 0.59
C TYR A 73 -3.30 -8.76 1.50
N LEU A 74 -4.07 -7.80 0.94
CA LEU A 74 -5.15 -7.11 1.59
C LEU A 74 -6.18 -8.04 2.26
N GLU A 75 -6.53 -9.09 1.53
CA GLU A 75 -7.41 -10.17 2.02
C GLU A 75 -6.65 -11.26 2.80
N THR A 76 -5.32 -11.12 2.95
CA THR A 76 -4.38 -12.15 3.40
C THR A 76 -3.30 -11.61 4.38
N LYS A 77 -3.80 -11.09 5.51
CA LYS A 77 -3.16 -10.88 6.83
C LYS A 77 -2.00 -9.88 6.87
N SER A 1 7.37 3.49 -16.69
CA SER A 1 6.34 2.61 -16.09
C SER A 1 6.52 2.65 -14.58
N HIS A 2 5.62 3.29 -13.84
CA HIS A 2 5.96 3.70 -12.46
C HIS A 2 4.69 4.05 -11.69
N MET A 3 4.35 5.36 -11.60
CA MET A 3 3.02 6.01 -11.50
C MET A 3 2.05 5.61 -12.63
N THR A 4 2.19 4.37 -13.15
CA THR A 4 1.42 3.74 -14.19
C THR A 4 0.68 2.54 -13.61
N ALA A 5 1.40 1.49 -13.20
CA ALA A 5 0.79 0.28 -12.65
C ALA A 5 0.48 0.45 -11.17
N VAL A 6 1.35 1.13 -10.43
CA VAL A 6 1.18 1.44 -9.00
C VAL A 6 0.00 2.38 -8.80
N GLN A 7 -0.17 3.29 -9.76
CA GLN A 7 -1.21 4.32 -9.77
C GLN A 7 -2.60 3.68 -9.89
N ASP A 8 -2.70 2.86 -10.94
CA ASP A 8 -3.78 2.00 -11.34
C ASP A 8 -4.19 1.02 -10.24
N PHE A 9 -3.22 0.43 -9.54
CA PHE A 9 -3.51 -0.35 -8.34
C PHE A 9 -4.05 0.55 -7.21
N VAL A 10 -3.35 1.66 -6.96
CA VAL A 10 -3.69 2.58 -5.85
C VAL A 10 -5.15 3.03 -5.87
N VAL A 11 -5.67 3.52 -7.00
CA VAL A 11 -7.05 4.07 -7.18
C VAL A 11 -8.19 3.13 -6.68
N ASP A 12 -7.89 1.83 -6.59
CA ASP A 12 -8.78 0.70 -6.28
C ASP A 12 -9.25 0.79 -4.83
N ILE A 13 -8.30 0.85 -3.88
CA ILE A 13 -8.48 1.30 -2.48
C ILE A 13 -9.13 2.68 -2.53
N LEU A 14 -8.53 3.53 -3.36
CA LEU A 14 -8.61 4.98 -3.20
C LEU A 14 -10.04 5.54 -3.32
N LEU A 15 -10.64 5.32 -4.49
CA LEU A 15 -11.99 5.77 -4.85
C LEU A 15 -12.98 4.61 -4.82
N ASN A 16 -12.58 3.45 -5.36
CA ASN A 16 -13.41 2.25 -5.45
C ASN A 16 -13.49 1.52 -4.09
N GLY A 17 -12.61 1.85 -3.12
CA GLY A 17 -12.52 1.24 -1.78
C GLY A 17 -11.58 0.03 -1.68
N ALA A 18 -11.00 -0.12 -0.48
CA ALA A 18 -10.29 -1.32 -0.10
C ALA A 18 -11.24 -2.52 0.08
N ARG A 19 -10.65 -3.62 0.55
CA ARG A 19 -11.26 -4.50 1.54
C ARG A 19 -11.63 -3.75 2.83
N ASP A 20 -11.75 -4.59 3.83
CA ASP A 20 -11.76 -4.41 5.27
C ASP A 20 -10.72 -3.44 5.92
N TRP A 21 -10.01 -2.65 5.12
CA TRP A 21 -9.09 -1.62 5.54
C TRP A 21 -9.85 -0.28 5.64
N ASP A 22 -9.29 0.58 6.46
CA ASP A 22 -9.65 2.00 6.56
C ASP A 22 -8.94 2.70 5.40
N VAL A 23 -9.52 3.75 4.84
CA VAL A 23 -9.00 4.40 3.63
C VAL A 23 -8.45 5.70 4.12
N LEU A 24 -7.13 5.68 4.17
CA LEU A 24 -6.34 6.63 4.89
C LEU A 24 -5.30 7.25 3.99
N GLN A 25 -5.51 8.51 3.67
CA GLN A 25 -4.57 9.28 2.88
C GLN A 25 -3.56 9.99 3.76
N THR A 26 -2.52 9.21 4.05
CA THR A 26 -1.35 9.60 4.85
C THR A 26 -0.06 8.99 4.28
N THR A 27 1.07 9.22 4.92
CA THR A 27 2.42 8.85 4.47
C THR A 27 3.14 8.31 5.69
N CYS A 28 3.88 7.22 5.51
CA CYS A 28 4.56 6.46 6.55
C CYS A 28 6.07 6.56 6.40
N THR A 29 6.82 6.32 7.48
CA THR A 29 8.29 6.31 7.44
C THR A 29 8.92 5.00 7.91
N VAL A 30 9.69 4.40 7.01
CA VAL A 30 10.45 3.12 7.18
C VAL A 30 11.53 2.98 6.10
N ASP A 31 12.61 2.19 6.30
CA ASP A 31 13.67 1.92 5.27
C ASP A 31 14.59 3.15 5.08
N ARG A 32 14.53 4.06 6.07
CA ARG A 32 15.04 5.45 6.05
C ARG A 32 14.34 6.31 4.96
N LYS A 33 13.16 5.89 4.52
CA LYS A 33 12.38 6.42 3.42
C LYS A 33 10.97 6.73 3.93
N VAL A 34 10.24 7.59 3.24
CA VAL A 34 8.81 7.70 3.41
C VAL A 34 8.12 7.10 2.19
N TYR A 35 7.05 6.40 2.47
CA TYR A 35 6.09 5.84 1.53
C TYR A 35 4.75 6.51 1.71
N LYS A 36 3.85 6.41 0.74
CA LYS A 36 2.53 6.99 0.87
C LYS A 36 1.52 5.87 1.05
N THR A 37 0.69 5.95 2.09
CA THR A 37 -0.31 4.92 2.37
C THR A 37 -1.59 5.25 1.66
N ILE A 38 -2.26 4.17 1.34
CA ILE A 38 -3.59 4.20 0.76
C ILE A 38 -4.65 3.98 1.82
N CYS A 39 -4.29 3.06 2.71
CA CYS A 39 -5.22 2.36 3.56
C CYS A 39 -4.53 1.72 4.71
N LYS A 40 -5.25 1.74 5.82
CA LYS A 40 -4.79 1.20 7.05
C LYS A 40 -5.71 0.13 7.64
N ARG A 41 -5.16 -0.99 8.05
CA ARG A 41 -5.87 -2.01 8.80
C ARG A 41 -5.13 -2.33 10.10
N GLY A 42 -5.77 -1.92 11.17
CA GLY A 42 -5.15 -1.98 12.48
C GLY A 42 -3.98 -1.04 12.57
N ASN A 43 -2.83 -1.61 12.95
CA ASN A 43 -1.54 -0.95 12.93
C ASN A 43 -0.90 -0.96 11.52
N THR A 44 -1.48 -1.68 10.55
CA THR A 44 -0.83 -1.83 9.21
C THR A 44 -1.35 -0.81 8.23
N TYR A 45 -0.50 -0.41 7.28
CA TYR A 45 -0.53 0.72 6.40
C TYR A 45 0.05 0.16 5.13
N LEU A 46 -0.83 -0.02 4.16
CA LEU A 46 -0.46 -0.40 2.82
C LEU A 46 0.09 0.85 2.16
N CYS A 47 1.29 0.81 1.57
CA CYS A 47 1.91 1.98 0.96
C CYS A 47 2.54 1.68 -0.39
N PHE A 48 2.96 2.75 -1.08
CA PHE A 48 3.53 2.69 -2.40
C PHE A 48 4.79 3.53 -2.61
N ASP A 49 5.56 3.11 -3.61
CA ASP A 49 6.57 3.91 -4.30
C ASP A 49 6.02 4.17 -5.70
N ASP A 50 6.87 4.73 -6.56
CA ASP A 50 6.75 4.49 -8.00
C ASP A 50 7.19 3.11 -8.51
N THR A 51 7.82 2.29 -7.67
CA THR A 51 8.43 1.03 -8.09
C THR A 51 7.46 -0.15 -8.00
N ASN A 52 6.55 -0.10 -7.02
CA ASN A 52 5.92 -1.19 -6.32
C ASN A 52 5.29 -0.66 -5.04
N LEU A 53 4.84 -1.60 -4.22
CA LEU A 53 4.06 -1.41 -3.03
C LEU A 53 4.76 -2.09 -1.86
N TYR A 54 4.32 -1.78 -0.65
CA TYR A 54 4.80 -2.40 0.58
C TYR A 54 3.65 -2.53 1.59
N ALA A 55 3.76 -3.44 2.56
CA ALA A 55 2.99 -3.32 3.80
C ALA A 55 3.95 -2.95 4.92
N ILE A 56 3.73 -1.79 5.55
CA ILE A 56 4.40 -1.46 6.81
C ILE A 56 3.48 -1.93 7.93
N THR A 57 3.91 -2.95 8.70
CA THR A 57 3.20 -3.43 9.89
C THR A 57 4.11 -3.10 11.08
N GLY A 58 3.60 -2.32 12.03
CA GLY A 58 4.41 -1.75 13.14
C GLY A 58 5.52 -0.85 12.64
N ASP A 59 6.70 -1.42 12.37
CA ASP A 59 7.84 -0.82 11.65
C ASP A 59 8.60 -1.89 10.80
N VAL A 60 7.85 -2.86 10.27
CA VAL A 60 8.31 -3.91 9.35
C VAL A 60 7.86 -3.56 7.95
N VAL A 61 8.80 -3.18 7.08
CA VAL A 61 8.53 -2.94 5.67
C VAL A 61 8.64 -4.24 4.87
N LEU A 62 7.49 -4.64 4.34
CA LEU A 62 7.29 -5.82 3.52
C LEU A 62 6.98 -5.38 2.11
N LYS A 63 8.03 -5.25 1.30
CA LYS A 63 7.95 -5.00 -0.15
C LYS A 63 7.19 -6.09 -0.93
N PHE A 64 6.35 -5.65 -1.86
CA PHE A 64 5.74 -6.49 -2.86
C PHE A 64 6.60 -6.47 -4.12
N ALA A 65 6.89 -7.65 -4.72
CA ALA A 65 7.62 -7.77 -5.99
C ALA A 65 6.92 -7.19 -7.23
N THR A 66 5.69 -6.70 -7.05
CA THR A 66 4.78 -6.31 -8.09
C THR A 66 3.92 -5.29 -7.42
N VAL A 67 3.13 -4.68 -8.26
CA VAL A 67 1.95 -4.04 -7.79
C VAL A 67 0.85 -5.05 -7.48
N SER A 68 0.55 -5.94 -8.43
CA SER A 68 -0.60 -6.84 -8.41
C SER A 68 -0.66 -7.79 -7.20
N LYS A 69 0.48 -7.98 -6.53
CA LYS A 69 0.56 -8.57 -5.21
C LYS A 69 -0.35 -7.91 -4.19
N ALA A 70 -0.16 -6.59 -3.96
CA ALA A 70 -0.78 -5.90 -2.82
C ALA A 70 -2.32 -6.01 -2.75
N ARG A 71 -2.94 -6.33 -3.88
CA ARG A 71 -4.39 -6.55 -4.01
C ARG A 71 -4.84 -7.83 -3.30
N ALA A 72 -4.05 -8.89 -3.50
CA ALA A 72 -4.25 -10.22 -2.90
C ALA A 72 -3.85 -10.22 -1.42
N TYR A 73 -2.90 -9.37 -0.99
CA TYR A 73 -2.57 -9.14 0.42
C TYR A 73 -3.71 -8.45 1.20
N LEU A 74 -4.32 -7.42 0.51
CA LEU A 74 -5.51 -6.77 1.02
C LEU A 74 -6.70 -7.59 1.57
N GLU A 75 -7.00 -8.68 0.94
CA GLU A 75 -8.00 -9.62 1.37
C GLU A 75 -7.45 -10.78 2.19
N THR A 76 -6.12 -10.94 2.21
CA THR A 76 -5.35 -11.89 3.01
C THR A 76 -4.60 -11.12 4.10
N LYS A 77 -5.36 -10.77 5.17
CA LYS A 77 -5.01 -10.01 6.39
C LYS A 77 -4.90 -8.47 6.34
N SER A 1 8.78 3.60 -17.57
CA SER A 1 7.44 3.18 -17.04
C SER A 1 7.44 3.19 -15.50
N HIS A 2 6.36 3.58 -14.80
CA HIS A 2 6.44 3.81 -13.34
C HIS A 2 5.05 3.98 -12.69
N MET A 3 4.57 5.22 -12.53
CA MET A 3 3.25 5.68 -12.03
C MET A 3 2.01 5.22 -12.87
N THR A 4 2.10 4.04 -13.48
CA THR A 4 1.07 3.42 -14.27
C THR A 4 0.39 2.27 -13.55
N ALA A 5 1.12 1.20 -13.22
CA ALA A 5 0.52 0.00 -12.63
C ALA A 5 0.13 0.21 -11.16
N VAL A 6 1.02 0.88 -10.42
CA VAL A 6 0.86 1.33 -9.04
C VAL A 6 -0.33 2.27 -8.91
N GLN A 7 -0.54 3.11 -9.92
CA GLN A 7 -1.65 4.08 -9.97
C GLN A 7 -3.00 3.36 -10.19
N ASP A 8 -3.02 2.54 -11.23
CA ASP A 8 -4.11 1.66 -11.62
C ASP A 8 -4.58 0.76 -10.47
N PHE A 9 -3.65 0.24 -9.66
CA PHE A 9 -3.93 -0.42 -8.39
C PHE A 9 -4.45 0.57 -7.33
N VAL A 10 -3.72 1.67 -7.11
CA VAL A 10 -3.97 2.66 -6.03
C VAL A 10 -5.42 3.17 -5.96
N VAL A 11 -6.00 3.63 -7.08
CA VAL A 11 -7.39 4.17 -7.10
C VAL A 11 -8.51 3.19 -6.72
N ASP A 12 -8.22 1.89 -6.79
CA ASP A 12 -9.12 0.80 -6.37
C ASP A 12 -9.42 0.83 -4.85
N ILE A 13 -8.42 1.22 -4.03
CA ILE A 13 -8.52 1.64 -2.64
C ILE A 13 -8.97 3.09 -2.62
N LEU A 14 -8.29 3.96 -3.35
CA LEU A 14 -8.30 5.40 -3.07
C LEU A 14 -9.74 5.96 -3.18
N LEU A 15 -10.30 5.81 -4.36
CA LEU A 15 -11.69 6.20 -4.61
C LEU A 15 -12.58 5.03 -4.36
N ASN A 16 -12.28 3.92 -5.07
CA ASN A 16 -13.32 2.94 -5.26
C ASN A 16 -13.59 2.24 -3.91
N GLY A 17 -12.62 2.36 -3.00
CA GLY A 17 -12.57 1.80 -1.66
C GLY A 17 -12.25 0.33 -1.64
N ALA A 18 -11.54 -0.04 -0.58
CA ALA A 18 -10.88 -1.32 -0.43
C ALA A 18 -11.80 -2.52 -0.05
N ARG A 19 -11.09 -3.63 0.05
CA ARG A 19 -11.23 -4.62 1.14
C ARG A 19 -11.42 -4.03 2.53
N ASP A 20 -11.18 -4.88 3.52
CA ASP A 20 -11.34 -4.73 4.94
C ASP A 20 -10.51 -3.58 5.60
N TRP A 21 -9.92 -2.69 4.79
CA TRP A 21 -9.07 -1.58 5.17
C TRP A 21 -9.82 -0.24 5.15
N ASP A 22 -9.40 0.63 6.06
CA ASP A 22 -9.78 2.06 6.13
C ASP A 22 -8.80 2.84 5.24
N VAL A 23 -9.28 3.94 4.67
CA VAL A 23 -8.88 4.48 3.42
C VAL A 23 -8.25 5.78 3.76
N LEU A 24 -6.93 5.69 3.80
CA LEU A 24 -6.15 6.65 4.53
C LEU A 24 -5.06 7.17 3.61
N GLN A 25 -5.10 8.46 3.42
CA GLN A 25 -4.08 9.16 2.61
C GLN A 25 -3.18 9.88 3.59
N THR A 26 -2.18 9.14 4.09
CA THR A 26 -1.05 9.60 4.85
C THR A 26 0.29 9.08 4.24
N THR A 27 1.42 9.30 4.91
CA THR A 27 2.72 8.75 4.57
C THR A 27 3.35 8.28 5.86
N CYS A 28 3.96 7.12 5.79
CA CYS A 28 4.69 6.42 6.84
C CYS A 28 6.17 6.61 6.65
N THR A 29 6.94 6.44 7.72
CA THR A 29 8.41 6.45 7.65
C THR A 29 9.00 5.15 8.14
N VAL A 30 9.76 4.51 7.25
CA VAL A 30 10.48 3.25 7.51
C VAL A 30 11.72 3.14 6.60
N ASP A 31 12.76 2.48 7.11
CA ASP A 31 14.11 2.29 6.50
C ASP A 31 14.85 3.61 6.23
N ARG A 32 14.40 4.71 6.85
CA ARG A 32 14.80 6.12 6.63
C ARG A 32 14.23 6.70 5.31
N LYS A 33 13.32 5.96 4.68
CA LYS A 33 12.47 6.38 3.57
C LYS A 33 11.09 6.63 4.15
N VAL A 34 10.30 7.36 3.39
CA VAL A 34 8.86 7.52 3.61
C VAL A 34 8.11 6.83 2.48
N TYR A 35 7.02 6.16 2.82
CA TYR A 35 6.12 5.45 1.91
C TYR A 35 4.72 5.96 2.08
N LYS A 36 4.04 6.13 0.97
CA LYS A 36 2.77 6.87 0.98
C LYS A 36 1.63 5.89 1.06
N THR A 37 0.74 6.04 2.04
CA THR A 37 -0.27 5.07 2.46
C THR A 37 -1.49 5.26 1.56
N ILE A 38 -2.17 4.17 1.30
CA ILE A 38 -3.50 4.22 0.65
C ILE A 38 -4.59 3.90 1.64
N CYS A 39 -4.28 2.97 2.54
CA CYS A 39 -5.22 2.32 3.37
C CYS A 39 -4.46 1.78 4.55
N LYS A 40 -5.11 1.80 5.72
CA LYS A 40 -4.68 1.00 6.82
C LYS A 40 -5.70 -0.08 7.25
N ARG A 41 -5.18 -1.14 7.82
CA ARG A 41 -5.97 -2.02 8.64
C ARG A 41 -5.13 -2.25 9.87
N GLY A 42 -5.69 -1.87 11.01
CA GLY A 42 -5.02 -2.07 12.29
C GLY A 42 -3.76 -1.19 12.44
N ASN A 43 -2.66 -1.87 12.76
CA ASN A 43 -1.31 -1.31 12.75
C ASN A 43 -0.54 -1.58 11.45
N THR A 44 -1.27 -1.95 10.39
CA THR A 44 -0.69 -2.08 9.02
C THR A 44 -1.30 -1.09 8.05
N TYR A 45 -0.52 -0.61 7.09
CA TYR A 45 -0.70 0.52 6.23
C TYR A 45 -0.02 0.03 4.97
N LEU A 46 -0.85 -0.22 3.99
CA LEU A 46 -0.39 -0.56 2.67
C LEU A 46 0.06 0.78 2.05
N CYS A 47 1.30 0.81 1.58
CA CYS A 47 1.93 2.00 1.03
C CYS A 47 2.58 1.74 -0.31
N PHE A 48 3.04 2.79 -0.97
CA PHE A 48 3.55 2.70 -2.34
C PHE A 48 4.75 3.58 -2.60
N ASP A 49 5.55 3.13 -3.56
CA ASP A 49 6.56 3.97 -4.21
C ASP A 49 6.32 4.02 -5.74
N ASP A 50 7.37 4.35 -6.48
CA ASP A 50 7.36 4.53 -7.93
C ASP A 50 7.39 3.26 -8.76
N THR A 51 7.43 2.13 -8.05
CA THR A 51 7.91 0.80 -8.53
C THR A 51 6.92 -0.34 -8.24
N ASN A 52 6.17 -0.22 -7.15
CA ASN A 52 5.65 -1.27 -6.32
C ASN A 52 5.12 -0.70 -4.99
N LEU A 53 4.75 -1.62 -4.11
CA LEU A 53 3.96 -1.42 -2.92
C LEU A 53 4.69 -2.06 -1.75
N TYR A 54 4.26 -1.76 -0.51
CA TYR A 54 4.90 -2.25 0.69
C TYR A 54 3.83 -2.27 1.79
N ALA A 55 3.70 -3.36 2.56
CA ALA A 55 2.85 -3.36 3.74
C ALA A 55 3.74 -3.05 4.93
N ILE A 56 3.65 -1.81 5.44
CA ILE A 56 4.31 -1.45 6.68
C ILE A 56 3.39 -1.87 7.82
N THR A 57 3.84 -2.83 8.60
CA THR A 57 3.15 -3.37 9.78
C THR A 57 3.99 -2.99 10.99
N GLY A 58 3.53 -2.00 11.77
CA GLY A 58 4.36 -1.35 12.76
C GLY A 58 5.51 -0.59 12.08
N ASP A 59 6.68 -1.25 12.04
CA ASP A 59 7.89 -0.77 11.34
C ASP A 59 8.50 -1.87 10.46
N VAL A 60 7.72 -2.92 10.19
CA VAL A 60 8.10 -4.04 9.30
C VAL A 60 7.58 -3.63 7.91
N VAL A 61 8.49 -3.22 7.06
CA VAL A 61 8.19 -2.95 5.64
C VAL A 61 8.31 -4.23 4.82
N LEU A 62 7.16 -4.69 4.33
CA LEU A 62 7.05 -5.83 3.47
C LEU A 62 6.83 -5.39 2.02
N LYS A 63 7.94 -5.20 1.33
CA LYS A 63 7.94 -4.89 -0.11
C LYS A 63 7.29 -5.97 -0.99
N PHE A 64 6.41 -5.57 -1.90
CA PHE A 64 5.85 -6.43 -2.93
C PHE A 64 6.74 -6.33 -4.17
N ALA A 65 6.95 -7.45 -4.87
CA ALA A 65 7.60 -7.47 -6.20
C ALA A 65 6.75 -6.87 -7.30
N THR A 66 5.47 -6.54 -7.03
CA THR A 66 4.45 -6.20 -8.02
C THR A 66 3.49 -5.37 -7.29
N VAL A 67 2.63 -4.83 -8.10
CA VAL A 67 1.46 -4.18 -7.63
C VAL A 67 0.32 -5.18 -7.31
N SER A 68 0.11 -6.19 -8.15
CA SER A 68 -0.95 -7.19 -7.94
C SER A 68 -0.86 -7.86 -6.58
N LYS A 69 0.38 -8.07 -6.06
CA LYS A 69 0.61 -8.72 -4.79
C LYS A 69 -0.15 -8.06 -3.64
N ALA A 70 -0.03 -6.73 -3.57
CA ALA A 70 -0.69 -5.92 -2.57
C ALA A 70 -2.22 -6.06 -2.57
N ARG A 71 -2.83 -6.39 -3.72
CA ARG A 71 -4.30 -6.55 -3.80
C ARG A 71 -4.72 -7.83 -3.14
N ALA A 72 -3.96 -8.89 -3.39
CA ALA A 72 -4.11 -10.18 -2.75
C ALA A 72 -3.63 -10.15 -1.26
N TYR A 73 -2.78 -9.17 -0.90
CA TYR A 73 -2.41 -8.87 0.48
C TYR A 73 -3.59 -8.32 1.29
N LEU A 74 -4.31 -7.39 0.67
CA LEU A 74 -5.45 -6.75 1.26
C LEU A 74 -6.46 -7.70 1.87
N GLU A 75 -6.60 -8.89 1.29
CA GLU A 75 -7.40 -10.01 1.83
C GLU A 75 -6.61 -11.22 2.41
N THR A 76 -5.26 -11.24 2.27
CA THR A 76 -4.42 -12.37 2.67
C THR A 76 -3.16 -11.87 3.37
N LYS A 77 -3.14 -12.23 4.64
CA LYS A 77 -2.28 -11.80 5.75
C LYS A 77 -0.87 -12.37 5.72
N SER A 1 7.21 2.65 -17.90
CA SER A 1 6.18 2.64 -16.83
C SER A 1 6.79 3.07 -15.51
N HIS A 2 5.96 3.45 -14.54
CA HIS A 2 6.26 3.82 -13.13
C HIS A 2 4.90 4.17 -12.50
N MET A 3 4.45 5.43 -12.61
CA MET A 3 3.12 5.97 -12.28
C MET A 3 1.97 5.42 -13.18
N THR A 4 2.07 4.14 -13.59
CA THR A 4 1.15 3.45 -14.48
C THR A 4 0.41 2.33 -13.77
N ALA A 5 1.11 1.28 -13.35
CA ALA A 5 0.48 0.14 -12.70
C ALA A 5 0.15 0.45 -11.23
N VAL A 6 1.03 1.19 -10.57
CA VAL A 6 0.85 1.71 -9.21
C VAL A 6 -0.44 2.50 -9.10
N GLN A 7 -0.80 3.26 -10.13
CA GLN A 7 -1.83 4.28 -10.07
C GLN A 7 -3.21 3.65 -10.20
N ASP A 8 -3.42 2.91 -11.27
CA ASP A 8 -4.59 2.02 -11.49
C ASP A 8 -4.84 1.08 -10.30
N PHE A 9 -3.79 0.41 -9.80
CA PHE A 9 -3.88 -0.37 -8.57
C PHE A 9 -4.36 0.53 -7.42
N VAL A 10 -3.68 1.65 -7.18
CA VAL A 10 -4.00 2.60 -6.09
C VAL A 10 -5.47 3.01 -6.11
N VAL A 11 -6.03 3.49 -7.23
CA VAL A 11 -7.47 3.87 -7.31
C VAL A 11 -8.50 2.76 -7.11
N ASP A 12 -8.10 1.50 -7.19
CA ASP A 12 -8.94 0.39 -6.70
C ASP A 12 -9.14 0.50 -5.17
N ILE A 13 -8.10 0.84 -4.40
CA ILE A 13 -8.09 1.13 -2.95
C ILE A 13 -8.54 2.58 -2.69
N LEU A 14 -8.31 3.54 -3.59
CA LEU A 14 -8.48 4.97 -3.30
C LEU A 14 -9.94 5.42 -3.47
N LEU A 15 -10.49 5.19 -4.67
CA LEU A 15 -11.82 5.65 -5.05
C LEU A 15 -12.83 4.53 -4.98
N ASN A 16 -12.51 3.34 -5.50
CA ASN A 16 -13.42 2.19 -5.34
C ASN A 16 -13.37 1.62 -3.90
N GLY A 17 -12.28 1.92 -3.19
CA GLY A 17 -11.99 1.56 -1.80
C GLY A 17 -11.30 0.22 -1.60
N ALA A 18 -10.70 0.03 -0.45
CA ALA A 18 -10.08 -1.23 -0.09
C ALA A 18 -11.11 -2.44 -0.13
N ARG A 19 -10.52 -3.67 0.22
CA ARG A 19 -11.12 -4.55 1.28
C ARG A 19 -11.67 -3.96 2.60
N ASP A 20 -11.92 -4.86 3.54
CA ASP A 20 -12.20 -4.54 4.91
C ASP A 20 -11.25 -3.49 5.70
N TRP A 21 -10.21 -2.96 5.03
CA TRP A 21 -9.41 -1.79 5.44
C TRP A 21 -10.18 -0.47 5.57
N ASP A 22 -9.52 0.49 6.20
CA ASP A 22 -9.74 1.92 6.01
C ASP A 22 -9.13 2.31 4.67
N VAL A 23 -9.56 3.44 4.13
CA VAL A 23 -8.92 4.12 3.01
C VAL A 23 -8.38 5.38 3.66
N LEU A 24 -7.07 5.40 3.85
CA LEU A 24 -6.39 6.53 4.49
C LEU A 24 -5.43 7.18 3.51
N GLN A 25 -5.29 8.50 3.61
CA GLN A 25 -4.13 9.16 3.04
C GLN A 25 -3.33 9.87 4.09
N THR A 26 -2.46 9.06 4.66
CA THR A 26 -1.36 9.43 5.54
C THR A 26 -0.03 8.91 4.95
N THR A 27 1.10 9.09 5.62
CA THR A 27 2.41 8.62 5.18
C THR A 27 3.02 7.89 6.37
N CYS A 28 4.04 7.12 6.06
CA CYS A 28 4.86 6.36 7.00
C CYS A 28 6.33 6.47 6.67
N THR A 29 7.21 6.26 7.66
CA THR A 29 8.66 6.34 7.49
C THR A 29 9.38 5.10 7.98
N VAL A 30 10.06 4.41 7.06
CA VAL A 30 10.85 3.16 7.27
C VAL A 30 11.97 2.95 6.21
N ASP A 31 13.10 2.31 6.55
CA ASP A 31 14.30 2.00 5.72
C ASP A 31 15.18 3.23 5.43
N ARG A 32 14.96 4.27 6.23
CA ARG A 32 15.43 5.65 5.97
C ARG A 32 14.76 6.20 4.70
N LYS A 33 13.50 5.81 4.45
CA LYS A 33 12.65 6.24 3.36
C LYS A 33 11.26 6.50 3.96
N VAL A 34 10.48 7.33 3.29
CA VAL A 34 9.07 7.50 3.55
C VAL A 34 8.32 6.78 2.45
N TYR A 35 7.17 6.25 2.80
CA TYR A 35 6.17 5.73 1.89
C TYR A 35 4.84 6.36 2.22
N LYS A 36 4.01 6.52 1.20
CA LYS A 36 2.71 7.15 1.33
C LYS A 36 1.62 6.09 1.37
N THR A 37 0.72 6.18 2.34
CA THR A 37 -0.25 5.14 2.68
C THR A 37 -1.47 5.29 1.79
N ILE A 38 -2.20 4.20 1.58
CA ILE A 38 -3.50 4.22 0.89
C ILE A 38 -4.65 3.82 1.79
N CYS A 39 -4.34 2.92 2.71
CA CYS A 39 -5.32 2.18 3.46
C CYS A 39 -4.67 1.63 4.67
N LYS A 40 -5.47 1.57 5.71
CA LYS A 40 -5.06 1.05 6.97
C LYS A 40 -5.95 -0.07 7.47
N ARG A 41 -5.36 -1.16 7.94
CA ARG A 41 -6.12 -2.19 8.62
C ARG A 41 -5.32 -2.65 9.79
N GLY A 42 -5.89 -2.46 10.95
CA GLY A 42 -5.19 -2.72 12.20
C GLY A 42 -3.98 -1.80 12.34
N ASN A 43 -2.85 -2.42 12.71
CA ASN A 43 -1.55 -1.75 12.76
C ASN A 43 -0.86 -1.68 11.40
N THR A 44 -1.48 -2.17 10.32
CA THR A 44 -0.90 -2.08 8.98
C THR A 44 -1.49 -0.90 8.22
N TYR A 45 -0.68 -0.42 7.28
CA TYR A 45 -0.75 0.77 6.47
C TYR A 45 -0.05 0.34 5.19
N LEU A 46 -0.84 0.15 4.16
CA LEU A 46 -0.35 -0.21 2.86
C LEU A 46 0.21 1.06 2.21
N CYS A 47 1.43 1.02 1.68
CA CYS A 47 2.06 2.18 1.06
C CYS A 47 2.69 1.82 -0.30
N PHE A 48 3.15 2.83 -1.04
CA PHE A 48 3.66 2.63 -2.40
C PHE A 48 4.89 3.51 -2.69
N ASP A 49 5.71 3.10 -3.66
CA ASP A 49 6.63 4.00 -4.40
C ASP A 49 6.29 3.98 -5.91
N ASP A 50 7.24 4.45 -6.74
CA ASP A 50 7.24 4.25 -8.18
C ASP A 50 7.26 2.80 -8.61
N THR A 51 7.83 1.97 -7.75
CA THR A 51 8.57 0.76 -8.13
C THR A 51 7.74 -0.48 -7.88
N ASN A 52 6.80 -0.39 -6.94
CA ASN A 52 6.12 -1.43 -6.22
C ASN A 52 5.47 -0.86 -4.95
N LEU A 53 4.73 -1.70 -4.24
CA LEU A 53 4.15 -1.37 -2.95
C LEU A 53 4.98 -1.93 -1.81
N TYR A 54 4.63 -1.51 -0.59
CA TYR A 54 5.15 -2.05 0.64
C TYR A 54 4.05 -2.02 1.71
N ALA A 55 3.85 -3.10 2.45
CA ALA A 55 3.11 -2.95 3.71
C ALA A 55 4.11 -2.51 4.77
N ILE A 56 3.76 -1.50 5.55
CA ILE A 56 4.44 -1.25 6.81
C ILE A 56 3.50 -1.74 7.91
N THR A 57 3.93 -2.82 8.57
CA THR A 57 3.16 -3.48 9.64
C THR A 57 3.83 -3.09 10.95
N GLY A 58 3.30 -2.03 11.56
CA GLY A 58 3.97 -1.24 12.62
C GLY A 58 5.16 -0.43 12.06
N ASP A 59 6.22 -1.16 11.69
CA ASP A 59 7.57 -0.67 11.45
C ASP A 59 8.35 -1.67 10.59
N VAL A 60 7.66 -2.70 10.10
CA VAL A 60 8.17 -3.81 9.26
C VAL A 60 7.86 -3.48 7.81
N VAL A 61 8.88 -3.07 7.05
CA VAL A 61 8.70 -2.83 5.62
C VAL A 61 8.70 -4.14 4.82
N LEU A 62 7.57 -4.38 4.16
CA LEU A 62 7.29 -5.57 3.38
C LEU A 62 7.03 -5.18 1.94
N LYS A 63 8.13 -5.14 1.21
CA LYS A 63 8.18 -4.92 -0.25
C LYS A 63 7.43 -6.01 -1.04
N PHE A 64 6.38 -5.63 -1.77
CA PHE A 64 5.71 -6.51 -2.73
C PHE A 64 6.56 -6.61 -4.02
N ALA A 65 6.67 -7.78 -4.64
CA ALA A 65 7.28 -7.88 -5.99
C ALA A 65 6.46 -7.33 -7.15
N THR A 66 5.33 -6.64 -6.92
CA THR A 66 4.47 -6.12 -7.95
C THR A 66 3.68 -5.07 -7.23
N VAL A 67 2.89 -4.40 -8.02
CA VAL A 67 1.77 -3.71 -7.47
C VAL A 67 0.62 -4.67 -7.15
N SER A 68 0.30 -5.55 -8.10
CA SER A 68 -0.85 -6.44 -8.09
C SER A 68 -0.88 -7.35 -6.85
N LYS A 69 0.28 -7.53 -6.21
CA LYS A 69 0.41 -8.32 -4.97
C LYS A 69 -0.32 -7.74 -3.79
N ALA A 70 -0.16 -6.43 -3.59
CA ALA A 70 -0.84 -5.74 -2.51
C ALA A 70 -2.37 -6.01 -2.47
N ARG A 71 -3.01 -6.19 -3.63
CA ARG A 71 -4.44 -6.50 -3.80
C ARG A 71 -4.88 -7.82 -3.16
N ALA A 72 -3.99 -8.80 -3.12
CA ALA A 72 -4.21 -10.14 -2.54
C ALA A 72 -3.81 -10.19 -1.04
N TYR A 73 -3.05 -9.18 -0.60
CA TYR A 73 -2.71 -8.88 0.80
C TYR A 73 -3.83 -8.05 1.45
N LEU A 74 -4.66 -7.40 0.66
CA LEU A 74 -5.76 -6.60 1.18
C LEU A 74 -6.88 -7.44 1.79
N GLU A 75 -7.02 -8.63 1.23
CA GLU A 75 -7.87 -9.70 1.75
C GLU A 75 -7.08 -10.65 2.66
N THR A 76 -5.76 -10.42 2.87
CA THR A 76 -4.82 -11.32 3.53
C THR A 76 -3.77 -10.62 4.38
N LYS A 77 -3.89 -10.98 5.65
CA LYS A 77 -3.05 -10.76 6.80
C LYS A 77 -1.51 -10.82 6.66
N SER A 1 8.03 3.79 -17.26
CA SER A 1 7.08 2.86 -16.61
C SER A 1 7.11 2.99 -15.09
N HIS A 2 6.18 3.73 -14.47
CA HIS A 2 6.19 4.05 -13.01
C HIS A 2 4.75 4.30 -12.46
N MET A 3 4.23 5.55 -12.47
CA MET A 3 2.86 6.01 -12.15
C MET A 3 1.73 5.43 -13.05
N THR A 4 1.92 4.21 -13.54
CA THR A 4 1.08 3.54 -14.51
C THR A 4 0.34 2.37 -13.89
N ALA A 5 1.06 1.36 -13.39
CA ALA A 5 0.44 0.22 -12.72
C ALA A 5 0.18 0.50 -11.23
N VAL A 6 1.16 1.09 -10.56
CA VAL A 6 1.09 1.48 -9.13
C VAL A 6 -0.05 2.45 -8.89
N GLN A 7 -0.30 3.31 -9.88
CA GLN A 7 -1.29 4.35 -9.89
C GLN A 7 -2.72 3.82 -9.93
N ASP A 8 -2.93 2.97 -10.93
CA ASP A 8 -4.15 2.24 -11.25
C ASP A 8 -4.58 1.29 -10.10
N PHE A 9 -3.63 0.52 -9.55
CA PHE A 9 -3.84 -0.24 -8.32
C PHE A 9 -4.19 0.69 -7.17
N VAL A 10 -3.43 1.77 -6.97
CA VAL A 10 -3.75 2.74 -5.91
C VAL A 10 -5.21 3.19 -5.98
N VAL A 11 -5.75 3.59 -7.16
CA VAL A 11 -7.15 4.05 -7.26
C VAL A 11 -8.20 2.96 -6.91
N ASP A 12 -7.82 1.69 -6.99
CA ASP A 12 -8.63 0.51 -6.58
C ASP A 12 -8.83 0.44 -5.06
N ILE A 13 -7.85 0.87 -4.25
CA ILE A 13 -7.90 1.08 -2.78
C ILE A 13 -8.49 2.45 -2.42
N LEU A 14 -8.48 3.40 -3.36
CA LEU A 14 -8.77 4.82 -3.14
C LEU A 14 -10.27 5.19 -3.19
N LEU A 15 -10.82 5.07 -4.39
CA LEU A 15 -12.15 5.54 -4.79
C LEU A 15 -13.06 4.37 -4.97
N ASN A 16 -12.52 3.27 -5.52
CA ASN A 16 -13.17 1.99 -5.42
C ASN A 16 -13.01 1.46 -3.99
N GLY A 17 -11.92 1.82 -3.26
CA GLY A 17 -11.76 1.29 -1.91
C GLY A 17 -11.34 -0.18 -1.87
N ALA A 18 -10.56 -0.48 -0.84
CA ALA A 18 -10.02 -1.79 -0.51
C ALA A 18 -11.06 -2.88 -0.20
N ARG A 19 -10.53 -4.04 0.20
CA ARG A 19 -11.05 -4.84 1.32
C ARG A 19 -11.36 -3.98 2.54
N ASP A 20 -11.47 -4.71 3.63
CA ASP A 20 -11.78 -4.36 5.00
C ASP A 20 -10.95 -3.20 5.62
N TRP A 21 -10.00 -2.60 4.88
CA TRP A 21 -9.24 -1.42 5.28
C TRP A 21 -10.11 -0.15 5.42
N ASP A 22 -9.49 0.83 6.08
CA ASP A 22 -9.91 2.23 6.14
C ASP A 22 -9.02 3.02 5.18
N VAL A 23 -9.51 4.09 4.56
CA VAL A 23 -8.84 4.66 3.39
C VAL A 23 -8.29 5.97 3.89
N LEU A 24 -7.01 5.81 4.11
CA LEU A 24 -6.15 6.77 4.71
C LEU A 24 -4.92 7.07 3.87
N GLN A 25 -4.85 8.29 3.31
CA GLN A 25 -3.75 8.88 2.72
C GLN A 25 -3.07 9.82 3.79
N THR A 26 -2.17 9.07 4.47
CA THR A 26 -1.01 9.55 5.19
C THR A 26 0.36 9.15 4.55
N THR A 27 1.50 9.49 5.13
CA THR A 27 2.79 9.01 4.63
C THR A 27 3.58 8.46 5.81
N CYS A 28 4.28 7.36 5.60
CA CYS A 28 4.97 6.67 6.67
C CYS A 28 6.44 6.50 6.42
N THR A 29 7.21 6.63 7.49
CA THR A 29 8.65 6.76 7.41
C THR A 29 9.31 5.60 8.11
N VAL A 30 9.85 4.71 7.28
CA VAL A 30 10.46 3.40 7.66
C VAL A 30 11.55 2.99 6.66
N ASP A 31 12.59 2.27 7.10
CA ASP A 31 13.73 1.81 6.26
C ASP A 31 14.63 2.98 5.85
N ARG A 32 14.50 4.08 6.61
CA ARG A 32 15.08 5.42 6.37
C ARG A 32 14.48 6.11 5.11
N LYS A 33 13.36 5.58 4.66
CA LYS A 33 12.60 5.95 3.48
C LYS A 33 11.20 6.34 3.96
N VAL A 34 10.50 7.09 3.15
CA VAL A 34 9.12 7.48 3.39
C VAL A 34 8.30 7.02 2.18
N TYR A 35 7.16 6.43 2.51
CA TYR A 35 6.17 5.86 1.62
C TYR A 35 4.86 6.59 1.80
N LYS A 36 3.96 6.48 0.85
CA LYS A 36 2.66 7.13 0.96
C LYS A 36 1.55 6.09 1.09
N THR A 37 0.78 6.13 2.18
CA THR A 37 -0.20 5.14 2.57
C THR A 37 -1.43 5.38 1.72
N ILE A 38 -2.19 4.33 1.45
CA ILE A 38 -3.51 4.42 0.79
C ILE A 38 -4.60 4.09 1.77
N CYS A 39 -4.31 3.07 2.57
CA CYS A 39 -5.25 2.44 3.43
C CYS A 39 -4.54 1.94 4.63
N LYS A 40 -5.28 1.96 5.73
CA LYS A 40 -4.87 1.39 6.95
C LYS A 40 -5.79 0.24 7.34
N ARG A 41 -5.22 -0.79 7.90
CA ARG A 41 -6.00 -1.82 8.56
C ARG A 41 -5.28 -2.28 9.79
N GLY A 42 -5.86 -1.93 10.91
CA GLY A 42 -5.35 -2.28 12.23
C GLY A 42 -3.94 -1.74 12.40
N ASN A 43 -2.97 -2.62 12.62
CA ASN A 43 -1.56 -2.24 12.78
C ASN A 43 -0.82 -1.92 11.48
N THR A 44 -1.54 -1.92 10.34
CA THR A 44 -0.89 -1.85 9.02
C THR A 44 -1.42 -0.77 8.09
N TYR A 45 -0.57 -0.36 7.16
CA TYR A 45 -0.54 0.85 6.38
C TYR A 45 0.11 0.41 5.11
N LEU A 46 -0.72 0.28 4.10
CA LEU A 46 -0.33 -0.19 2.82
C LEU A 46 -0.01 1.04 1.99
N CYS A 47 1.19 1.04 1.43
CA CYS A 47 1.80 2.22 0.85
C CYS A 47 2.36 1.91 -0.53
N PHE A 48 2.81 2.96 -1.22
CA PHE A 48 3.40 2.85 -2.55
C PHE A 48 4.65 3.68 -2.79
N ASP A 49 5.38 3.26 -3.82
CA ASP A 49 6.52 3.98 -4.39
C ASP A 49 6.56 3.84 -5.86
N ASP A 50 7.76 3.92 -6.40
CA ASP A 50 7.83 4.47 -7.72
C ASP A 50 7.34 3.43 -8.76
N THR A 51 7.27 2.19 -8.27
CA THR A 51 7.45 0.92 -8.95
C THR A 51 6.39 -0.11 -8.55
N ASN A 52 5.84 0.01 -7.34
CA ASN A 52 5.32 -1.03 -6.49
C ASN A 52 5.00 -0.47 -5.11
N LEU A 53 4.68 -1.39 -4.22
CA LEU A 53 3.90 -1.21 -3.01
C LEU A 53 4.64 -1.87 -1.85
N TYR A 54 4.22 -1.53 -0.64
CA TYR A 54 4.80 -2.06 0.57
C TYR A 54 3.69 -2.15 1.61
N ALA A 55 3.74 -3.16 2.46
CA ALA A 55 3.14 -3.01 3.78
C ALA A 55 4.15 -2.39 4.72
N ILE A 56 3.69 -1.45 5.54
CA ILE A 56 4.30 -1.23 6.83
C ILE A 56 3.33 -1.79 7.87
N THR A 57 3.63 -3.01 8.33
CA THR A 57 2.81 -3.74 9.31
C THR A 57 3.57 -3.72 10.62
N GLY A 58 3.08 -3.01 11.64
CA GLY A 58 3.78 -2.91 12.93
C GLY A 58 5.21 -2.34 12.86
N ASP A 59 5.57 -1.70 11.74
CA ASP A 59 6.88 -1.08 11.41
C ASP A 59 7.86 -2.11 10.83
N VAL A 60 7.27 -3.17 10.25
CA VAL A 60 7.84 -4.09 9.30
C VAL A 60 7.47 -3.58 7.92
N VAL A 61 8.48 -3.10 7.20
CA VAL A 61 8.42 -2.82 5.76
C VAL A 61 8.47 -4.12 4.97
N LEU A 62 7.58 -4.26 4.00
CA LEU A 62 7.40 -5.47 3.19
C LEU A 62 7.08 -5.06 1.77
N LYS A 63 8.14 -4.83 1.00
CA LYS A 63 8.11 -4.54 -0.43
C LYS A 63 7.48 -5.67 -1.27
N PHE A 64 6.47 -5.32 -2.06
CA PHE A 64 5.79 -6.24 -2.99
C PHE A 64 6.48 -6.17 -4.35
N ALA A 65 6.80 -7.31 -5.00
CA ALA A 65 7.41 -7.32 -6.33
C ALA A 65 6.51 -6.78 -7.47
N THR A 66 5.27 -6.44 -7.19
CA THR A 66 4.22 -6.18 -8.17
C THR A 66 3.21 -5.37 -7.48
N VAL A 67 2.28 -4.94 -8.31
CA VAL A 67 1.21 -4.17 -7.82
C VAL A 67 0.04 -5.08 -7.37
N SER A 68 -0.25 -6.13 -8.13
CA SER A 68 -1.28 -7.14 -7.79
C SER A 68 -1.04 -7.83 -6.45
N LYS A 69 0.22 -7.87 -5.99
CA LYS A 69 0.58 -8.49 -4.72
C LYS A 69 -0.12 -7.89 -3.52
N ALA A 70 -0.07 -6.57 -3.42
CA ALA A 70 -0.71 -5.87 -2.33
C ALA A 70 -2.23 -6.16 -2.28
N ARG A 71 -2.86 -6.36 -3.44
CA ARG A 71 -4.27 -6.71 -3.60
C ARG A 71 -4.58 -8.06 -2.97
N ALA A 72 -3.72 -9.04 -3.18
CA ALA A 72 -3.78 -10.36 -2.54
C ALA A 72 -3.34 -10.35 -1.06
N TYR A 73 -2.64 -9.31 -0.61
CA TYR A 73 -2.24 -9.14 0.79
C TYR A 73 -3.38 -8.49 1.59
N LEU A 74 -4.13 -7.60 0.96
CA LEU A 74 -5.22 -6.85 1.55
C LEU A 74 -6.35 -7.67 2.14
N GLU A 75 -6.62 -8.80 1.52
CA GLU A 75 -7.58 -9.79 1.98
C GLU A 75 -6.98 -10.68 3.09
N THR A 76 -5.67 -10.54 3.33
CA THR A 76 -4.82 -11.48 4.06
C THR A 76 -3.94 -10.77 5.11
N LYS A 77 -4.60 -10.29 6.17
CA LYS A 77 -4.05 -9.83 7.46
C LYS A 77 -3.58 -8.38 7.44
N SER A 1 5.70 3.15 -16.79
CA SER A 1 6.84 4.02 -16.41
C SER A 1 7.17 3.85 -14.93
N HIS A 2 6.32 4.39 -14.07
CA HIS A 2 6.36 4.29 -12.60
C HIS A 2 4.89 4.42 -12.15
N MET A 3 4.35 5.65 -12.23
CA MET A 3 2.93 6.05 -12.07
C MET A 3 1.95 5.44 -13.11
N THR A 4 2.17 4.20 -13.55
CA THR A 4 1.30 3.46 -14.48
C THR A 4 0.55 2.32 -13.79
N ALA A 5 1.21 1.25 -13.34
CA ALA A 5 0.50 0.14 -12.69
C ALA A 5 0.10 0.49 -11.24
N VAL A 6 0.98 1.21 -10.55
CA VAL A 6 0.82 1.69 -9.17
C VAL A 6 -0.28 2.73 -9.03
N GLN A 7 -0.55 3.46 -10.12
CA GLN A 7 -1.51 4.54 -10.15
C GLN A 7 -2.95 4.02 -10.02
N ASP A 8 -3.23 3.07 -10.88
CA ASP A 8 -4.42 2.19 -11.01
C ASP A 8 -4.68 1.37 -9.74
N PHE A 9 -3.67 0.64 -9.23
CA PHE A 9 -3.80 0.00 -7.92
C PHE A 9 -4.16 1.06 -6.87
N VAL A 10 -3.44 2.18 -6.86
CA VAL A 10 -3.73 3.25 -5.89
C VAL A 10 -5.18 3.74 -5.94
N VAL A 11 -5.68 4.24 -7.07
CA VAL A 11 -7.10 4.68 -7.23
C VAL A 11 -8.14 3.55 -6.95
N ASP A 12 -7.76 2.28 -7.10
CA ASP A 12 -8.62 1.12 -6.75
C ASP A 12 -8.91 1.07 -5.24
N ILE A 13 -7.90 1.18 -4.37
CA ILE A 13 -8.02 1.30 -2.89
C ILE A 13 -8.62 2.66 -2.53
N LEU A 14 -8.47 3.66 -3.41
CA LEU A 14 -8.88 5.04 -3.19
C LEU A 14 -10.33 5.46 -3.52
N LEU A 15 -10.71 5.35 -4.79
CA LEU A 15 -11.99 5.82 -5.36
C LEU A 15 -13.00 4.70 -5.36
N ASN A 16 -12.51 3.46 -5.54
CA ASN A 16 -13.32 2.25 -5.56
C ASN A 16 -13.33 1.52 -4.19
N GLY A 17 -12.30 1.78 -3.35
CA GLY A 17 -12.08 1.13 -2.05
C GLY A 17 -11.48 -0.28 -2.10
N ALA A 18 -10.82 -0.65 -1.00
CA ALA A 18 -10.34 -1.99 -0.70
C ALA A 18 -11.46 -2.97 -0.27
N ARG A 19 -10.97 -4.18 0.06
CA ARG A 19 -11.37 -5.01 1.20
C ARG A 19 -11.47 -4.20 2.50
N ASP A 20 -11.37 -4.91 3.60
CA ASP A 20 -11.67 -4.50 4.97
C ASP A 20 -10.76 -3.34 5.55
N TRP A 21 -9.89 -2.75 4.72
CA TRP A 21 -9.09 -1.58 5.06
C TRP A 21 -9.88 -0.25 5.08
N ASP A 22 -9.29 0.70 5.81
CA ASP A 22 -9.78 2.03 6.05
C ASP A 22 -8.86 2.99 5.28
N VAL A 23 -9.47 3.83 4.45
CA VAL A 23 -8.91 4.47 3.31
C VAL A 23 -8.57 5.88 3.67
N LEU A 24 -7.24 6.01 3.83
CA LEU A 24 -6.56 7.04 4.55
C LEU A 24 -5.46 7.61 3.68
N GLN A 25 -5.21 8.91 3.79
CA GLN A 25 -4.08 9.56 3.12
C GLN A 25 -3.07 10.08 4.15
N THR A 26 -2.10 9.21 4.50
CA THR A 26 -0.90 9.49 5.25
C THR A 26 0.31 8.83 4.49
N THR A 27 1.50 8.96 5.06
CA THR A 27 2.78 8.56 4.49
C THR A 27 3.57 8.06 5.68
N CYS A 28 4.32 6.99 5.57
CA CYS A 28 5.00 6.36 6.71
C CYS A 28 6.44 6.02 6.46
N THR A 29 7.22 6.50 7.40
CA THR A 29 8.66 6.58 7.35
C THR A 29 9.29 5.38 8.02
N VAL A 30 9.93 4.55 7.20
CA VAL A 30 10.64 3.33 7.57
C VAL A 30 11.79 3.10 6.56
N ASP A 31 12.89 2.43 6.92
CA ASP A 31 14.03 2.11 6.01
C ASP A 31 14.88 3.33 5.62
N ARG A 32 14.73 4.40 6.40
CA ARG A 32 15.26 5.75 6.13
C ARG A 32 14.57 6.39 4.90
N LYS A 33 13.33 5.99 4.57
CA LYS A 33 12.47 6.46 3.48
C LYS A 33 11.02 6.60 3.96
N VAL A 34 10.18 7.45 3.37
CA VAL A 34 8.75 7.42 3.59
C VAL A 34 8.08 6.77 2.39
N TYR A 35 6.98 6.10 2.67
CA TYR A 35 6.12 5.44 1.70
C TYR A 35 4.72 6.02 1.79
N LYS A 36 3.98 6.17 0.70
CA LYS A 36 2.67 6.83 0.78
C LYS A 36 1.53 5.82 0.93
N THR A 37 0.77 5.94 2.02
CA THR A 37 -0.25 4.97 2.45
C THR A 37 -1.47 5.20 1.59
N ILE A 38 -2.31 4.19 1.46
CA ILE A 38 -3.66 4.32 0.89
C ILE A 38 -4.69 3.92 1.91
N CYS A 39 -4.40 2.85 2.66
CA CYS A 39 -5.32 2.26 3.57
C CYS A 39 -4.52 1.80 4.74
N LYS A 40 -5.17 1.79 5.90
CA LYS A 40 -4.77 0.90 6.94
C LYS A 40 -5.72 -0.23 7.23
N ARG A 41 -5.16 -1.31 7.74
CA ARG A 41 -5.92 -2.32 8.43
C ARG A 41 -5.14 -2.72 9.64
N GLY A 42 -5.77 -2.55 10.79
CA GLY A 42 -5.16 -2.80 12.06
C GLY A 42 -3.96 -1.89 12.30
N ASN A 43 -2.81 -2.47 12.63
CA ASN A 43 -1.54 -1.74 12.82
C ASN A 43 -0.79 -1.52 11.49
N THR A 44 -1.39 -1.96 10.36
CA THR A 44 -0.68 -2.07 9.05
C THR A 44 -1.27 -1.13 8.03
N TYR A 45 -0.45 -0.61 7.14
CA TYR A 45 -0.67 0.60 6.36
C TYR A 45 -0.03 0.22 5.08
N LEU A 46 -0.89 0.06 4.08
CA LEU A 46 -0.44 -0.37 2.80
C LEU A 46 -0.15 0.84 1.96
N CYS A 47 1.07 0.86 1.43
CA CYS A 47 1.71 2.02 0.87
C CYS A 47 2.26 1.74 -0.51
N PHE A 48 2.74 2.78 -1.17
CA PHE A 48 3.35 2.71 -2.48
C PHE A 48 4.62 3.54 -2.64
N ASP A 49 5.42 3.12 -3.62
CA ASP A 49 6.53 3.92 -4.19
C ASP A 49 6.18 4.15 -5.68
N ASP A 50 7.19 4.57 -6.44
CA ASP A 50 7.25 4.37 -7.89
C ASP A 50 7.42 2.92 -8.31
N THR A 51 7.92 2.08 -7.40
CA THR A 51 8.51 0.78 -7.74
C THR A 51 7.49 -0.35 -7.68
N ASN A 52 6.50 -0.24 -6.79
CA ASN A 52 5.74 -1.28 -6.19
C ASN A 52 5.09 -0.67 -4.96
N LEU A 53 4.71 -1.55 -4.05
CA LEU A 53 3.95 -1.32 -2.87
C LEU A 53 4.68 -1.95 -1.69
N TYR A 54 4.33 -1.52 -0.49
CA TYR A 54 4.87 -2.11 0.73
C TYR A 54 3.81 -2.17 1.82
N ALA A 55 3.87 -3.19 2.69
CA ALA A 55 3.15 -3.14 3.96
C ALA A 55 4.11 -2.65 5.02
N ILE A 56 3.81 -1.55 5.70
CA ILE A 56 4.49 -1.21 6.94
C ILE A 56 3.64 -1.69 8.10
N THR A 57 4.05 -2.84 8.64
CA THR A 57 3.42 -3.46 9.79
C THR A 57 4.16 -2.91 11.01
N GLY A 58 3.69 -1.75 11.51
CA GLY A 58 4.34 -0.98 12.58
C GLY A 58 5.64 -0.30 12.12
N ASP A 59 6.71 -1.09 12.00
CA ASP A 59 8.04 -0.69 11.50
C ASP A 59 8.66 -1.75 10.58
N VAL A 60 7.87 -2.77 10.20
CA VAL A 60 8.26 -3.85 9.30
C VAL A 60 7.84 -3.45 7.90
N VAL A 61 8.79 -3.02 7.07
CA VAL A 61 8.52 -2.78 5.66
C VAL A 61 8.59 -4.10 4.87
N LEU A 62 7.49 -4.42 4.20
CA LEU A 62 7.39 -5.55 3.31
C LEU A 62 7.01 -5.07 1.91
N LYS A 63 8.03 -5.03 1.06
CA LYS A 63 7.93 -4.98 -0.38
C LYS A 63 7.11 -6.12 -1.01
N PHE A 64 6.12 -5.71 -1.78
CA PHE A 64 5.46 -6.57 -2.74
C PHE A 64 6.25 -6.54 -4.06
N ALA A 65 6.51 -7.68 -4.70
CA ALA A 65 7.21 -7.73 -6.00
C ALA A 65 6.43 -7.12 -7.18
N THR A 66 5.20 -6.65 -6.96
CA THR A 66 4.31 -6.17 -8.00
C THR A 66 3.42 -5.21 -7.29
N VAL A 67 2.57 -4.63 -8.10
CA VAL A 67 1.46 -3.92 -7.58
C VAL A 67 0.28 -4.86 -7.25
N SER A 68 -0.04 -5.80 -8.16
CA SER A 68 -1.20 -6.67 -7.97
C SER A 68 -1.08 -7.55 -6.73
N LYS A 69 0.13 -7.79 -6.22
CA LYS A 69 0.32 -8.57 -4.99
C LYS A 69 -0.37 -7.98 -3.78
N ALA A 70 -0.24 -6.66 -3.60
CA ALA A 70 -0.85 -6.03 -2.44
C ALA A 70 -2.36 -6.33 -2.35
N ARG A 71 -3.02 -6.41 -3.50
CA ARG A 71 -4.45 -6.72 -3.62
C ARG A 71 -4.83 -8.13 -3.12
N ALA A 72 -3.94 -9.10 -3.31
CA ALA A 72 -4.08 -10.46 -2.81
C ALA A 72 -3.60 -10.61 -1.35
N TYR A 73 -2.90 -9.60 -0.83
CA TYR A 73 -2.53 -9.44 0.58
C TYR A 73 -3.65 -8.72 1.36
N LEU A 74 -4.35 -7.80 0.73
CA LEU A 74 -5.42 -6.98 1.29
C LEU A 74 -6.60 -7.77 1.85
N GLU A 75 -6.81 -8.98 1.32
CA GLU A 75 -7.80 -9.95 1.76
C GLU A 75 -7.25 -10.95 2.79
N THR A 76 -5.98 -10.82 3.19
CA THR A 76 -5.24 -11.76 4.07
C THR A 76 -4.01 -11.06 4.70
N LYS A 77 -4.27 -10.63 5.93
CA LYS A 77 -3.50 -9.86 6.95
C LYS A 77 -3.47 -8.34 6.68
N SER A 1 8.15 2.00 -17.24
CA SER A 1 6.95 1.68 -16.43
C SER A 1 7.13 2.13 -15.00
N HIS A 2 6.14 2.79 -14.34
CA HIS A 2 6.23 3.15 -12.90
C HIS A 2 4.84 3.56 -12.29
N MET A 3 4.50 4.86 -12.27
CA MET A 3 3.21 5.50 -11.89
C MET A 3 2.03 5.16 -12.80
N THR A 4 2.00 3.93 -13.34
CA THR A 4 0.92 3.40 -14.16
C THR A 4 0.18 2.31 -13.42
N ALA A 5 0.86 1.20 -13.19
CA ALA A 5 0.31 -0.01 -12.62
C ALA A 5 -0.07 0.23 -11.17
N VAL A 6 0.89 0.82 -10.47
CA VAL A 6 0.83 1.40 -9.14
C VAL A 6 -0.32 2.41 -9.06
N GLN A 7 -0.53 3.27 -10.07
CA GLN A 7 -1.62 4.26 -10.03
C GLN A 7 -2.99 3.60 -10.06
N ASP A 8 -3.20 2.79 -11.07
CA ASP A 8 -4.40 1.98 -11.33
C ASP A 8 -4.78 1.05 -10.15
N PHE A 9 -3.79 0.40 -9.53
CA PHE A 9 -3.94 -0.30 -8.25
C PHE A 9 -4.38 0.66 -7.14
N VAL A 10 -3.66 1.77 -6.97
CA VAL A 10 -3.92 2.75 -5.90
C VAL A 10 -5.38 3.23 -5.91
N VAL A 11 -5.89 3.70 -7.05
CA VAL A 11 -7.31 4.14 -7.20
C VAL A 11 -8.40 3.13 -6.87
N ASP A 12 -8.10 1.83 -6.81
CA ASP A 12 -9.01 0.84 -6.22
C ASP A 12 -9.32 1.18 -4.75
N ILE A 13 -8.31 1.25 -3.88
CA ILE A 13 -8.44 1.69 -2.47
C ILE A 13 -8.98 3.11 -2.49
N LEU A 14 -8.36 3.97 -3.33
CA LEU A 14 -8.40 5.41 -3.14
C LEU A 14 -9.83 5.96 -3.29
N LEU A 15 -10.44 5.66 -4.44
CA LEU A 15 -11.78 6.13 -4.80
C LEU A 15 -12.80 5.00 -4.69
N ASN A 16 -12.46 3.81 -5.21
CA ASN A 16 -13.39 2.69 -5.17
C ASN A 16 -13.51 2.10 -3.74
N GLY A 17 -12.54 2.34 -2.85
CA GLY A 17 -12.44 1.73 -1.51
C GLY A 17 -11.89 0.30 -1.53
N ALA A 18 -11.16 -0.03 -0.47
CA ALA A 18 -10.47 -1.29 -0.27
C ALA A 18 -11.39 -2.47 0.07
N ARG A 19 -10.78 -3.61 0.41
CA ARG A 19 -11.36 -4.63 1.31
C ARG A 19 -11.60 -4.04 2.71
N ASP A 20 -11.58 -4.94 3.72
CA ASP A 20 -11.67 -4.66 5.18
C ASP A 20 -10.82 -3.48 5.73
N TRP A 21 -9.98 -2.86 4.90
CA TRP A 21 -9.14 -1.73 5.26
C TRP A 21 -9.93 -0.42 5.33
N ASP A 22 -9.42 0.46 6.17
CA ASP A 22 -9.83 1.86 6.28
C ASP A 22 -8.96 2.65 5.28
N VAL A 23 -9.45 3.77 4.78
CA VAL A 23 -8.83 4.47 3.64
C VAL A 23 -8.20 5.70 4.20
N LEU A 24 -6.91 5.55 4.33
CA LEU A 24 -6.06 6.46 5.03
C LEU A 24 -4.96 6.92 4.11
N GLN A 25 -5.20 8.13 3.64
CA GLN A 25 -4.27 8.85 2.80
C GLN A 25 -3.26 9.53 3.69
N THR A 26 -2.19 8.79 3.99
CA THR A 26 -1.06 9.26 4.77
C THR A 26 0.28 8.83 4.15
N THR A 27 1.40 9.06 4.82
CA THR A 27 2.72 8.60 4.37
C THR A 27 3.43 8.19 5.64
N CYS A 28 4.12 7.05 5.58
CA CYS A 28 4.79 6.44 6.70
C CYS A 28 6.28 6.52 6.54
N THR A 29 7.01 6.75 7.64
CA THR A 29 8.45 6.67 7.64
C THR A 29 8.97 5.36 8.20
N VAL A 30 9.81 4.69 7.38
CA VAL A 30 10.51 3.42 7.71
C VAL A 30 11.72 3.24 6.75
N ASP A 31 12.80 2.51 7.12
CA ASP A 31 13.91 2.10 6.20
C ASP A 31 14.75 3.32 5.76
N ARG A 32 14.65 4.43 6.51
CA ARG A 32 15.25 5.75 6.24
C ARG A 32 14.57 6.43 5.02
N LYS A 33 13.34 6.00 4.72
CA LYS A 33 12.51 6.43 3.57
C LYS A 33 11.07 6.69 4.04
N VAL A 34 10.35 7.52 3.31
CA VAL A 34 8.92 7.75 3.49
C VAL A 34 8.17 7.24 2.27
N TYR A 35 7.17 6.43 2.57
CA TYR A 35 6.30 5.69 1.67
C TYR A 35 4.88 6.21 1.77
N LYS A 36 4.15 6.28 0.65
CA LYS A 36 2.83 6.87 0.67
C LYS A 36 1.73 5.81 0.76
N THR A 37 0.94 5.91 1.83
CA THR A 37 -0.01 4.90 2.28
C THR A 37 -1.41 5.28 1.85
N ILE A 38 -2.18 4.27 1.47
CA ILE A 38 -3.49 4.41 0.84
C ILE A 38 -4.62 4.10 1.80
N CYS A 39 -4.34 3.08 2.61
CA CYS A 39 -5.28 2.39 3.45
C CYS A 39 -4.54 1.81 4.63
N LYS A 40 -5.25 1.67 5.75
CA LYS A 40 -4.81 0.87 6.84
C LYS A 40 -5.79 -0.19 7.33
N ARG A 41 -5.25 -1.27 7.84
CA ARG A 41 -6.00 -2.25 8.60
C ARG A 41 -5.18 -2.67 9.80
N GLY A 42 -5.70 -2.38 10.96
CA GLY A 42 -4.95 -2.61 12.19
C GLY A 42 -3.69 -1.77 12.26
N ASN A 43 -2.58 -2.39 12.64
CA ASN A 43 -1.26 -1.80 12.64
C ASN A 43 -0.53 -1.78 11.27
N THR A 44 -1.26 -2.14 10.18
CA THR A 44 -0.74 -2.25 8.81
C THR A 44 -1.37 -1.29 7.86
N TYR A 45 -0.55 -0.73 6.94
CA TYR A 45 -0.61 0.59 6.28
C TYR A 45 -0.05 0.22 4.99
N LEU A 46 -0.90 0.07 3.98
CA LEU A 46 -0.44 -0.35 2.65
C LEU A 46 -0.02 0.89 1.88
N CYS A 47 1.13 0.86 1.26
CA CYS A 47 1.79 1.99 0.61
C CYS A 47 2.35 1.62 -0.75
N PHE A 48 2.86 2.64 -1.43
CA PHE A 48 3.53 2.54 -2.71
C PHE A 48 4.83 3.32 -2.76
N ASP A 49 5.70 2.91 -3.69
CA ASP A 49 6.64 3.85 -4.32
C ASP A 49 6.49 3.78 -5.85
N ASP A 50 7.57 4.05 -6.57
CA ASP A 50 7.54 4.06 -8.04
C ASP A 50 7.21 2.72 -8.69
N THR A 51 7.63 1.69 -7.97
CA THR A 51 8.18 0.47 -8.50
C THR A 51 7.23 -0.70 -8.25
N ASN A 52 6.40 -0.54 -7.21
CA ASN A 52 5.83 -1.53 -6.36
C ASN A 52 5.30 -0.86 -5.10
N LEU A 53 4.84 -1.71 -4.19
CA LEU A 53 4.05 -1.43 -3.02
C LEU A 53 4.74 -1.98 -1.78
N TYR A 54 4.27 -1.58 -0.60
CA TYR A 54 4.82 -2.03 0.68
C TYR A 54 3.66 -2.14 1.68
N ALA A 55 3.70 -3.05 2.65
CA ALA A 55 2.80 -3.03 3.79
C ALA A 55 3.61 -2.73 5.03
N ILE A 56 3.52 -1.51 5.55
CA ILE A 56 4.23 -1.15 6.79
C ILE A 56 3.33 -1.57 7.95
N THR A 57 3.69 -2.70 8.56
CA THR A 57 3.03 -3.28 9.71
C THR A 57 3.88 -2.92 10.93
N GLY A 58 3.45 -1.93 11.71
CA GLY A 58 4.25 -1.37 12.80
C GLY A 58 5.45 -0.60 12.24
N ASP A 59 6.58 -1.28 12.17
CA ASP A 59 7.85 -0.80 11.59
C ASP A 59 8.33 -1.78 10.49
N VAL A 60 7.51 -2.79 10.17
CA VAL A 60 7.82 -3.86 9.20
C VAL A 60 7.35 -3.42 7.84
N VAL A 61 8.27 -2.82 7.07
CA VAL A 61 8.03 -2.43 5.68
C VAL A 61 8.09 -3.67 4.78
N LEU A 62 6.94 -4.34 4.64
CA LEU A 62 6.87 -5.56 3.83
C LEU A 62 6.71 -5.15 2.36
N LYS A 63 7.82 -4.98 1.66
CA LYS A 63 7.86 -4.77 0.21
C LYS A 63 7.20 -5.91 -0.59
N PHE A 64 6.43 -5.52 -1.59
CA PHE A 64 5.94 -6.37 -2.65
C PHE A 64 6.86 -6.17 -3.88
N ALA A 65 7.13 -7.20 -4.69
CA ALA A 65 7.81 -7.02 -5.99
C ALA A 65 6.93 -6.44 -7.11
N THR A 66 5.61 -6.40 -6.92
CA THR A 66 4.61 -6.16 -7.97
C THR A 66 3.54 -5.38 -7.29
N VAL A 67 2.74 -4.81 -8.15
CA VAL A 67 1.56 -4.19 -7.65
C VAL A 67 0.51 -5.26 -7.25
N SER A 68 0.33 -6.33 -8.04
CA SER A 68 -0.74 -7.31 -7.79
C SER A 68 -0.50 -8.13 -6.51
N LYS A 69 0.74 -8.21 -6.00
CA LYS A 69 0.96 -8.82 -4.69
C LYS A 69 0.20 -8.14 -3.57
N ALA A 70 0.22 -6.80 -3.57
CA ALA A 70 -0.55 -6.02 -2.60
C ALA A 70 -2.07 -6.24 -2.73
N ARG A 71 -2.53 -6.61 -3.94
CA ARG A 71 -3.93 -6.76 -4.27
C ARG A 71 -4.55 -7.99 -3.64
N ALA A 72 -3.72 -9.00 -3.49
CA ALA A 72 -3.99 -10.18 -2.70
C ALA A 72 -3.71 -9.92 -1.22
N TYR A 73 -2.78 -9.01 -0.87
CA TYR A 73 -2.45 -8.63 0.51
C TYR A 73 -3.69 -8.10 1.22
N LEU A 74 -4.41 -7.21 0.56
CA LEU A 74 -5.58 -6.60 1.13
C LEU A 74 -6.68 -7.58 1.55
N GLU A 75 -6.84 -8.70 0.82
CA GLU A 75 -7.84 -9.72 1.12
C GLU A 75 -7.26 -10.96 1.81
N THR A 76 -5.97 -10.93 2.15
CA THR A 76 -5.23 -12.03 2.80
C THR A 76 -4.50 -11.53 4.04
N LYS A 77 -5.20 -11.69 5.18
CA LYS A 77 -4.78 -11.38 6.54
C LYS A 77 -4.90 -9.94 6.98
N SER A 1 7.61 1.15 -17.41
CA SER A 1 6.31 0.82 -16.83
C SER A 1 6.28 1.14 -15.33
N HIS A 2 5.15 1.57 -14.77
CA HIS A 2 5.00 2.10 -13.39
C HIS A 2 3.58 2.65 -13.22
N MET A 3 3.35 3.88 -13.72
CA MET A 3 2.09 4.66 -13.81
C MET A 3 0.92 3.97 -14.53
N THR A 4 1.07 2.69 -14.89
CA THR A 4 -0.01 1.86 -15.35
C THR A 4 -0.40 0.99 -14.18
N ALA A 5 0.47 0.05 -13.81
CA ALA A 5 0.23 -0.90 -12.73
C ALA A 5 -0.07 -0.19 -11.38
N VAL A 6 0.83 0.70 -10.99
CA VAL A 6 0.83 1.44 -9.72
C VAL A 6 -0.38 2.36 -9.63
N GLN A 7 -0.81 2.93 -10.76
CA GLN A 7 -1.88 3.88 -10.75
C GLN A 7 -3.20 3.16 -10.60
N ASP A 8 -3.49 2.34 -11.59
CA ASP A 8 -4.60 1.36 -11.65
C ASP A 8 -4.80 0.60 -10.33
N PHE A 9 -3.71 0.12 -9.71
CA PHE A 9 -3.76 -0.48 -8.38
C PHE A 9 -4.26 0.54 -7.34
N VAL A 10 -3.58 1.70 -7.24
CA VAL A 10 -3.87 2.71 -6.20
C VAL A 10 -5.32 3.17 -6.20
N VAL A 11 -5.88 3.55 -7.37
CA VAL A 11 -7.29 4.00 -7.49
C VAL A 11 -8.37 2.98 -7.16
N ASP A 12 -8.03 1.70 -7.15
CA ASP A 12 -8.90 0.68 -6.58
C ASP A 12 -9.21 0.98 -5.09
N ILE A 13 -8.19 1.19 -4.24
CA ILE A 13 -8.35 1.64 -2.83
C ILE A 13 -8.98 3.03 -2.85
N LEU A 14 -8.48 3.92 -3.70
CA LEU A 14 -8.69 5.36 -3.54
C LEU A 14 -10.13 5.83 -3.86
N LEU A 15 -10.67 5.42 -5.02
CA LEU A 15 -12.02 5.82 -5.46
C LEU A 15 -13.01 4.70 -5.31
N ASN A 16 -12.60 3.44 -5.56
CA ASN A 16 -13.51 2.32 -5.45
C ASN A 16 -13.59 1.72 -4.01
N GLY A 17 -12.58 1.96 -3.19
CA GLY A 17 -12.37 1.33 -1.90
C GLY A 17 -11.56 0.04 -1.95
N ALA A 18 -10.97 -0.26 -0.80
CA ALA A 18 -10.28 -1.52 -0.52
C ALA A 18 -11.26 -2.69 -0.19
N ARG A 19 -10.67 -3.82 0.20
CA ARG A 19 -11.11 -4.63 1.34
C ARG A 19 -11.57 -3.79 2.53
N ASP A 20 -11.75 -4.49 3.64
CA ASP A 20 -12.05 -4.09 5.01
C ASP A 20 -11.16 -3.00 5.65
N TRP A 21 -10.23 -2.44 4.87
CA TRP A 21 -9.38 -1.33 5.27
C TRP A 21 -10.13 0.01 5.28
N ASP A 22 -9.57 0.93 6.05
CA ASP A 22 -10.02 2.31 6.07
C ASP A 22 -9.07 3.05 5.14
N VAL A 23 -9.48 4.16 4.55
CA VAL A 23 -8.85 4.78 3.40
C VAL A 23 -8.21 5.97 4.01
N LEU A 24 -6.92 5.77 4.15
CA LEU A 24 -6.03 6.60 4.90
C LEU A 24 -4.83 6.93 4.02
N GLN A 25 -4.87 8.15 3.51
CA GLN A 25 -3.69 8.82 2.98
C GLN A 25 -2.98 9.58 4.10
N THR A 26 -2.10 8.85 4.75
CA THR A 26 -1.07 9.33 5.67
C THR A 26 0.29 8.90 5.07
N THR A 27 1.39 9.17 5.77
CA THR A 27 2.73 8.78 5.30
C THR A 27 3.41 8.15 6.46
N CYS A 28 4.10 7.07 6.15
CA CYS A 28 4.95 6.34 7.05
C CYS A 28 6.41 6.64 6.75
N THR A 29 7.27 6.43 7.75
CA THR A 29 8.73 6.45 7.65
C THR A 29 9.33 5.17 8.21
N VAL A 30 9.97 4.40 7.32
CA VAL A 30 10.69 3.17 7.63
C VAL A 30 11.91 2.93 6.69
N ASP A 31 12.98 2.31 7.21
CA ASP A 31 14.16 1.92 6.45
C ASP A 31 15.04 3.09 5.98
N ARG A 32 14.85 4.23 6.65
CA ARG A 32 15.35 5.59 6.29
C ARG A 32 14.57 6.21 5.10
N LYS A 33 13.45 5.62 4.73
CA LYS A 33 12.64 6.03 3.57
C LYS A 33 11.26 6.40 4.12
N VAL A 34 10.56 7.30 3.45
CA VAL A 34 9.15 7.56 3.71
C VAL A 34 8.38 6.87 2.58
N TYR A 35 7.20 6.36 2.94
CA TYR A 35 6.22 5.84 2.03
C TYR A 35 4.88 6.53 2.28
N LYS A 36 4.08 6.64 1.24
CA LYS A 36 2.76 7.23 1.34
C LYS A 36 1.67 6.17 1.31
N THR A 37 0.79 6.18 2.31
CA THR A 37 -0.20 5.15 2.56
C THR A 37 -1.44 5.40 1.71
N ILE A 38 -2.22 4.37 1.49
CA ILE A 38 -3.55 4.48 0.88
C ILE A 38 -4.64 4.10 1.84
N CYS A 39 -4.33 3.07 2.60
CA CYS A 39 -5.30 2.39 3.41
C CYS A 39 -4.63 1.78 4.58
N LYS A 40 -5.33 1.87 5.70
CA LYS A 40 -4.94 1.27 6.93
C LYS A 40 -5.89 0.19 7.40
N ARG A 41 -5.31 -0.88 7.91
CA ARG A 41 -6.06 -1.85 8.67
C ARG A 41 -5.16 -2.31 9.78
N GLY A 42 -5.63 -2.08 10.99
CA GLY A 42 -4.97 -2.58 12.16
C GLY A 42 -3.69 -1.81 12.41
N ASN A 43 -2.60 -2.56 12.51
CA ASN A 43 -1.24 -2.02 12.52
C ASN A 43 -0.62 -1.93 11.12
N THR A 44 -1.38 -2.27 10.07
CA THR A 44 -0.88 -2.25 8.69
C THR A 44 -1.47 -1.09 7.89
N TYR A 45 -0.68 -0.63 6.95
CA TYR A 45 -0.72 0.57 6.19
C TYR A 45 -0.07 0.11 4.91
N LEU A 46 -0.90 0.06 3.90
CA LEU A 46 -0.47 -0.28 2.58
C LEU A 46 -0.01 1.04 1.96
N CYS A 47 1.25 1.07 1.50
CA CYS A 47 1.90 2.26 0.97
C CYS A 47 2.47 1.99 -0.40
N PHE A 48 2.92 3.04 -1.07
CA PHE A 48 3.50 2.91 -2.38
C PHE A 48 4.71 3.81 -2.57
N ASP A 49 5.55 3.42 -3.51
CA ASP A 49 6.47 4.36 -4.20
C ASP A 49 6.15 4.39 -5.69
N ASP A 50 7.09 4.91 -6.47
CA ASP A 50 7.00 4.97 -7.91
C ASP A 50 7.09 3.63 -8.65
N THR A 51 7.42 2.59 -7.90
CA THR A 51 8.14 1.40 -8.36
C THR A 51 7.37 0.10 -8.13
N ASN A 52 6.56 0.11 -7.07
CA ASN A 52 5.99 -0.99 -6.32
C ASN A 52 5.38 -0.44 -5.01
N LEU A 53 4.80 -1.36 -4.22
CA LEU A 53 4.16 -1.07 -2.95
C LEU A 53 4.91 -1.69 -1.78
N TYR A 54 4.44 -1.42 -0.57
CA TYR A 54 4.99 -1.97 0.66
C TYR A 54 3.84 -2.02 1.66
N ALA A 55 3.69 -3.10 2.43
CA ALA A 55 2.89 -3.05 3.65
C ALA A 55 3.85 -2.79 4.79
N ILE A 56 3.74 -1.63 5.44
CA ILE A 56 4.41 -1.42 6.72
C ILE A 56 3.45 -1.92 7.79
N THR A 57 3.71 -3.14 8.24
CA THR A 57 2.90 -3.85 9.23
C THR A 57 3.60 -3.71 10.56
N GLY A 58 3.15 -2.80 11.40
CA GLY A 58 3.70 -2.38 12.70
C GLY A 58 4.95 -1.50 12.58
N ASP A 59 5.83 -1.98 11.72
CA ASP A 59 7.24 -1.57 11.43
C ASP A 59 7.98 -2.50 10.40
N VAL A 60 7.33 -3.62 9.98
CA VAL A 60 7.80 -4.56 8.98
C VAL A 60 7.47 -3.95 7.63
N VAL A 61 8.49 -3.45 6.94
CA VAL A 61 8.37 -2.97 5.56
C VAL A 61 8.42 -4.13 4.59
N LEU A 62 7.24 -4.69 4.34
CA LEU A 62 7.11 -5.80 3.41
C LEU A 62 6.92 -5.24 2.00
N LYS A 63 8.05 -5.00 1.32
CA LYS A 63 8.05 -4.66 -0.11
C LYS A 63 7.30 -5.70 -0.92
N PHE A 64 6.47 -5.24 -1.84
CA PHE A 64 5.88 -6.08 -2.87
C PHE A 64 6.78 -6.08 -4.11
N ALA A 65 6.97 -7.26 -4.69
CA ALA A 65 7.64 -7.42 -5.99
C ALA A 65 6.77 -7.04 -7.18
N THR A 66 5.60 -6.45 -6.96
CA THR A 66 4.65 -6.08 -7.98
C THR A 66 3.89 -4.99 -7.33
N VAL A 67 2.98 -4.48 -8.10
CA VAL A 67 1.88 -3.75 -7.54
C VAL A 67 0.76 -4.68 -7.10
N SER A 68 0.34 -5.59 -7.98
CA SER A 68 -0.86 -6.41 -7.78
C SER A 68 -0.75 -7.30 -6.51
N LYS A 69 0.48 -7.56 -6.01
CA LYS A 69 0.68 -8.22 -4.72
C LYS A 69 -0.10 -7.55 -3.59
N ALA A 70 0.03 -6.22 -3.50
CA ALA A 70 -0.64 -5.41 -2.51
C ALA A 70 -2.16 -5.67 -2.41
N ARG A 71 -2.82 -6.12 -3.49
CA ARG A 71 -4.26 -6.41 -3.52
C ARG A 71 -4.65 -7.72 -2.82
N ALA A 72 -3.81 -8.73 -2.96
CA ALA A 72 -3.90 -9.98 -2.24
C ALA A 72 -3.38 -9.83 -0.80
N TYR A 73 -2.59 -8.78 -0.51
CA TYR A 73 -2.20 -8.40 0.86
C TYR A 73 -3.40 -7.95 1.67
N LEU A 74 -4.23 -7.10 1.07
CA LEU A 74 -5.44 -6.55 1.66
C LEU A 74 -6.47 -7.57 2.19
N GLU A 75 -6.42 -8.81 1.69
CA GLU A 75 -7.23 -9.94 2.20
C GLU A 75 -6.43 -11.04 2.92
N THR A 76 -5.11 -10.87 3.08
CA THR A 76 -4.20 -11.84 3.72
C THR A 76 -3.44 -11.23 4.93
N LYS A 77 -4.23 -10.74 5.90
CA LYS A 77 -3.88 -10.12 7.18
C LYS A 77 -3.40 -8.67 7.09
N SER A 1 7.79 2.49 -17.43
CA SER A 1 6.95 1.62 -16.58
C SER A 1 7.12 1.97 -15.11
N HIS A 2 6.09 2.47 -14.42
CA HIS A 2 6.18 3.02 -13.04
C HIS A 2 4.77 3.45 -12.54
N MET A 3 4.39 4.72 -12.75
CA MET A 3 3.07 5.35 -12.59
C MET A 3 1.95 4.78 -13.50
N THR A 4 2.05 3.49 -13.83
CA THR A 4 1.14 2.78 -14.71
C THR A 4 0.37 1.74 -13.91
N ALA A 5 1.04 0.68 -13.46
CA ALA A 5 0.40 -0.36 -12.65
C ALA A 5 0.25 0.09 -11.19
N VAL A 6 1.25 0.80 -10.66
CA VAL A 6 1.27 1.33 -9.29
C VAL A 6 0.12 2.32 -9.10
N GLN A 7 -0.21 3.06 -10.16
CA GLN A 7 -1.22 4.08 -10.19
C GLN A 7 -2.61 3.45 -10.09
N ASP A 8 -2.89 2.66 -11.12
CA ASP A 8 -4.07 1.82 -11.38
C ASP A 8 -4.44 0.87 -10.22
N PHE A 9 -3.44 0.24 -9.59
CA PHE A 9 -3.66 -0.46 -8.34
C PHE A 9 -4.08 0.50 -7.21
N VAL A 10 -3.33 1.59 -7.02
CA VAL A 10 -3.54 2.51 -5.89
C VAL A 10 -4.96 3.09 -5.89
N VAL A 11 -5.44 3.55 -7.05
CA VAL A 11 -6.78 4.16 -7.26
C VAL A 11 -7.98 3.27 -6.84
N ASP A 12 -7.75 1.96 -6.73
CA ASP A 12 -8.73 0.96 -6.29
C ASP A 12 -9.15 1.23 -4.84
N ILE A 13 -8.23 1.18 -3.88
CA ILE A 13 -8.42 1.63 -2.47
C ILE A 13 -8.90 3.09 -2.51
N LEU A 14 -8.24 3.88 -3.36
CA LEU A 14 -8.40 5.33 -3.39
C LEU A 14 -9.83 5.84 -3.72
N LEU A 15 -10.37 5.45 -4.88
CA LEU A 15 -11.67 5.91 -5.39
C LEU A 15 -12.71 4.82 -5.22
N ASN A 16 -12.32 3.57 -5.50
CA ASN A 16 -13.22 2.43 -5.42
C ASN A 16 -13.31 1.84 -4.00
N GLY A 17 -12.47 2.29 -3.05
CA GLY A 17 -12.46 1.80 -1.68
C GLY A 17 -12.05 0.33 -1.56
N ALA A 18 -12.49 -0.33 -0.49
CA ALA A 18 -11.72 -1.47 0.03
C ALA A 18 -12.54 -2.71 0.40
N ARG A 19 -11.76 -3.81 0.49
CA ARG A 19 -11.74 -4.81 1.57
C ARG A 19 -11.79 -4.18 2.95
N ASP A 20 -11.46 -4.99 3.93
CA ASP A 20 -11.51 -4.75 5.36
C ASP A 20 -10.71 -3.54 5.88
N TRP A 21 -10.09 -2.74 4.99
CA TRP A 21 -9.28 -1.59 5.32
C TRP A 21 -10.07 -0.28 5.32
N ASP A 22 -9.58 0.63 6.16
CA ASP A 22 -9.96 2.04 6.21
C ASP A 22 -9.06 2.81 5.26
N VAL A 23 -9.52 3.93 4.71
CA VAL A 23 -8.89 4.57 3.55
C VAL A 23 -8.26 5.81 4.08
N LEU A 24 -6.95 5.68 4.19
CA LEU A 24 -6.08 6.61 4.85
C LEU A 24 -4.95 7.02 3.92
N GLN A 25 -5.16 8.20 3.36
CA GLN A 25 -4.06 8.99 2.83
C GLN A 25 -3.26 9.58 3.99
N THR A 26 -2.14 8.95 4.29
CA THR A 26 -1.06 9.46 5.15
C THR A 26 0.30 9.03 4.58
N THR A 27 1.42 9.37 5.21
CA THR A 27 2.75 8.90 4.80
C THR A 27 3.46 8.26 6.00
N CYS A 28 4.16 7.15 5.80
CA CYS A 28 4.81 6.39 6.88
C CYS A 28 6.31 6.20 6.66
N THR A 29 7.07 6.00 7.74
CA THR A 29 8.54 6.17 7.81
C THR A 29 9.17 4.83 8.09
N VAL A 30 9.98 4.30 7.15
CA VAL A 30 10.72 3.04 7.32
C VAL A 30 11.95 2.98 6.38
N ASP A 31 13.08 2.36 6.79
CA ASP A 31 14.28 2.18 5.94
C ASP A 31 14.95 3.52 5.55
N ARG A 32 14.68 4.52 6.39
CA ARG A 32 15.13 5.93 6.28
C ARG A 32 14.44 6.66 5.10
N LYS A 33 13.37 6.06 4.59
CA LYS A 33 12.49 6.52 3.52
C LYS A 33 11.15 6.82 4.17
N VAL A 34 10.38 7.67 3.52
CA VAL A 34 8.95 7.84 3.83
C VAL A 34 8.12 7.48 2.60
N TYR A 35 7.25 6.49 2.79
CA TYR A 35 6.32 5.91 1.83
C TYR A 35 4.95 6.54 1.98
N LYS A 36 4.10 6.38 0.97
CA LYS A 36 2.80 7.02 0.99
C LYS A 36 1.67 6.00 0.99
N THR A 37 0.78 6.15 1.96
CA THR A 37 -0.18 5.13 2.37
C THR A 37 -1.49 5.38 1.68
N ILE A 38 -2.23 4.31 1.45
CA ILE A 38 -3.57 4.39 0.84
C ILE A 38 -4.65 4.07 1.85
N CYS A 39 -4.33 3.10 2.70
CA CYS A 39 -5.28 2.41 3.53
C CYS A 39 -4.57 1.84 4.72
N LYS A 40 -5.35 1.69 5.77
CA LYS A 40 -4.96 1.12 7.02
C LYS A 40 -5.89 0.01 7.47
N ARG A 41 -5.33 -1.06 8.04
CA ARG A 41 -6.08 -1.98 8.87
C ARG A 41 -5.27 -2.36 10.09
N GLY A 42 -5.79 -1.94 11.23
CA GLY A 42 -5.11 -2.16 12.50
C GLY A 42 -3.80 -1.43 12.57
N ASN A 43 -2.75 -2.20 12.86
CA ASN A 43 -1.38 -1.69 12.87
C ASN A 43 -0.78 -1.55 11.46
N THR A 44 -1.49 -2.02 10.43
CA THR A 44 -0.95 -2.11 9.05
C THR A 44 -1.52 -1.02 8.13
N TYR A 45 -0.70 -0.58 7.19
CA TYR A 45 -0.74 0.61 6.37
C TYR A 45 -0.09 0.10 5.10
N LEU A 46 -0.84 0.24 4.03
CA LEU A 46 -0.48 -0.27 2.74
C LEU A 46 -0.05 0.95 1.95
N CYS A 47 1.17 0.92 1.42
CA CYS A 47 1.87 2.09 0.93
C CYS A 47 2.49 1.79 -0.44
N PHE A 48 2.83 2.83 -1.19
CA PHE A 48 3.42 2.73 -2.52
C PHE A 48 4.52 3.77 -2.74
N ASP A 49 5.50 3.43 -3.59
CA ASP A 49 6.44 4.40 -4.17
C ASP A 49 6.28 4.40 -5.69
N ASP A 50 7.35 4.72 -6.40
CA ASP A 50 7.31 4.93 -7.84
C ASP A 50 7.28 3.64 -8.70
N THR A 51 7.54 2.51 -8.05
CA THR A 51 7.93 1.20 -8.61
C THR A 51 6.96 0.06 -8.31
N ASN A 52 6.26 0.14 -7.18
CA ASN A 52 5.75 -0.97 -6.39
C ASN A 52 5.22 -0.47 -5.05
N LEU A 53 4.65 -1.41 -4.30
CA LEU A 53 4.12 -1.22 -2.98
C LEU A 53 5.00 -1.82 -1.91
N TYR A 54 4.63 -1.45 -0.69
CA TYR A 54 5.18 -1.99 0.53
C TYR A 54 4.03 -2.06 1.52
N ALA A 55 3.86 -3.18 2.22
CA ALA A 55 3.00 -3.16 3.40
C ALA A 55 3.93 -2.78 4.52
N ILE A 56 3.68 -1.66 5.18
CA ILE A 56 4.30 -1.42 6.46
C ILE A 56 3.32 -1.90 7.53
N THR A 57 3.58 -3.12 8.01
CA THR A 57 2.79 -3.75 9.07
C THR A 57 3.41 -3.31 10.39
N GLY A 58 2.91 -2.20 10.91
CA GLY A 58 3.50 -1.44 12.00
C GLY A 58 4.76 -0.70 11.52
N ASP A 59 5.81 -1.50 11.32
CA ASP A 59 7.22 -1.15 11.01
C ASP A 59 7.92 -2.25 10.19
N VAL A 60 7.15 -3.30 9.83
CA VAL A 60 7.57 -4.41 8.98
C VAL A 60 7.33 -3.98 7.56
N VAL A 61 8.40 -3.50 6.92
CA VAL A 61 8.38 -3.16 5.48
C VAL A 61 8.46 -4.40 4.61
N LEU A 62 7.31 -4.79 4.08
CA LEU A 62 7.17 -5.81 3.08
C LEU A 62 7.01 -5.16 1.71
N LYS A 63 8.16 -4.90 1.11
CA LYS A 63 8.37 -4.52 -0.30
C LYS A 63 7.83 -5.59 -1.26
N PHE A 64 6.71 -5.31 -1.94
CA PHE A 64 6.05 -6.21 -2.89
C PHE A 64 6.79 -6.24 -4.23
N ALA A 65 7.04 -7.42 -4.80
CA ALA A 65 7.62 -7.57 -6.15
C ALA A 65 6.70 -7.11 -7.30
N THR A 66 5.46 -6.72 -7.01
CA THR A 66 4.46 -6.31 -7.96
C THR A 66 3.61 -5.35 -7.19
N VAL A 67 2.77 -4.74 -7.98
CA VAL A 67 1.68 -4.01 -7.44
C VAL A 67 0.54 -4.95 -7.06
N SER A 68 0.25 -5.92 -7.95
CA SER A 68 -0.85 -6.88 -7.78
C SER A 68 -0.78 -7.70 -6.47
N LYS A 69 0.42 -7.84 -5.91
CA LYS A 69 0.65 -8.52 -4.64
C LYS A 69 -0.13 -7.88 -3.53
N ALA A 70 0.03 -6.56 -3.40
CA ALA A 70 -0.71 -5.78 -2.40
C ALA A 70 -2.25 -6.00 -2.39
N ARG A 71 -2.83 -6.42 -3.52
CA ARG A 71 -4.27 -6.69 -3.72
C ARG A 71 -4.67 -8.01 -3.07
N ALA A 72 -3.86 -9.02 -3.14
CA ALA A 72 -4.04 -10.28 -2.41
C ALA A 72 -3.73 -10.08 -0.89
N TYR A 73 -2.79 -9.18 -0.55
CA TYR A 73 -2.39 -8.90 0.80
C TYR A 73 -3.54 -8.33 1.58
N LEU A 74 -4.32 -7.50 0.88
CA LEU A 74 -5.51 -6.85 1.46
C LEU A 74 -6.57 -7.84 1.96
N GLU A 75 -6.66 -9.01 1.37
CA GLU A 75 -7.59 -10.05 1.86
C GLU A 75 -6.90 -11.25 2.54
N THR A 76 -5.51 -11.33 2.63
CA THR A 76 -4.77 -12.41 3.29
C THR A 76 -3.29 -11.97 3.56
N LYS A 77 -3.00 -11.95 4.87
CA LYS A 77 -1.66 -11.79 5.53
C LYS A 77 -0.45 -12.62 4.98
N SER A 1 7.55 0.50 -17.08
CA SER A 1 6.33 1.04 -16.41
C SER A 1 6.61 1.54 -15.01
N HIS A 2 5.85 2.53 -14.52
CA HIS A 2 5.94 3.04 -13.13
C HIS A 2 4.52 3.47 -12.64
N MET A 3 4.14 4.74 -12.92
CA MET A 3 2.85 5.39 -12.69
C MET A 3 1.70 4.80 -13.52
N THR A 4 1.78 3.55 -13.95
CA THR A 4 0.74 2.86 -14.67
C THR A 4 0.16 1.75 -13.82
N ALA A 5 0.94 0.74 -13.49
CA ALA A 5 0.47 -0.39 -12.69
C ALA A 5 0.18 0.07 -11.23
N VAL A 6 1.11 0.82 -10.62
CA VAL A 6 1.03 1.29 -9.24
C VAL A 6 -0.14 2.25 -9.04
N GLN A 7 -0.46 2.99 -10.10
CA GLN A 7 -1.48 4.00 -10.18
C GLN A 7 -2.88 3.38 -10.14
N ASP A 8 -3.13 2.60 -11.18
CA ASP A 8 -4.32 1.76 -11.47
C ASP A 8 -4.65 0.84 -10.28
N PHE A 9 -3.64 0.30 -9.59
CA PHE A 9 -3.84 -0.39 -8.33
C PHE A 9 -4.34 0.55 -7.21
N VAL A 10 -3.61 1.63 -6.96
CA VAL A 10 -3.94 2.60 -5.88
C VAL A 10 -5.40 3.07 -5.93
N VAL A 11 -5.87 3.58 -7.08
CA VAL A 11 -7.22 4.18 -7.27
C VAL A 11 -8.40 3.28 -6.81
N ASP A 12 -8.19 1.96 -6.73
CA ASP A 12 -9.15 0.93 -6.31
C ASP A 12 -9.49 1.03 -4.82
N ILE A 13 -8.49 1.09 -3.94
CA ILE A 13 -8.61 1.52 -2.51
C ILE A 13 -9.14 2.95 -2.48
N LEU A 14 -8.55 3.77 -3.34
CA LEU A 14 -8.60 5.21 -3.26
C LEU A 14 -10.02 5.77 -3.39
N LEU A 15 -10.68 5.48 -4.52
CA LEU A 15 -11.98 5.98 -4.96
C LEU A 15 -13.08 4.95 -4.67
N ASN A 16 -12.83 3.72 -5.09
CA ASN A 16 -13.80 2.62 -4.93
C ASN A 16 -13.76 2.01 -3.54
N GLY A 17 -12.70 2.25 -2.72
CA GLY A 17 -12.54 1.67 -1.41
C GLY A 17 -11.97 0.24 -1.45
N ALA A 18 -11.16 -0.06 -0.45
CA ALA A 18 -10.51 -1.35 -0.26
C ALA A 18 -11.50 -2.50 -0.01
N ARG A 19 -10.91 -3.67 0.26
CA ARG A 19 -11.42 -4.70 1.15
C ARG A 19 -11.66 -4.11 2.56
N ASP A 20 -11.58 -4.97 3.56
CA ASP A 20 -11.73 -4.72 5.00
C ASP A 20 -10.85 -3.57 5.65
N TRP A 21 -10.12 -2.80 4.83
CA TRP A 21 -9.24 -1.71 5.18
C TRP A 21 -9.99 -0.39 5.32
N ASP A 22 -9.41 0.51 6.16
CA ASP A 22 -9.75 1.92 6.28
C ASP A 22 -8.81 2.82 5.46
N VAL A 23 -9.42 3.81 4.78
CA VAL A 23 -8.80 4.39 3.58
C VAL A 23 -8.18 5.71 4.01
N LEU A 24 -6.86 5.58 4.15
CA LEU A 24 -6.00 6.58 4.74
C LEU A 24 -4.90 6.94 3.74
N GLN A 25 -4.94 8.20 3.38
CA GLN A 25 -3.83 8.86 2.72
C GLN A 25 -3.02 9.57 3.80
N THR A 26 -2.04 8.82 4.26
CA THR A 26 -0.94 9.26 5.11
C THR A 26 0.37 8.73 4.51
N THR A 27 1.52 8.94 5.15
CA THR A 27 2.83 8.54 4.65
C THR A 27 3.58 8.00 5.86
N CYS A 28 4.31 6.91 5.69
CA CYS A 28 5.00 6.25 6.79
C CYS A 28 6.48 6.20 6.58
N THR A 29 7.22 6.30 7.68
CA THR A 29 8.64 6.48 7.64
C THR A 29 9.34 5.24 8.17
N VAL A 30 9.99 4.56 7.24
CA VAL A 30 10.69 3.26 7.46
C VAL A 30 11.83 3.08 6.45
N ASP A 31 12.94 2.42 6.83
CA ASP A 31 14.11 2.15 5.99
C ASP A 31 14.95 3.43 5.72
N ARG A 32 14.72 4.45 6.55
CA ARG A 32 15.24 5.84 6.36
C ARG A 32 14.56 6.52 5.18
N LYS A 33 13.48 5.93 4.63
CA LYS A 33 12.67 6.37 3.50
C LYS A 33 11.23 6.65 3.98
N VAL A 34 10.44 7.41 3.24
CA VAL A 34 9.00 7.56 3.52
C VAL A 34 8.22 6.97 2.35
N TYR A 35 7.15 6.28 2.69
CA TYR A 35 6.24 5.54 1.81
C TYR A 35 4.81 6.01 1.95
N LYS A 36 4.12 6.27 0.85
CA LYS A 36 2.81 6.90 0.92
C LYS A 36 1.69 5.86 0.94
N THR A 37 0.80 5.96 1.93
CA THR A 37 -0.20 4.96 2.27
C THR A 37 -1.47 5.24 1.49
N ILE A 38 -2.29 4.20 1.35
CA ILE A 38 -3.59 4.26 0.71
C ILE A 38 -4.70 3.95 1.71
N CYS A 39 -4.38 3.00 2.56
CA CYS A 39 -5.30 2.28 3.43
C CYS A 39 -4.48 1.70 4.55
N LYS A 40 -5.15 1.57 5.69
CA LYS A 40 -4.69 0.79 6.79
C LYS A 40 -5.64 -0.29 7.20
N ARG A 41 -5.13 -1.35 7.79
CA ARG A 41 -5.95 -2.24 8.58
C ARG A 41 -5.18 -2.55 9.83
N GLY A 42 -5.74 -2.11 10.93
CA GLY A 42 -5.14 -2.34 12.24
C GLY A 42 -3.76 -1.70 12.38
N ASN A 43 -2.78 -2.53 12.72
CA ASN A 43 -1.37 -2.10 12.85
C ASN A 43 -0.65 -2.03 11.50
N THR A 44 -1.37 -2.18 10.37
CA THR A 44 -0.79 -2.18 9.02
C THR A 44 -1.39 -1.10 8.14
N TYR A 45 -0.59 -0.57 7.21
CA TYR A 45 -0.72 0.60 6.38
C TYR A 45 -0.02 0.15 5.11
N LEU A 46 -0.83 -0.01 4.09
CA LEU A 46 -0.38 -0.40 2.78
C LEU A 46 0.02 0.88 2.05
N CYS A 47 1.19 0.87 1.44
CA CYS A 47 1.81 2.02 0.83
C CYS A 47 2.41 1.69 -0.52
N PHE A 48 2.90 2.72 -1.21
CA PHE A 48 3.49 2.61 -2.52
C PHE A 48 4.61 3.61 -2.72
N ASP A 49 5.52 3.23 -3.62
CA ASP A 49 6.47 4.16 -4.24
C ASP A 49 6.21 4.13 -5.75
N ASP A 50 7.24 4.41 -6.54
CA ASP A 50 7.08 4.55 -7.98
C ASP A 50 7.02 3.21 -8.76
N THR A 51 7.36 2.13 -8.05
CA THR A 51 7.74 0.81 -8.59
C THR A 51 6.76 -0.30 -8.24
N ASN A 52 6.12 -0.18 -7.08
CA ASN A 52 5.59 -1.24 -6.24
C ASN A 52 5.12 -0.66 -4.91
N LEU A 53 4.74 -1.58 -4.03
CA LEU A 53 4.09 -1.36 -2.78
C LEU A 53 4.86 -1.96 -1.63
N TYR A 54 4.41 -1.59 -0.43
CA TYR A 54 4.99 -2.03 0.82
C TYR A 54 3.82 -2.18 1.81
N ALA A 55 3.82 -3.21 2.66
CA ALA A 55 2.97 -3.22 3.86
C ALA A 55 3.86 -2.83 5.04
N ILE A 56 3.62 -1.66 5.63
CA ILE A 56 4.31 -1.29 6.87
C ILE A 56 3.48 -1.78 8.05
N THR A 57 3.91 -2.87 8.70
CA THR A 57 3.16 -3.56 9.76
C THR A 57 3.81 -3.32 11.10
N GLY A 58 3.43 -2.18 11.66
CA GLY A 58 4.04 -1.47 12.80
C GLY A 58 5.18 -0.56 12.31
N ASP A 59 6.34 -1.17 12.06
CA ASP A 59 7.62 -0.53 11.71
C ASP A 59 8.32 -1.34 10.62
N VAL A 60 7.58 -2.26 9.98
CA VAL A 60 8.17 -3.43 9.32
C VAL A 60 7.84 -3.21 7.85
N VAL A 61 8.82 -2.81 7.05
CA VAL A 61 8.61 -2.51 5.62
C VAL A 61 8.60 -3.79 4.80
N LEU A 62 7.40 -4.34 4.54
CA LEU A 62 7.23 -5.49 3.67
C LEU A 62 6.97 -5.05 2.23
N LYS A 63 8.08 -4.83 1.55
CA LYS A 63 8.17 -4.62 0.09
C LYS A 63 7.59 -5.79 -0.73
N PHE A 64 6.63 -5.48 -1.59
CA PHE A 64 6.06 -6.39 -2.60
C PHE A 64 6.95 -6.39 -3.85
N ALA A 65 6.97 -7.51 -4.58
CA ALA A 65 7.66 -7.62 -5.87
C ALA A 65 6.80 -7.17 -7.07
N THR A 66 5.62 -6.59 -6.83
CA THR A 66 4.70 -6.22 -7.88
C THR A 66 3.84 -5.17 -7.26
N VAL A 67 3.00 -4.62 -8.10
CA VAL A 67 1.83 -3.99 -7.59
C VAL A 67 0.76 -5.01 -7.17
N SER A 68 0.43 -5.95 -8.06
CA SER A 68 -0.71 -6.86 -7.92
C SER A 68 -0.65 -7.72 -6.65
N LYS A 69 0.55 -7.90 -6.09
CA LYS A 69 0.76 -8.51 -4.77
C LYS A 69 0.03 -7.76 -3.66
N ALA A 70 0.21 -6.45 -3.56
CA ALA A 70 -0.50 -5.60 -2.61
C ALA A 70 -2.03 -5.68 -2.73
N ARG A 71 -2.55 -6.06 -3.90
CA ARG A 71 -3.97 -6.37 -4.06
C ARG A 71 -4.32 -7.65 -3.32
N ALA A 72 -3.59 -8.72 -3.61
CA ALA A 72 -3.70 -10.01 -2.91
C ALA A 72 -3.44 -9.89 -1.39
N TYR A 73 -2.70 -8.86 -0.95
CA TYR A 73 -2.51 -8.59 0.49
C TYR A 73 -3.86 -8.20 1.10
N LEU A 74 -4.52 -7.21 0.50
CA LEU A 74 -5.70 -6.61 1.06
C LEU A 74 -6.86 -7.56 1.32
N GLU A 75 -6.96 -8.61 0.52
CA GLU A 75 -8.04 -9.59 0.57
C GLU A 75 -7.65 -10.77 1.44
N THR A 76 -6.54 -10.68 2.21
CA THR A 76 -6.02 -11.71 3.12
C THR A 76 -5.19 -11.13 4.31
N LYS A 77 -5.87 -11.00 5.46
CA LYS A 77 -5.31 -10.78 6.79
C LYS A 77 -4.98 -9.33 7.09
N SER A 1 7.67 1.01 -16.38
CA SER A 1 6.23 1.24 -16.11
C SER A 1 6.10 1.80 -14.70
N HIS A 2 5.26 2.81 -14.43
CA HIS A 2 5.28 3.48 -13.09
C HIS A 2 3.89 3.88 -12.58
N MET A 3 3.42 5.09 -12.90
CA MET A 3 2.06 5.62 -12.69
C MET A 3 0.99 4.94 -13.56
N THR A 4 1.21 3.70 -14.00
CA THR A 4 0.16 2.87 -14.58
C THR A 4 -0.30 1.80 -13.63
N ALA A 5 0.57 0.84 -13.34
CA ALA A 5 0.22 -0.32 -12.55
C ALA A 5 0.03 0.09 -11.09
N VAL A 6 0.96 0.90 -10.57
CA VAL A 6 0.89 1.44 -9.22
C VAL A 6 -0.33 2.35 -9.13
N GLN A 7 -0.67 3.06 -10.21
CA GLN A 7 -1.77 4.00 -10.10
C GLN A 7 -3.17 3.32 -10.10
N ASP A 8 -3.39 2.45 -11.07
CA ASP A 8 -4.52 1.56 -11.25
C ASP A 8 -4.79 0.83 -9.95
N PHE A 9 -3.77 0.14 -9.41
CA PHE A 9 -3.84 -0.49 -8.10
C PHE A 9 -4.28 0.51 -6.99
N VAL A 10 -3.59 1.63 -6.87
CA VAL A 10 -3.94 2.68 -5.89
C VAL A 10 -5.43 3.10 -6.04
N VAL A 11 -5.88 3.40 -7.26
CA VAL A 11 -7.23 3.94 -7.54
C VAL A 11 -8.38 2.99 -7.16
N ASP A 12 -8.11 1.68 -7.05
CA ASP A 12 -9.02 0.74 -6.41
C ASP A 12 -9.26 1.12 -4.93
N ILE A 13 -8.24 1.12 -4.08
CA ILE A 13 -8.26 1.54 -2.65
C ILE A 13 -8.74 3.01 -2.52
N LEU A 14 -8.43 3.87 -3.49
CA LEU A 14 -8.53 5.32 -3.30
C LEU A 14 -9.93 5.84 -3.61
N LEU A 15 -10.33 5.66 -4.88
CA LEU A 15 -11.64 6.07 -5.39
C LEU A 15 -12.67 5.02 -4.99
N ASN A 16 -12.43 3.76 -5.36
CA ASN A 16 -13.46 2.74 -5.23
C ASN A 16 -13.55 2.16 -3.80
N GLY A 17 -12.48 2.35 -3.00
CA GLY A 17 -12.27 1.72 -1.70
C GLY A 17 -11.66 0.33 -1.80
N ALA A 18 -11.00 -0.04 -0.71
CA ALA A 18 -10.35 -1.31 -0.54
C ALA A 18 -11.35 -2.44 -0.28
N ARG A 19 -10.78 -3.63 -0.09
CA ARG A 19 -11.16 -4.59 0.95
C ARG A 19 -11.39 -3.99 2.32
N ASP A 20 -11.37 -4.87 3.29
CA ASP A 20 -11.54 -4.71 4.73
C ASP A 20 -10.72 -3.59 5.43
N TRP A 21 -10.01 -2.75 4.66
CA TRP A 21 -9.21 -1.65 5.08
C TRP A 21 -10.01 -0.34 5.00
N ASP A 22 -9.57 0.61 5.81
CA ASP A 22 -10.04 1.98 5.80
C ASP A 22 -9.02 2.83 5.05
N VAL A 23 -9.46 3.98 4.51
CA VAL A 23 -8.77 4.64 3.39
C VAL A 23 -8.13 5.87 3.98
N LEU A 24 -6.86 5.69 4.20
CA LEU A 24 -6.05 6.54 5.02
C LEU A 24 -4.84 7.01 4.24
N GLN A 25 -4.90 8.26 3.83
CA GLN A 25 -3.80 8.91 3.16
C GLN A 25 -2.94 9.67 4.17
N THR A 26 -1.96 8.92 4.63
CA THR A 26 -0.85 9.34 5.48
C THR A 26 0.46 8.86 4.82
N THR A 27 1.61 9.14 5.41
CA THR A 27 2.92 8.69 4.91
C THR A 27 3.70 8.16 6.07
N CYS A 28 4.46 7.08 5.86
CA CYS A 28 5.07 6.35 6.93
C CYS A 28 6.54 6.04 6.68
N THR A 29 7.34 6.17 7.75
CA THR A 29 8.75 6.43 7.56
C THR A 29 9.59 5.26 8.05
N VAL A 30 10.05 4.49 7.08
CA VAL A 30 10.72 3.20 7.23
C VAL A 30 11.76 2.93 6.09
N ASP A 31 12.86 2.14 6.30
CA ASP A 31 14.01 1.91 5.38
C ASP A 31 14.91 3.17 5.26
N ARG A 32 14.64 4.12 6.17
CA ARG A 32 15.17 5.47 6.22
C ARG A 32 14.50 6.27 5.09
N LYS A 33 13.37 5.77 4.55
CA LYS A 33 12.59 6.30 3.45
C LYS A 33 11.17 6.66 3.97
N VAL A 34 10.44 7.54 3.32
CA VAL A 34 9.03 7.80 3.64
C VAL A 34 8.21 7.22 2.50
N TYR A 35 7.19 6.41 2.81
CA TYR A 35 6.25 5.89 1.81
C TYR A 35 4.92 6.60 1.97
N LYS A 36 4.04 6.59 0.98
CA LYS A 36 2.69 7.09 1.14
C LYS A 36 1.73 5.93 1.35
N THR A 37 0.96 6.00 2.44
CA THR A 37 -0.05 5.02 2.81
C THR A 37 -1.29 5.33 2.02
N ILE A 38 -2.00 4.28 1.61
CA ILE A 38 -3.31 4.39 0.94
C ILE A 38 -4.43 4.10 1.90
N CYS A 39 -4.22 3.02 2.65
CA CYS A 39 -5.21 2.37 3.46
C CYS A 39 -4.56 1.78 4.67
N LYS A 40 -5.40 1.61 5.68
CA LYS A 40 -5.05 1.02 6.92
C LYS A 40 -6.00 -0.10 7.33
N ARG A 41 -5.49 -1.13 8.00
CA ARG A 41 -6.30 -2.05 8.77
C ARG A 41 -5.56 -2.48 10.03
N GLY A 42 -6.12 -2.05 11.15
CA GLY A 42 -5.52 -2.30 12.45
C GLY A 42 -4.16 -1.63 12.55
N ASN A 43 -3.13 -2.41 12.87
CA ASN A 43 -1.76 -1.92 12.98
C ASN A 43 -1.01 -1.96 11.65
N THR A 44 -1.72 -2.13 10.54
CA THR A 44 -1.13 -2.19 9.19
C THR A 44 -1.65 -1.12 8.27
N TYR A 45 -0.79 -0.70 7.34
CA TYR A 45 -0.83 0.48 6.47
C TYR A 45 -0.12 0.00 5.22
N LEU A 46 -0.82 0.05 4.11
CA LEU A 46 -0.29 -0.36 2.82
C LEU A 46 0.13 0.89 2.08
N CYS A 47 1.33 0.88 1.49
CA CYS A 47 1.98 2.07 0.99
C CYS A 47 2.61 1.84 -0.38
N PHE A 48 3.07 2.91 -1.04
CA PHE A 48 3.60 2.82 -2.39
C PHE A 48 4.81 3.70 -2.68
N ASP A 49 5.57 3.32 -3.72
CA ASP A 49 6.52 4.24 -4.40
C ASP A 49 6.28 4.24 -5.90
N ASP A 50 7.30 4.49 -6.71
CA ASP A 50 7.21 4.57 -8.17
C ASP A 50 6.96 3.24 -8.89
N THR A 51 7.35 2.20 -8.19
CA THR A 51 7.76 0.90 -8.75
C THR A 51 6.85 -0.27 -8.40
N ASN A 52 6.17 -0.13 -7.26
CA ASN A 52 5.74 -1.16 -6.37
C ASN A 52 5.35 -0.55 -5.02
N LEU A 53 4.96 -1.44 -4.14
CA LEU A 53 4.17 -1.27 -2.94
C LEU A 53 4.87 -1.89 -1.76
N TYR A 54 4.45 -1.54 -0.54
CA TYR A 54 5.06 -2.03 0.66
C TYR A 54 4.00 -2.06 1.74
N ALA A 55 3.88 -3.13 2.51
CA ALA A 55 3.08 -3.05 3.74
C ALA A 55 4.03 -2.55 4.82
N ILE A 56 3.65 -1.51 5.55
CA ILE A 56 4.30 -1.18 6.82
C ILE A 56 3.37 -1.66 7.94
N THR A 57 3.70 -2.81 8.48
CA THR A 57 2.93 -3.45 9.56
C THR A 57 3.57 -3.01 10.84
N GLY A 58 3.03 -1.92 11.39
CA GLY A 58 3.58 -1.18 12.52
C GLY A 58 4.84 -0.44 12.10
N ASP A 59 5.94 -1.20 11.97
CA ASP A 59 7.33 -0.80 11.71
C ASP A 59 7.99 -1.68 10.61
N VAL A 60 7.26 -2.69 10.13
CA VAL A 60 7.77 -3.80 9.33
C VAL A 60 7.50 -3.52 7.86
N VAL A 61 8.52 -3.03 7.16
CA VAL A 61 8.45 -2.78 5.71
C VAL A 61 8.55 -4.09 4.92
N LEU A 62 7.46 -4.40 4.23
CA LEU A 62 7.29 -5.58 3.41
C LEU A 62 7.05 -5.13 1.98
N LYS A 63 8.17 -4.98 1.30
CA LYS A 63 8.28 -4.71 -0.14
C LYS A 63 7.64 -5.83 -1.00
N PHE A 64 6.71 -5.46 -1.88
CA PHE A 64 6.10 -6.34 -2.87
C PHE A 64 6.91 -6.30 -4.18
N ALA A 65 7.14 -7.46 -4.81
CA ALA A 65 7.69 -7.55 -6.17
C ALA A 65 6.74 -7.10 -7.32
N THR A 66 5.53 -6.60 -7.02
CA THR A 66 4.56 -6.22 -8.02
C THR A 66 3.68 -5.27 -7.30
N VAL A 67 2.81 -4.72 -8.11
CA VAL A 67 1.67 -4.05 -7.57
C VAL A 67 0.55 -5.03 -7.16
N SER A 68 0.28 -6.03 -7.99
CA SER A 68 -0.82 -7.00 -7.81
C SER A 68 -0.72 -7.79 -6.51
N LYS A 69 0.51 -7.94 -6.01
CA LYS A 69 0.78 -8.61 -4.73
C LYS A 69 0.07 -7.93 -3.57
N ALA A 70 0.20 -6.60 -3.48
CA ALA A 70 -0.48 -5.80 -2.48
C ALA A 70 -2.03 -5.93 -2.52
N ARG A 71 -2.63 -6.30 -3.66
CA ARG A 71 -4.09 -6.49 -3.72
C ARG A 71 -4.48 -7.78 -3.02
N ALA A 72 -3.70 -8.84 -3.22
CA ALA A 72 -3.84 -10.09 -2.47
C ALA A 72 -3.41 -9.94 -0.98
N TYR A 73 -2.61 -8.90 -0.63
CA TYR A 73 -2.19 -8.67 0.75
C TYR A 73 -3.38 -8.33 1.62
N LEU A 74 -4.15 -7.36 1.12
CA LEU A 74 -5.32 -6.77 1.73
C LEU A 74 -6.40 -7.76 2.13
N GLU A 75 -6.57 -8.81 1.32
CA GLU A 75 -7.64 -9.81 1.44
C GLU A 75 -7.20 -11.21 1.86
N THR A 76 -5.95 -11.34 2.34
CA THR A 76 -5.18 -12.61 2.47
C THR A 76 -5.58 -13.66 3.52
N LYS A 77 -6.87 -13.85 3.74
CA LYS A 77 -7.37 -14.42 4.97
C LYS A 77 -8.39 -15.58 4.84
N SER A 1 5.39 -0.10 -18.90
CA SER A 1 4.22 0.40 -18.16
C SER A 1 4.65 0.73 -16.73
N HIS A 2 4.28 1.89 -16.16
CA HIS A 2 4.94 2.40 -14.92
C HIS A 2 3.93 3.14 -13.98
N MET A 3 3.76 4.48 -14.13
CA MET A 3 2.69 5.35 -13.61
C MET A 3 1.31 5.03 -14.17
N THR A 4 1.06 3.76 -14.50
CA THR A 4 -0.27 3.20 -14.74
C THR A 4 -0.63 2.21 -13.70
N ALA A 5 0.19 1.19 -13.50
CA ALA A 5 -0.15 -0.04 -12.82
C ALA A 5 -0.31 0.20 -11.32
N VAL A 6 0.70 0.90 -10.81
CA VAL A 6 0.77 1.59 -9.53
C VAL A 6 -0.40 2.58 -9.39
N GLN A 7 -0.86 3.23 -10.47
CA GLN A 7 -1.89 4.27 -10.42
C GLN A 7 -3.31 3.74 -10.39
N ASP A 8 -3.65 2.82 -11.28
CA ASP A 8 -4.87 1.99 -11.29
C ASP A 8 -5.01 1.23 -9.96
N PHE A 9 -3.97 0.49 -9.55
CA PHE A 9 -3.95 -0.20 -8.28
C PHE A 9 -4.19 0.80 -7.13
N VAL A 10 -3.40 1.87 -7.04
CA VAL A 10 -3.59 2.87 -5.97
C VAL A 10 -5.02 3.41 -5.97
N VAL A 11 -5.54 3.82 -7.13
CA VAL A 11 -6.93 4.31 -7.31
C VAL A 11 -8.00 3.29 -6.90
N ASP A 12 -7.70 1.99 -6.93
CA ASP A 12 -8.63 0.91 -6.55
C ASP A 12 -8.93 0.95 -5.04
N ILE A 13 -7.91 1.15 -4.20
CA ILE A 13 -8.07 1.50 -2.77
C ILE A 13 -8.73 2.88 -2.72
N LEU A 14 -8.20 3.85 -3.46
CA LEU A 14 -8.38 5.26 -3.15
C LEU A 14 -9.81 5.76 -3.41
N LEU A 15 -10.34 5.47 -4.61
CA LEU A 15 -11.69 5.85 -5.02
C LEU A 15 -12.69 4.71 -4.72
N ASN A 16 -12.36 3.48 -5.13
CA ASN A 16 -13.30 2.36 -5.08
C ASN A 16 -13.25 1.61 -3.74
N GLY A 17 -12.24 1.90 -2.89
CA GLY A 17 -12.04 1.25 -1.62
C GLY A 17 -11.30 -0.06 -1.72
N ALA A 18 -10.44 -0.27 -0.74
CA ALA A 18 -9.87 -1.58 -0.43
C ALA A 18 -10.98 -2.59 -0.07
N ARG A 19 -10.56 -3.81 0.27
CA ARG A 19 -11.23 -4.73 1.18
C ARG A 19 -11.62 -4.07 2.52
N ASP A 20 -11.80 -4.94 3.49
CA ASP A 20 -12.02 -4.69 4.93
C ASP A 20 -11.15 -3.59 5.69
N TRP A 21 -10.25 -2.92 4.98
CA TRP A 21 -9.45 -1.81 5.38
C TRP A 21 -10.24 -0.51 5.52
N ASP A 22 -9.58 0.45 6.16
CA ASP A 22 -9.84 1.88 6.18
C ASP A 22 -9.04 2.49 5.04
N VAL A 23 -9.56 3.53 4.41
CA VAL A 23 -9.00 4.15 3.20
C VAL A 23 -8.45 5.46 3.69
N LEU A 24 -7.12 5.47 3.81
CA LEU A 24 -6.41 6.52 4.47
C LEU A 24 -5.39 7.19 3.56
N GLN A 25 -5.22 8.49 3.79
CA GLN A 25 -4.12 9.20 3.20
C GLN A 25 -3.22 9.79 4.26
N THR A 26 -2.27 8.94 4.59
CA THR A 26 -1.11 9.20 5.44
C THR A 26 0.16 8.59 4.81
N THR A 27 1.33 8.73 5.41
CA THR A 27 2.66 8.41 4.87
C THR A 27 3.41 7.87 6.05
N CYS A 28 4.24 6.85 5.87
CA CYS A 28 5.03 6.28 6.94
C CYS A 28 6.52 6.36 6.67
N THR A 29 7.30 6.50 7.74
CA THR A 29 8.74 6.60 7.64
C THR A 29 9.40 5.33 8.11
N VAL A 30 10.10 4.66 7.20
CA VAL A 30 10.82 3.40 7.49
C VAL A 30 12.04 3.27 6.56
N ASP A 31 13.12 2.63 7.00
CA ASP A 31 14.34 2.35 6.17
C ASP A 31 15.14 3.60 5.78
N ARG A 32 14.89 4.71 6.50
CA ARG A 32 15.39 6.06 6.19
C ARG A 32 14.84 6.56 4.84
N LYS A 33 13.59 6.18 4.57
CA LYS A 33 12.76 6.49 3.41
C LYS A 33 11.30 6.66 3.89
N VAL A 34 10.47 7.35 3.11
CA VAL A 34 9.04 7.53 3.41
C VAL A 34 8.16 6.93 2.31
N TYR A 35 7.17 6.18 2.75
CA TYR A 35 6.26 5.38 1.94
C TYR A 35 4.86 5.88 2.12
N LYS A 36 4.22 6.17 1.00
CA LYS A 36 2.96 6.89 1.05
C LYS A 36 1.77 5.92 1.04
N THR A 37 0.97 5.98 2.09
CA THR A 37 -0.04 4.98 2.44
C THR A 37 -1.36 5.34 1.81
N ILE A 38 -2.13 4.29 1.53
CA ILE A 38 -3.42 4.37 0.84
C ILE A 38 -4.58 3.92 1.70
N CYS A 39 -4.26 2.97 2.56
CA CYS A 39 -5.25 2.25 3.33
C CYS A 39 -4.59 1.64 4.53
N LYS A 40 -5.35 1.66 5.60
CA LYS A 40 -4.99 1.10 6.85
C LYS A 40 -5.90 -0.04 7.26
N ARG A 41 -5.33 -1.15 7.71
CA ARG A 41 -6.06 -2.17 8.42
C ARG A 41 -5.24 -2.53 9.62
N GLY A 42 -5.85 -2.31 10.77
CA GLY A 42 -5.17 -2.54 12.03
C GLY A 42 -3.89 -1.73 12.15
N ASN A 43 -2.84 -2.44 12.54
CA ASN A 43 -1.47 -1.89 12.64
C ASN A 43 -0.68 -1.97 11.31
N THR A 44 -1.37 -2.20 10.19
CA THR A 44 -0.80 -2.11 8.84
C THR A 44 -1.46 -1.03 7.98
N TYR A 45 -0.66 -0.59 7.01
CA TYR A 45 -0.72 0.61 6.21
C TYR A 45 -0.06 0.18 4.92
N LEU A 46 -0.91 -0.03 3.95
CA LEU A 46 -0.51 -0.34 2.61
C LEU A 46 0.02 0.95 1.98
N CYS A 47 1.16 0.89 1.33
CA CYS A 47 1.86 2.03 0.74
C CYS A 47 2.46 1.68 -0.59
N PHE A 48 2.95 2.70 -1.30
CA PHE A 48 3.58 2.60 -2.61
C PHE A 48 4.86 3.43 -2.69
N ASP A 49 5.75 3.05 -3.61
CA ASP A 49 6.70 3.99 -4.21
C ASP A 49 6.63 3.92 -5.76
N ASP A 50 7.75 4.26 -6.43
CA ASP A 50 7.91 4.34 -7.87
C ASP A 50 7.99 2.97 -8.59
N THR A 51 7.97 1.89 -7.81
CA THR A 51 8.55 0.58 -8.16
C THR A 51 7.57 -0.56 -7.99
N ASN A 52 6.69 -0.41 -6.99
CA ASN A 52 6.01 -1.43 -6.24
C ASN A 52 5.39 -0.82 -4.98
N LEU A 53 4.69 -1.67 -4.24
CA LEU A 53 4.08 -1.33 -2.98
C LEU A 53 4.80 -1.94 -1.79
N TYR A 54 4.39 -1.53 -0.60
CA TYR A 54 4.88 -2.04 0.66
C TYR A 54 3.70 -2.13 1.64
N ALA A 55 3.81 -2.96 2.67
CA ALA A 55 2.91 -2.90 3.81
C ALA A 55 3.73 -2.65 5.07
N ILE A 56 3.64 -1.45 5.64
CA ILE A 56 4.36 -1.14 6.88
C ILE A 56 3.49 -1.57 8.06
N THR A 57 3.83 -2.74 8.60
CA THR A 57 3.15 -3.39 9.70
C THR A 57 3.92 -2.97 10.94
N GLY A 58 3.40 -1.95 11.62
CA GLY A 58 4.08 -1.23 12.72
C GLY A 58 5.31 -0.45 12.22
N ASP A 59 6.37 -1.18 11.90
CA ASP A 59 7.67 -0.71 11.42
C ASP A 59 8.32 -1.72 10.44
N VAL A 60 7.62 -2.80 10.14
CA VAL A 60 8.00 -3.87 9.21
C VAL A 60 7.57 -3.42 7.84
N VAL A 61 8.50 -2.86 7.08
CA VAL A 61 8.28 -2.51 5.68
C VAL A 61 8.31 -3.78 4.81
N LEU A 62 7.14 -4.38 4.62
CA LEU A 62 7.00 -5.57 3.79
C LEU A 62 6.80 -5.14 2.34
N LYS A 63 7.92 -5.03 1.61
CA LYS A 63 8.00 -4.84 0.15
C LYS A 63 7.26 -5.94 -0.65
N PHE A 64 6.41 -5.52 -1.59
CA PHE A 64 5.74 -6.38 -2.56
C PHE A 64 6.55 -6.44 -3.87
N ALA A 65 6.60 -7.60 -4.52
CA ALA A 65 7.27 -7.79 -5.84
C ALA A 65 6.55 -7.25 -7.06
N THR A 66 5.45 -6.51 -6.87
CA THR A 66 4.46 -6.21 -7.88
C THR A 66 3.68 -5.08 -7.27
N VAL A 67 2.83 -4.54 -8.10
CA VAL A 67 1.71 -3.85 -7.56
C VAL A 67 0.63 -4.84 -7.10
N SER A 68 0.28 -5.81 -7.95
CA SER A 68 -0.86 -6.70 -7.78
C SER A 68 -0.77 -7.57 -6.52
N LYS A 69 0.43 -7.75 -5.96
CA LYS A 69 0.63 -8.35 -4.64
C LYS A 69 -0.20 -7.67 -3.56
N ALA A 70 -0.07 -6.34 -3.48
CA ALA A 70 -0.80 -5.58 -2.48
C ALA A 70 -2.34 -5.81 -2.51
N ARG A 71 -2.89 -6.25 -3.66
CA ARG A 71 -4.33 -6.50 -3.82
C ARG A 71 -4.73 -7.82 -3.16
N ALA A 72 -3.88 -8.84 -3.27
CA ALA A 72 -4.11 -10.17 -2.69
C ALA A 72 -3.84 -10.14 -1.16
N TYR A 73 -2.88 -9.33 -0.75
CA TYR A 73 -2.53 -9.11 0.67
C TYR A 73 -3.68 -8.37 1.37
N LEU A 74 -4.34 -7.43 0.66
CA LEU A 74 -5.57 -6.79 1.07
C LEU A 74 -6.70 -7.71 1.53
N GLU A 75 -6.90 -8.85 0.88
CA GLU A 75 -7.87 -9.83 1.37
C GLU A 75 -7.28 -10.94 2.27
N THR A 76 -5.95 -11.05 2.42
CA THR A 76 -5.21 -12.07 3.17
C THR A 76 -4.12 -11.42 4.01
N LYS A 77 -4.50 -11.24 5.28
CA LYS A 77 -3.68 -10.93 6.46
C LYS A 77 -3.34 -9.46 6.54
N SER A 1 8.72 2.32 -17.12
CA SER A 1 7.43 2.19 -16.47
C SER A 1 7.55 2.55 -14.99
N HIS A 2 6.47 2.98 -14.34
CA HIS A 2 6.45 3.40 -12.90
C HIS A 2 4.99 3.63 -12.38
N MET A 3 4.46 4.85 -12.54
CA MET A 3 3.08 5.33 -12.31
C MET A 3 2.04 4.70 -13.29
N THR A 4 2.21 3.44 -13.71
CA THR A 4 1.33 2.76 -14.67
C THR A 4 0.50 1.70 -14.01
N ALA A 5 1.10 0.61 -13.51
CA ALA A 5 0.37 -0.41 -12.76
C ALA A 5 0.11 0.08 -11.33
N VAL A 6 1.12 0.69 -10.69
CA VAL A 6 1.06 1.21 -9.30
C VAL A 6 -0.05 2.25 -9.15
N GLN A 7 -0.26 3.04 -10.21
CA GLN A 7 -1.24 4.09 -10.27
C GLN A 7 -2.66 3.52 -10.29
N ASP A 8 -2.92 2.79 -11.35
CA ASP A 8 -4.14 2.02 -11.69
C ASP A 8 -4.64 1.20 -10.51
N PHE A 9 -3.73 0.50 -9.80
CA PHE A 9 -3.98 -0.22 -8.55
C PHE A 9 -4.43 0.70 -7.40
N VAL A 10 -3.65 1.72 -7.11
CA VAL A 10 -3.82 2.60 -5.91
C VAL A 10 -5.24 3.16 -5.79
N VAL A 11 -5.80 3.67 -6.90
CA VAL A 11 -7.16 4.22 -6.99
C VAL A 11 -8.32 3.28 -6.66
N ASP A 12 -8.10 1.97 -6.70
CA ASP A 12 -9.12 0.98 -6.33
C ASP A 12 -9.45 1.05 -4.83
N ILE A 13 -8.43 1.17 -3.97
CA ILE A 13 -8.51 1.56 -2.55
C ILE A 13 -8.97 3.01 -2.51
N LEU A 14 -8.27 3.88 -3.23
CA LEU A 14 -8.31 5.33 -3.02
C LEU A 14 -9.72 5.88 -3.18
N LEU A 15 -10.32 5.72 -4.36
CA LEU A 15 -11.62 6.34 -4.67
C LEU A 15 -12.78 5.35 -4.61
N ASN A 16 -12.54 4.09 -4.96
CA ASN A 16 -13.58 3.06 -5.01
C ASN A 16 -13.71 2.39 -3.61
N GLY A 17 -12.64 2.40 -2.79
CA GLY A 17 -12.53 1.66 -1.52
C GLY A 17 -12.14 0.20 -1.67
N ALA A 18 -11.55 -0.30 -0.59
CA ALA A 18 -10.91 -1.59 -0.48
C ALA A 18 -11.90 -2.73 -0.11
N ARG A 19 -11.26 -3.88 0.16
CA ARG A 19 -11.52 -4.82 1.25
C ARG A 19 -11.71 -4.11 2.58
N ASP A 20 -11.75 -4.92 3.63
CA ASP A 20 -11.86 -4.65 5.06
C ASP A 20 -11.01 -3.47 5.62
N TRP A 21 -10.17 -2.86 4.79
CA TRP A 21 -9.38 -1.71 5.16
C TRP A 21 -10.18 -0.42 5.29
N ASP A 22 -9.61 0.53 6.02
CA ASP A 22 -10.04 1.92 6.09
C ASP A 22 -9.13 2.78 5.17
N VAL A 23 -9.62 3.90 4.65
CA VAL A 23 -9.02 4.55 3.49
C VAL A 23 -8.39 5.78 4.05
N LEU A 24 -7.09 5.62 4.17
CA LEU A 24 -6.26 6.46 4.93
C LEU A 24 -5.14 6.92 4.01
N GLN A 25 -5.24 8.18 3.66
CA GLN A 25 -4.28 8.89 2.83
C GLN A 25 -3.35 9.58 3.81
N THR A 26 -2.33 8.84 4.27
CA THR A 26 -1.23 9.31 5.07
C THR A 26 0.12 8.82 4.46
N THR A 27 1.21 9.04 5.17
CA THR A 27 2.55 8.78 4.75
C THR A 27 3.21 8.22 5.98
N CYS A 28 4.04 7.21 5.81
CA CYS A 28 4.76 6.49 6.86
C CYS A 28 6.22 6.55 6.53
N THR A 29 7.09 6.36 7.50
CA THR A 29 8.53 6.21 7.22
C THR A 29 9.04 4.92 7.77
N VAL A 30 9.91 4.28 6.99
CA VAL A 30 10.64 3.01 7.34
C VAL A 30 11.87 2.86 6.43
N ASP A 31 12.97 2.28 6.91
CA ASP A 31 14.25 2.15 6.15
C ASP A 31 14.88 3.51 5.90
N ARG A 32 14.51 4.51 6.75
CA ARG A 32 14.83 5.94 6.62
C ARG A 32 14.19 6.55 5.32
N LYS A 33 13.21 5.84 4.77
CA LYS A 33 12.44 6.21 3.56
C LYS A 33 11.00 6.37 3.95
N VAL A 34 10.39 7.42 3.45
CA VAL A 34 8.97 7.62 3.55
C VAL A 34 8.28 6.97 2.36
N TYR A 35 7.18 6.29 2.66
CA TYR A 35 6.21 5.72 1.74
C TYR A 35 4.87 6.38 1.93
N LYS A 36 4.03 6.41 0.90
CA LYS A 36 2.71 7.03 0.97
C LYS A 36 1.61 5.97 1.04
N THR A 37 0.73 6.06 2.05
CA THR A 37 -0.26 5.05 2.42
C THR A 37 -1.53 5.27 1.61
N ILE A 38 -2.29 4.21 1.40
CA ILE A 38 -3.58 4.27 0.73
C ILE A 38 -4.70 3.98 1.68
N CYS A 39 -4.41 3.08 2.59
CA CYS A 39 -5.39 2.42 3.45
C CYS A 39 -4.62 1.94 4.65
N LYS A 40 -5.33 1.98 5.76
CA LYS A 40 -4.96 1.38 7.00
C LYS A 40 -5.90 0.28 7.43
N ARG A 41 -5.34 -0.80 7.97
CA ARG A 41 -6.12 -1.82 8.61
C ARG A 41 -5.25 -2.41 9.67
N GLY A 42 -5.74 -2.30 10.87
CA GLY A 42 -4.98 -2.68 12.03
C GLY A 42 -3.95 -1.61 12.31
N ASN A 43 -2.76 -2.05 12.72
CA ASN A 43 -1.52 -1.28 12.73
C ASN A 43 -0.67 -1.48 11.44
N THR A 44 -1.40 -1.81 10.37
CA THR A 44 -0.89 -2.06 9.00
C THR A 44 -1.38 -0.96 8.08
N TYR A 45 -0.55 -0.53 7.13
CA TYR A 45 -0.56 0.69 6.34
C TYR A 45 0.11 0.23 5.06
N LEU A 46 -0.71 0.11 4.04
CA LEU A 46 -0.27 -0.31 2.73
C LEU A 46 0.17 0.96 2.04
N CYS A 47 1.38 0.95 1.51
CA CYS A 47 2.00 2.11 0.91
C CYS A 47 2.61 1.78 -0.44
N PHE A 48 3.03 2.80 -1.17
CA PHE A 48 3.61 2.65 -2.49
C PHE A 48 4.73 3.67 -2.75
N ASP A 49 5.66 3.27 -3.63
CA ASP A 49 6.61 4.18 -4.28
C ASP A 49 6.34 4.24 -5.78
N ASP A 50 7.34 4.61 -6.55
CA ASP A 50 7.26 4.77 -7.97
C ASP A 50 7.14 3.47 -8.73
N THR A 51 7.24 2.35 -8.02
CA THR A 51 7.70 1.07 -8.60
C THR A 51 6.90 -0.17 -8.18
N ASN A 52 6.21 -0.06 -7.04
CA ASN A 52 5.72 -1.16 -6.24
C ASN A 52 5.31 -0.67 -4.84
N LEU A 53 4.75 -1.61 -4.08
CA LEU A 53 4.12 -1.41 -2.81
C LEU A 53 4.90 -2.05 -1.68
N TYR A 54 4.53 -1.64 -0.48
CA TYR A 54 5.14 -2.14 0.74
C TYR A 54 4.06 -2.08 1.82
N ALA A 55 3.87 -3.18 2.54
CA ALA A 55 3.02 -3.17 3.73
C ALA A 55 3.90 -2.82 4.93
N ILE A 56 3.67 -1.65 5.52
CA ILE A 56 4.29 -1.33 6.80
C ILE A 56 3.35 -1.79 7.92
N THR A 57 3.80 -2.75 8.73
CA THR A 57 3.13 -3.19 9.94
C THR A 57 4.00 -2.81 11.11
N GLY A 58 3.58 -1.80 11.88
CA GLY A 58 4.37 -1.17 12.95
C GLY A 58 5.61 -0.45 12.36
N ASP A 59 6.65 -1.26 12.16
CA ASP A 59 7.99 -0.89 11.71
C ASP A 59 8.49 -1.85 10.63
N VAL A 60 7.68 -2.85 10.20
CA VAL A 60 8.05 -3.94 9.33
C VAL A 60 7.73 -3.53 7.90
N VAL A 61 8.74 -3.34 7.07
CA VAL A 61 8.55 -3.03 5.65
C VAL A 61 8.56 -4.31 4.81
N LEU A 62 7.37 -4.68 4.35
CA LEU A 62 7.15 -5.83 3.49
C LEU A 62 6.95 -5.36 2.05
N LYS A 63 8.08 -5.27 1.34
CA LYS A 63 8.20 -5.03 -0.11
C LYS A 63 7.47 -6.07 -0.99
N PHE A 64 6.62 -5.61 -1.90
CA PHE A 64 5.94 -6.45 -2.89
C PHE A 64 6.67 -6.35 -4.23
N ALA A 65 6.87 -7.50 -4.88
CA ALA A 65 7.47 -7.57 -6.24
C ALA A 65 6.53 -7.20 -7.40
N THR A 66 5.29 -6.80 -7.12
CA THR A 66 4.31 -6.36 -8.09
C THR A 66 3.42 -5.47 -7.32
N VAL A 67 2.59 -4.83 -8.10
CA VAL A 67 1.45 -4.15 -7.57
C VAL A 67 0.32 -5.12 -7.22
N SER A 68 0.12 -6.14 -8.08
CA SER A 68 -0.90 -7.19 -7.92
C SER A 68 -0.76 -7.97 -6.59
N LYS A 69 0.46 -8.07 -6.04
CA LYS A 69 0.69 -8.72 -4.75
C LYS A 69 -0.02 -8.04 -3.61
N ALA A 70 0.08 -6.70 -3.58
CA ALA A 70 -0.60 -5.86 -2.63
C ALA A 70 -2.15 -6.00 -2.70
N ARG A 71 -2.71 -6.33 -3.88
CA ARG A 71 -4.17 -6.58 -4.00
C ARG A 71 -4.55 -7.81 -3.21
N ALA A 72 -3.79 -8.91 -3.41
CA ALA A 72 -3.96 -10.15 -2.69
C ALA A 72 -3.55 -10.02 -1.19
N TYR A 73 -2.71 -9.05 -0.85
CA TYR A 73 -2.31 -8.76 0.54
C TYR A 73 -3.47 -8.20 1.33
N LEU A 74 -4.20 -7.25 0.72
CA LEU A 74 -5.44 -6.71 1.23
C LEU A 74 -6.56 -7.71 1.56
N GLU A 75 -6.47 -8.90 0.97
CA GLU A 75 -7.37 -10.05 1.27
C GLU A 75 -6.62 -11.27 1.83
N THR A 76 -5.38 -11.10 2.32
CA THR A 76 -4.60 -12.10 3.05
C THR A 76 -3.66 -11.46 4.09
N LYS A 77 -4.20 -11.44 5.31
CA LYS A 77 -3.53 -11.40 6.64
C LYS A 77 -2.63 -10.21 7.04
N SER A 1 7.25 3.19 -18.88
CA SER A 1 6.13 3.55 -18.02
C SER A 1 6.57 3.54 -16.55
N HIS A 2 5.62 3.76 -15.61
CA HIS A 2 5.86 3.97 -14.16
C HIS A 2 4.54 4.06 -13.35
N MET A 3 3.93 5.26 -13.26
CA MET A 3 2.60 5.62 -12.73
C MET A 3 1.43 4.98 -13.50
N THR A 4 1.60 3.77 -14.06
CA THR A 4 0.55 3.01 -14.72
C THR A 4 0.00 1.95 -13.78
N ALA A 5 0.81 0.98 -13.38
CA ALA A 5 0.35 -0.20 -12.66
C ALA A 5 -0.08 0.15 -11.23
N VAL A 6 0.83 0.89 -10.58
CA VAL A 6 0.75 1.43 -9.23
C VAL A 6 -0.48 2.32 -9.12
N GLN A 7 -0.76 3.11 -10.15
CA GLN A 7 -1.83 4.09 -10.19
C GLN A 7 -3.21 3.44 -10.27
N ASP A 8 -3.38 2.63 -11.31
CA ASP A 8 -4.49 1.69 -11.53
C ASP A 8 -4.84 0.91 -10.24
N PHE A 9 -3.85 0.24 -9.64
CA PHE A 9 -4.01 -0.48 -8.39
C PHE A 9 -4.41 0.45 -7.23
N VAL A 10 -3.74 1.60 -7.09
CA VAL A 10 -4.04 2.60 -6.04
C VAL A 10 -5.53 2.98 -6.03
N VAL A 11 -6.15 3.34 -7.16
CA VAL A 11 -7.59 3.74 -7.21
C VAL A 11 -8.62 2.68 -6.82
N ASP A 12 -8.23 1.41 -6.83
CA ASP A 12 -9.00 0.24 -6.31
C ASP A 12 -9.27 0.39 -4.78
N ILE A 13 -8.32 1.00 -4.06
CA ILE A 13 -8.45 1.55 -2.69
C ILE A 13 -9.02 2.98 -2.79
N LEU A 14 -8.45 3.84 -3.65
CA LEU A 14 -8.45 5.27 -3.39
C LEU A 14 -9.84 5.88 -3.56
N LEU A 15 -10.42 5.71 -4.75
CA LEU A 15 -11.79 6.14 -5.02
C LEU A 15 -12.78 5.00 -4.79
N ASN A 16 -12.43 3.81 -5.25
CA ASN A 16 -13.33 2.66 -5.18
C ASN A 16 -13.52 2.12 -3.76
N GLY A 17 -12.47 2.22 -2.93
CA GLY A 17 -12.41 1.63 -1.59
C GLY A 17 -11.94 0.18 -1.57
N ALA A 18 -11.12 -0.09 -0.56
CA ALA A 18 -10.41 -1.34 -0.33
C ALA A 18 -11.31 -2.57 -0.06
N ARG A 19 -10.66 -3.68 0.29
CA ARG A 19 -11.17 -4.82 1.05
C ARG A 19 -11.65 -4.33 2.43
N ASP A 20 -11.56 -5.19 3.41
CA ASP A 20 -11.80 -4.93 4.86
C ASP A 20 -11.19 -3.64 5.47
N TRP A 21 -10.38 -2.85 4.71
CA TRP A 21 -9.59 -1.73 5.17
C TRP A 21 -10.32 -0.36 5.21
N ASP A 22 -9.74 0.49 6.05
CA ASP A 22 -9.91 1.94 6.11
C ASP A 22 -9.06 2.52 4.97
N VAL A 23 -9.53 3.62 4.40
CA VAL A 23 -8.96 4.24 3.23
C VAL A 23 -8.40 5.51 3.79
N LEU A 24 -7.09 5.51 3.87
CA LEU A 24 -6.38 6.60 4.49
C LEU A 24 -5.45 7.26 3.52
N GLN A 25 -5.30 8.55 3.66
CA GLN A 25 -4.17 9.25 3.10
C GLN A 25 -3.38 9.85 4.22
N THR A 26 -2.35 9.08 4.56
CA THR A 26 -1.22 9.45 5.41
C THR A 26 0.08 8.97 4.75
N THR A 27 1.25 9.23 5.32
CA THR A 27 2.55 8.74 4.88
C THR A 27 3.19 8.09 6.10
N CYS A 28 4.00 7.09 5.81
CA CYS A 28 4.81 6.36 6.74
C CYS A 28 6.28 6.61 6.44
N THR A 29 7.14 6.44 7.45
CA THR A 29 8.59 6.55 7.27
C THR A 29 9.29 5.40 7.95
N VAL A 30 9.91 4.54 7.14
CA VAL A 30 10.51 3.28 7.64
C VAL A 30 11.66 2.89 6.73
N ASP A 31 12.67 2.21 7.30
CA ASP A 31 13.87 1.68 6.60
C ASP A 31 14.75 2.81 6.04
N ARG A 32 14.61 3.97 6.71
CA ARG A 32 15.26 5.23 6.37
C ARG A 32 14.77 5.73 4.99
N LYS A 33 13.53 5.40 4.61
CA LYS A 33 12.79 5.77 3.39
C LYS A 33 11.37 6.16 3.84
N VAL A 34 10.65 6.95 3.07
CA VAL A 34 9.26 7.34 3.34
C VAL A 34 8.41 6.70 2.24
N TYR A 35 7.21 6.29 2.62
CA TYR A 35 6.22 5.70 1.71
C TYR A 35 4.86 6.33 1.98
N LYS A 36 4.02 6.42 0.95
CA LYS A 36 2.71 7.05 1.07
C LYS A 36 1.63 5.99 1.19
N THR A 37 0.81 6.05 2.24
CA THR A 37 -0.18 5.04 2.60
C THR A 37 -1.53 5.36 1.99
N ILE A 38 -2.17 4.33 1.45
CA ILE A 38 -3.47 4.38 0.75
C ILE A 38 -4.62 3.96 1.63
N CYS A 39 -4.33 3.01 2.50
CA CYS A 39 -5.31 2.31 3.28
C CYS A 39 -4.64 1.73 4.47
N LYS A 40 -5.39 1.79 5.55
CA LYS A 40 -5.04 1.25 6.81
C LYS A 40 -5.96 0.11 7.22
N ARG A 41 -5.37 -0.87 7.89
CA ARG A 41 -6.10 -1.90 8.59
C ARG A 41 -5.21 -2.45 9.67
N GLY A 42 -5.71 -2.38 10.87
CA GLY A 42 -5.05 -2.92 12.04
C GLY A 42 -3.96 -1.96 12.49
N ASN A 43 -2.75 -2.48 12.61
CA ASN A 43 -1.51 -1.70 12.69
C ASN A 43 -0.89 -1.40 11.32
N THR A 44 -1.57 -1.88 10.26
CA THR A 44 -1.02 -2.06 8.90
C THR A 44 -1.49 -0.93 8.02
N TYR A 45 -0.67 -0.47 7.09
CA TYR A 45 -0.74 0.73 6.28
C TYR A 45 -0.07 0.26 5.02
N LEU A 46 -0.85 0.19 3.96
CA LEU A 46 -0.35 -0.27 2.69
C LEU A 46 0.13 0.98 1.97
N CYS A 47 1.39 1.00 1.57
CA CYS A 47 2.04 2.16 0.99
C CYS A 47 2.68 1.84 -0.38
N PHE A 48 3.18 2.86 -1.06
CA PHE A 48 3.80 2.70 -2.38
C PHE A 48 5.05 3.56 -2.56
N ASP A 49 5.93 3.13 -3.48
CA ASP A 49 6.91 3.95 -4.20
C ASP A 49 6.42 4.01 -5.67
N ASP A 50 7.25 4.60 -6.51
CA ASP A 50 7.00 4.64 -7.95
C ASP A 50 7.16 3.31 -8.68
N THR A 51 7.67 2.29 -7.99
CA THR A 51 8.04 0.98 -8.54
C THR A 51 6.99 -0.10 -8.29
N ASN A 52 6.30 -0.02 -7.15
CA ASN A 52 5.83 -1.15 -6.33
C ASN A 52 5.32 -0.64 -4.98
N LEU A 53 4.77 -1.55 -4.19
CA LEU A 53 4.15 -1.28 -2.90
C LEU A 53 4.93 -1.89 -1.75
N TYR A 54 4.53 -1.51 -0.52
CA TYR A 54 5.06 -2.07 0.70
C TYR A 54 3.92 -2.08 1.73
N ALA A 55 3.69 -3.17 2.49
CA ALA A 55 2.94 -3.07 3.72
C ALA A 55 3.88 -2.69 4.89
N ILE A 56 3.57 -1.57 5.57
CA ILE A 56 4.24 -1.30 6.81
C ILE A 56 3.40 -1.81 7.98
N THR A 57 3.86 -2.93 8.56
CA THR A 57 3.22 -3.64 9.66
C THR A 57 3.87 -3.12 10.93
N GLY A 58 3.48 -1.91 11.34
CA GLY A 58 4.06 -1.17 12.46
C GLY A 58 5.43 -0.60 12.09
N ASP A 59 6.41 -1.49 11.98
CA ASP A 59 7.85 -1.20 11.68
C ASP A 59 8.45 -2.26 10.71
N VAL A 60 7.60 -3.09 10.11
CA VAL A 60 7.97 -4.12 9.13
C VAL A 60 7.62 -3.61 7.73
N VAL A 61 8.63 -3.26 6.94
CA VAL A 61 8.49 -2.88 5.54
C VAL A 61 8.51 -4.14 4.66
N LEU A 62 7.30 -4.62 4.38
CA LEU A 62 7.05 -5.76 3.53
C LEU A 62 6.87 -5.30 2.10
N LYS A 63 8.02 -5.19 1.40
CA LYS A 63 8.12 -4.90 -0.03
C LYS A 63 7.36 -5.92 -0.86
N PHE A 64 6.52 -5.47 -1.83
CA PHE A 64 6.02 -6.28 -2.88
C PHE A 64 6.84 -6.22 -4.19
N ALA A 65 7.00 -7.36 -4.89
CA ALA A 65 7.58 -7.43 -6.23
C ALA A 65 6.69 -6.93 -7.36
N THR A 66 5.52 -6.35 -7.07
CA THR A 66 4.50 -6.04 -8.03
C THR A 66 3.64 -5.06 -7.31
N VAL A 67 2.71 -4.57 -8.09
CA VAL A 67 1.59 -3.91 -7.53
C VAL A 67 0.51 -4.90 -7.08
N SER A 68 0.14 -5.85 -7.95
CA SER A 68 -0.97 -6.79 -7.69
C SER A 68 -0.72 -7.69 -6.48
N LYS A 69 0.54 -7.78 -6.00
CA LYS A 69 0.82 -8.39 -4.71
C LYS A 69 0.06 -7.73 -3.57
N ALA A 70 0.20 -6.41 -3.43
CA ALA A 70 -0.48 -5.59 -2.44
C ALA A 70 -2.01 -5.74 -2.50
N ARG A 71 -2.56 -6.11 -3.66
CA ARG A 71 -3.97 -6.43 -3.81
C ARG A 71 -4.33 -7.67 -2.99
N ALA A 72 -3.57 -8.75 -3.19
CA ALA A 72 -3.61 -9.96 -2.38
C ALA A 72 -3.16 -9.74 -0.91
N TYR A 73 -2.38 -8.69 -0.60
CA TYR A 73 -2.09 -8.35 0.80
C TYR A 73 -3.36 -7.88 1.51
N LEU A 74 -4.05 -6.95 0.87
CA LEU A 74 -5.26 -6.31 1.36
C LEU A 74 -6.37 -7.26 1.78
N GLU A 75 -6.44 -8.42 1.17
CA GLU A 75 -7.44 -9.44 1.47
C GLU A 75 -6.95 -10.47 2.50
N THR A 76 -5.66 -10.44 2.90
CA THR A 76 -4.90 -11.43 3.65
C THR A 76 -4.02 -10.75 4.71
N LYS A 77 -4.46 -10.91 5.96
CA LYS A 77 -3.78 -10.69 7.28
C LYS A 77 -3.56 -9.23 7.74
N SER A 1 4.01 6.21 -18.37
CA SER A 1 4.74 5.04 -17.87
C SER A 1 5.08 5.15 -16.39
N HIS A 2 5.42 4.05 -15.72
CA HIS A 2 5.84 3.94 -14.31
C HIS A 2 4.58 4.00 -13.42
N MET A 3 4.02 5.22 -13.30
CA MET A 3 2.67 5.58 -12.81
C MET A 3 1.55 5.00 -13.69
N THR A 4 1.80 3.80 -14.26
CA THR A 4 0.86 2.96 -14.98
C THR A 4 0.37 1.84 -14.05
N ALA A 5 1.27 0.96 -13.62
CA ALA A 5 0.89 -0.22 -12.83
C ALA A 5 0.54 0.14 -11.39
N VAL A 6 1.40 0.94 -10.79
CA VAL A 6 1.31 1.29 -9.36
C VAL A 6 0.12 2.24 -9.13
N GLN A 7 -0.16 3.08 -10.13
CA GLN A 7 -1.27 4.01 -10.20
C GLN A 7 -2.62 3.29 -10.08
N ASP A 8 -2.84 2.45 -11.07
CA ASP A 8 -4.02 1.60 -11.37
C ASP A 8 -4.52 0.90 -10.12
N PHE A 9 -3.60 0.27 -9.40
CA PHE A 9 -3.92 -0.40 -8.17
C PHE A 9 -4.22 0.57 -7.02
N VAL A 10 -3.49 1.69 -6.93
CA VAL A 10 -3.58 2.62 -5.80
C VAL A 10 -4.94 3.30 -5.72
N VAL A 11 -5.37 3.90 -6.84
CA VAL A 11 -6.65 4.64 -6.95
C VAL A 11 -7.89 3.83 -6.54
N ASP A 12 -7.82 2.50 -6.59
CA ASP A 12 -8.95 1.61 -6.28
C ASP A 12 -9.33 1.65 -4.79
N ILE A 13 -8.37 1.35 -3.92
CA ILE A 13 -8.41 1.60 -2.46
C ILE A 13 -8.75 3.05 -2.22
N LEU A 14 -8.18 3.93 -3.03
CA LEU A 14 -8.34 5.36 -2.89
C LEU A 14 -9.78 5.87 -3.05
N LEU A 15 -10.39 5.57 -4.20
CA LEU A 15 -11.60 6.21 -4.74
C LEU A 15 -12.83 5.34 -4.56
N ASN A 16 -12.70 4.03 -4.82
CA ASN A 16 -13.77 3.06 -4.58
C ASN A 16 -13.74 2.53 -3.13
N GLY A 17 -12.56 2.57 -2.49
CA GLY A 17 -12.31 2.03 -1.15
C GLY A 17 -11.63 0.68 -1.12
N ALA A 18 -11.28 0.22 0.08
CA ALA A 18 -10.55 -1.01 0.31
C ALA A 18 -11.43 -2.28 0.45
N ARG A 19 -10.74 -3.40 0.74
CA ARG A 19 -11.21 -4.53 1.57
C ARG A 19 -11.72 -4.07 2.95
N ASP A 20 -11.76 -4.97 3.93
CA ASP A 20 -12.07 -4.68 5.36
C ASP A 20 -11.12 -3.61 5.96
N TRP A 21 -10.29 -2.93 5.17
CA TRP A 21 -9.44 -1.78 5.62
C TRP A 21 -10.28 -0.47 5.71
N ASP A 22 -9.68 0.53 6.41
CA ASP A 22 -9.92 1.95 6.36
C ASP A 22 -9.08 2.66 5.25
N VAL A 23 -9.61 3.77 4.72
CA VAL A 23 -9.02 4.40 3.57
C VAL A 23 -8.45 5.63 4.21
N LEU A 24 -7.12 5.58 4.34
CA LEU A 24 -6.38 6.65 4.90
C LEU A 24 -5.36 7.14 3.86
N GLN A 25 -5.24 8.45 3.88
CA GLN A 25 -4.19 9.05 3.08
C GLN A 25 -3.21 9.69 4.02
N THR A 26 -2.33 8.83 4.54
CA THR A 26 -1.16 9.20 5.34
C THR A 26 0.12 8.72 4.63
N THR A 27 1.29 8.95 5.20
CA THR A 27 2.58 8.56 4.65
C THR A 27 3.36 8.06 5.87
N CYS A 28 4.18 7.03 5.70
CA CYS A 28 4.70 6.25 6.81
C CYS A 28 6.16 5.94 6.66
N THR A 29 6.87 5.99 7.79
CA THR A 29 8.29 6.29 7.73
C THR A 29 9.15 5.13 8.19
N VAL A 30 9.82 4.53 7.21
CA VAL A 30 10.54 3.25 7.29
C VAL A 30 11.64 3.20 6.19
N ASP A 31 12.73 2.44 6.38
CA ASP A 31 13.95 2.44 5.51
C ASP A 31 14.65 3.81 5.44
N ARG A 32 14.43 4.66 6.46
CA ARG A 32 14.89 6.06 6.52
C ARG A 32 14.17 6.90 5.45
N LYS A 33 13.07 6.36 4.92
CA LYS A 33 12.25 6.79 3.80
C LYS A 33 10.82 6.95 4.32
N VAL A 34 10.00 7.61 3.53
CA VAL A 34 8.57 7.70 3.76
C VAL A 34 7.87 7.05 2.56
N TYR A 35 6.81 6.31 2.84
CA TYR A 35 5.98 5.65 1.83
C TYR A 35 4.56 6.12 1.94
N LYS A 36 3.95 6.45 0.82
CA LYS A 36 2.62 7.02 0.87
C LYS A 36 1.55 5.92 0.94
N THR A 37 0.71 5.99 1.98
CA THR A 37 -0.24 4.97 2.39
C THR A 37 -1.57 5.24 1.71
N ILE A 38 -2.31 4.17 1.47
CA ILE A 38 -3.61 4.21 0.80
C ILE A 38 -4.71 3.85 1.77
N CYS A 39 -4.36 2.97 2.68
CA CYS A 39 -5.36 2.27 3.47
C CYS A 39 -4.67 1.70 4.65
N LYS A 40 -5.40 1.78 5.75
CA LYS A 40 -5.06 1.20 6.99
C LYS A 40 -6.03 0.12 7.44
N ARG A 41 -5.47 -1.03 7.76
CA ARG A 41 -6.17 -2.09 8.46
C ARG A 41 -5.28 -2.46 9.62
N GLY A 42 -5.82 -2.38 10.85
CA GLY A 42 -5.11 -2.87 12.00
C GLY A 42 -3.95 -1.97 12.34
N ASN A 43 -2.77 -2.57 12.49
CA ASN A 43 -1.48 -1.87 12.50
C ASN A 43 -0.85 -1.66 11.10
N THR A 44 -1.56 -2.12 10.08
CA THR A 44 -1.08 -2.32 8.69
C THR A 44 -1.56 -1.15 7.83
N TYR A 45 -0.74 -0.71 6.87
CA TYR A 45 -0.79 0.51 6.10
C TYR A 45 -0.15 0.12 4.78
N LEU A 46 -0.98 0.02 3.77
CA LEU A 46 -0.52 -0.34 2.45
C LEU A 46 0.04 0.92 1.79
N CYS A 47 1.20 0.87 1.15
CA CYS A 47 1.91 2.04 0.65
C CYS A 47 2.63 1.78 -0.70
N PHE A 48 3.25 2.79 -1.30
CA PHE A 48 3.88 2.66 -2.62
C PHE A 48 5.02 3.65 -2.90
N ASP A 49 5.89 3.30 -3.86
CA ASP A 49 6.93 4.19 -4.45
C ASP A 49 6.78 4.22 -6.00
N ASP A 50 7.88 4.49 -6.71
CA ASP A 50 7.98 4.29 -8.17
C ASP A 50 8.11 2.83 -8.62
N THR A 51 8.65 1.95 -7.76
CA THR A 51 9.09 0.60 -8.15
C THR A 51 7.98 -0.43 -8.02
N ASN A 52 7.10 -0.26 -7.04
CA ASN A 52 6.11 -1.18 -6.51
C ASN A 52 5.44 -0.65 -5.23
N LEU A 53 4.53 -1.46 -4.70
CA LEU A 53 3.92 -1.35 -3.40
C LEU A 53 4.70 -2.02 -2.28
N TYR A 54 4.37 -1.62 -1.05
CA TYR A 54 4.90 -2.18 0.20
C TYR A 54 3.74 -2.22 1.23
N ALA A 55 3.68 -3.20 2.14
CA ALA A 55 2.84 -3.09 3.33
C ALA A 55 3.76 -2.72 4.49
N ILE A 56 3.58 -1.52 5.05
CA ILE A 56 4.16 -1.23 6.34
C ILE A 56 3.20 -1.73 7.44
N THR A 57 3.65 -2.80 8.10
CA THR A 57 2.93 -3.55 9.12
C THR A 57 3.57 -3.05 10.40
N GLY A 58 3.03 -1.91 10.87
CA GLY A 58 3.53 -1.18 12.02
C GLY A 58 4.79 -0.45 11.58
N ASP A 59 5.88 -1.22 11.55
CA ASP A 59 7.28 -0.71 11.38
C ASP A 59 7.98 -1.68 10.36
N VAL A 60 7.27 -2.71 9.87
CA VAL A 60 7.77 -3.75 8.95
C VAL A 60 7.44 -3.40 7.50
N VAL A 61 8.45 -2.96 6.76
CA VAL A 61 8.31 -2.62 5.33
C VAL A 61 8.36 -3.90 4.49
N LEU A 62 7.18 -4.48 4.30
CA LEU A 62 7.00 -5.65 3.47
C LEU A 62 6.83 -5.22 2.00
N LYS A 63 7.96 -5.07 1.34
CA LYS A 63 8.11 -4.84 -0.11
C LYS A 63 7.50 -5.96 -0.97
N PHE A 64 6.61 -5.61 -1.91
CA PHE A 64 6.02 -6.51 -2.89
C PHE A 64 6.82 -6.50 -4.20
N ALA A 65 7.05 -7.66 -4.82
CA ALA A 65 7.61 -7.74 -6.17
C ALA A 65 6.67 -7.32 -7.30
N THR A 66 5.40 -7.00 -6.97
CA THR A 66 4.32 -6.87 -7.93
C THR A 66 3.17 -6.16 -7.27
N VAL A 67 2.51 -5.35 -8.05
CA VAL A 67 1.64 -4.33 -7.47
C VAL A 67 0.33 -5.00 -7.01
N SER A 68 -0.04 -6.06 -7.74
CA SER A 68 -1.13 -6.97 -7.44
C SER A 68 -0.86 -7.92 -6.27
N LYS A 69 0.40 -8.13 -5.83
CA LYS A 69 0.64 -8.74 -4.52
C LYS A 69 -0.04 -7.95 -3.40
N ALA A 70 0.09 -6.62 -3.44
CA ALA A 70 -0.59 -5.73 -2.51
C ALA A 70 -2.15 -5.86 -2.52
N ARG A 71 -2.76 -6.31 -3.64
CA ARG A 71 -4.20 -6.61 -3.76
C ARG A 71 -4.56 -7.89 -3.01
N ALA A 72 -3.79 -8.94 -3.24
CA ALA A 72 -3.96 -10.22 -2.55
C ALA A 72 -3.57 -10.11 -1.05
N TYR A 73 -2.72 -9.15 -0.69
CA TYR A 73 -2.32 -8.90 0.70
C TYR A 73 -3.48 -8.26 1.46
N LEU A 74 -4.24 -7.36 0.84
CA LEU A 74 -5.46 -6.80 1.40
C LEU A 74 -6.50 -7.82 1.85
N GLU A 75 -6.49 -9.02 1.24
CA GLU A 75 -7.27 -10.19 1.66
C GLU A 75 -6.40 -11.33 2.25
N THR A 76 -5.10 -11.09 2.47
CA THR A 76 -4.13 -11.96 3.19
C THR A 76 -3.39 -11.18 4.30
N LYS A 77 -4.18 -10.87 5.33
CA LYS A 77 -3.86 -10.34 6.67
C LYS A 77 -3.46 -8.87 6.71
N SER A 1 6.88 -0.96 -16.82
CA SER A 1 5.74 -0.28 -16.17
C SER A 1 6.19 0.34 -14.84
N HIS A 2 5.40 1.20 -14.16
CA HIS A 2 5.61 1.65 -12.74
C HIS A 2 4.38 2.48 -12.24
N MET A 3 4.43 3.82 -12.34
CA MET A 3 3.37 4.87 -12.13
C MET A 3 2.06 4.68 -12.91
N THR A 4 1.85 3.52 -13.54
CA THR A 4 0.61 3.16 -14.20
C THR A 4 -0.11 2.14 -13.41
N ALA A 5 0.50 0.98 -13.26
CA ALA A 5 -0.12 -0.18 -12.61
C ALA A 5 -0.26 0.06 -11.09
N VAL A 6 0.73 0.72 -10.49
CA VAL A 6 0.71 1.22 -9.12
C VAL A 6 -0.41 2.25 -8.96
N GLN A 7 -0.69 3.06 -9.98
CA GLN A 7 -1.65 4.17 -9.89
C GLN A 7 -3.07 3.63 -9.94
N ASP A 8 -3.30 2.82 -10.95
CA ASP A 8 -4.46 1.91 -11.16
C ASP A 8 -4.82 1.07 -9.92
N PHE A 9 -3.82 0.37 -9.34
CA PHE A 9 -3.96 -0.31 -8.07
C PHE A 9 -4.35 0.67 -6.94
N VAL A 10 -3.64 1.79 -6.82
CA VAL A 10 -3.94 2.82 -5.80
C VAL A 10 -5.40 3.29 -5.87
N VAL A 11 -5.93 3.69 -7.03
CA VAL A 11 -7.36 4.14 -7.13
C VAL A 11 -8.40 3.09 -6.84
N ASP A 12 -8.06 1.80 -6.94
CA ASP A 12 -8.93 0.72 -6.49
C ASP A 12 -9.28 0.82 -4.97
N ILE A 13 -8.32 1.24 -4.15
CA ILE A 13 -8.48 1.67 -2.75
C ILE A 13 -8.99 3.11 -2.76
N LEU A 14 -8.36 4.00 -3.52
CA LEU A 14 -8.39 5.43 -3.22
C LEU A 14 -9.77 6.02 -3.47
N LEU A 15 -10.35 5.78 -4.66
CA LEU A 15 -11.67 6.26 -5.01
C LEU A 15 -12.71 5.12 -4.81
N ASN A 16 -12.41 3.96 -5.36
CA ASN A 16 -13.38 2.85 -5.40
C ASN A 16 -13.45 2.01 -4.12
N GLY A 17 -12.52 2.21 -3.16
CA GLY A 17 -12.49 1.55 -1.88
C GLY A 17 -11.91 0.12 -1.89
N ALA A 18 -11.12 -0.10 -0.86
CA ALA A 18 -10.46 -1.38 -0.55
C ALA A 18 -11.44 -2.52 -0.23
N ARG A 19 -10.87 -3.68 0.08
CA ARG A 19 -11.36 -4.66 1.04
C ARG A 19 -11.74 -4.02 2.41
N ASP A 20 -11.74 -4.83 3.47
CA ASP A 20 -11.90 -4.46 4.89
C ASP A 20 -11.19 -3.20 5.42
N TRP A 21 -10.20 -2.65 4.67
CA TRP A 21 -9.35 -1.56 5.11
C TRP A 21 -10.07 -0.19 5.19
N ASP A 22 -9.51 0.70 5.99
CA ASP A 22 -9.93 2.10 6.06
C ASP A 22 -9.06 2.92 5.13
N VAL A 23 -9.62 3.95 4.49
CA VAL A 23 -9.13 4.51 3.27
C VAL A 23 -8.50 5.78 3.79
N LEU A 24 -7.19 5.75 3.77
CA LEU A 24 -6.43 6.79 4.44
C LEU A 24 -5.50 7.50 3.51
N GLN A 25 -5.28 8.78 3.78
CA GLN A 25 -4.18 9.49 3.18
C GLN A 25 -3.21 9.88 4.29
N THR A 26 -2.30 8.97 4.59
CA THR A 26 -1.14 9.25 5.45
C THR A 26 0.13 8.71 4.79
N THR A 27 1.29 8.88 5.42
CA THR A 27 2.62 8.54 4.92
C THR A 27 3.35 7.95 6.09
N CYS A 28 4.20 6.97 5.81
CA CYS A 28 4.95 6.21 6.80
C CYS A 28 6.40 6.07 6.46
N THR A 29 7.23 6.01 7.50
CA THR A 29 8.64 6.29 7.36
C THR A 29 9.46 5.11 7.85
N VAL A 30 10.08 4.41 6.91
CA VAL A 30 10.79 3.12 7.16
C VAL A 30 11.94 2.91 6.17
N ASP A 31 13.02 2.19 6.57
CA ASP A 31 14.32 2.10 5.87
C ASP A 31 15.02 3.48 5.69
N ARG A 32 14.62 4.43 6.52
CA ARG A 32 15.00 5.87 6.45
C ARG A 32 14.32 6.57 5.26
N LYS A 33 13.38 5.86 4.61
CA LYS A 33 12.63 6.20 3.41
C LYS A 33 11.22 6.53 3.89
N VAL A 34 10.46 7.13 2.99
CA VAL A 34 9.05 7.44 3.27
C VAL A 34 8.25 6.86 2.12
N TYR A 35 7.12 6.28 2.50
CA TYR A 35 6.13 5.67 1.62
C TYR A 35 4.79 6.34 1.87
N LYS A 36 3.98 6.43 0.83
CA LYS A 36 2.67 7.01 0.95
C LYS A 36 1.63 5.91 1.05
N THR A 37 0.74 6.01 2.05
CA THR A 37 -0.18 4.98 2.47
C THR A 37 -1.53 5.23 1.84
N ILE A 38 -2.22 4.16 1.43
CA ILE A 38 -3.54 4.26 0.79
C ILE A 38 -4.66 3.91 1.74
N CYS A 39 -4.34 2.95 2.60
CA CYS A 39 -5.32 2.27 3.39
C CYS A 39 -4.66 1.61 4.53
N LYS A 40 -5.43 1.61 5.59
CA LYS A 40 -5.02 1.14 6.85
C LYS A 40 -5.92 0.02 7.32
N ARG A 41 -5.34 -1.04 7.87
CA ARG A 41 -6.09 -2.01 8.64
C ARG A 41 -5.25 -2.43 9.82
N GLY A 42 -5.80 -2.16 10.98
CA GLY A 42 -5.18 -2.59 12.23
C GLY A 42 -4.04 -1.69 12.61
N ASN A 43 -2.84 -2.27 12.69
CA ASN A 43 -1.59 -1.51 12.72
C ASN A 43 -0.89 -1.43 11.33
N THR A 44 -1.55 -1.99 10.30
CA THR A 44 -0.94 -2.10 8.95
C THR A 44 -1.53 -1.09 7.98
N TYR A 45 -0.71 -0.70 7.01
CA TYR A 45 -0.74 0.48 6.19
C TYR A 45 -0.08 -0.01 4.93
N LEU A 46 -0.90 -0.10 3.91
CA LEU A 46 -0.46 -0.48 2.60
C LEU A 46 0.06 0.81 1.96
N CYS A 47 1.30 0.81 1.51
CA CYS A 47 1.97 2.01 1.01
C CYS A 47 2.65 1.73 -0.33
N PHE A 48 3.15 2.78 -0.97
CA PHE A 48 3.79 2.66 -2.28
C PHE A 48 5.03 3.52 -2.49
N ASP A 49 5.85 3.10 -3.45
CA ASP A 49 6.75 3.95 -4.21
C ASP A 49 6.22 4.00 -5.64
N ASP A 50 7.07 4.42 -6.55
CA ASP A 50 6.73 4.44 -7.99
C ASP A 50 6.51 3.07 -8.58
N THR A 51 7.21 2.05 -8.02
CA THR A 51 7.59 0.84 -8.69
C THR A 51 6.67 -0.36 -8.33
N ASN A 52 6.11 -0.26 -7.14
CA ASN A 52 5.72 -1.34 -6.24
C ASN A 52 5.32 -0.77 -4.90
N LEU A 53 4.79 -1.66 -4.05
CA LEU A 53 4.18 -1.36 -2.80
C LEU A 53 4.89 -2.06 -1.65
N TYR A 54 4.49 -1.69 -0.44
CA TYR A 54 5.09 -2.18 0.77
C TYR A 54 4.02 -2.20 1.83
N ALA A 55 3.83 -3.31 2.54
CA ALA A 55 2.93 -3.30 3.69
C ALA A 55 3.77 -3.00 4.91
N ILE A 56 3.67 -1.76 5.42
CA ILE A 56 4.30 -1.42 6.68
C ILE A 56 3.33 -1.81 7.81
N THR A 57 3.74 -2.79 8.61
CA THR A 57 2.96 -3.36 9.73
C THR A 57 3.71 -2.98 10.99
N GLY A 58 3.26 -1.91 11.67
CA GLY A 58 3.96 -1.24 12.76
C GLY A 58 5.21 -0.47 12.29
N ASP A 59 6.19 -1.26 11.86
CA ASP A 59 7.56 -0.90 11.42
C ASP A 59 8.15 -1.92 10.42
N VAL A 60 7.43 -3.00 10.09
CA VAL A 60 7.83 -4.12 9.24
C VAL A 60 7.58 -3.75 7.79
N VAL A 61 8.62 -3.37 7.06
CA VAL A 61 8.51 -3.02 5.63
C VAL A 61 8.60 -4.26 4.76
N LEU A 62 7.42 -4.79 4.40
CA LEU A 62 7.32 -5.92 3.48
C LEU A 62 7.16 -5.37 2.04
N LYS A 63 8.28 -5.12 1.35
CA LYS A 63 8.33 -4.85 -0.08
C LYS A 63 7.70 -5.94 -0.97
N PHE A 64 6.77 -5.54 -1.83
CA PHE A 64 6.10 -6.39 -2.78
C PHE A 64 6.91 -6.39 -4.07
N ALA A 65 7.11 -7.55 -4.69
CA ALA A 65 7.73 -7.62 -6.02
C ALA A 65 6.85 -7.10 -7.16
N THR A 66 5.70 -6.47 -6.90
CA THR A 66 4.68 -6.21 -7.89
C THR A 66 3.85 -5.12 -7.27
N VAL A 67 2.99 -4.63 -8.12
CA VAL A 67 1.78 -4.08 -7.59
C VAL A 67 0.80 -5.19 -7.17
N SER A 68 0.60 -6.24 -8.01
CA SER A 68 -0.44 -7.25 -7.83
C SER A 68 -0.43 -7.91 -6.45
N LYS A 69 0.75 -8.09 -5.85
CA LYS A 69 0.93 -8.55 -4.48
C LYS A 69 0.15 -7.73 -3.45
N ALA A 70 0.28 -6.41 -3.51
CA ALA A 70 -0.39 -5.49 -2.62
C ALA A 70 -1.92 -5.62 -2.61
N ARG A 71 -2.54 -6.11 -3.71
CA ARG A 71 -3.96 -6.41 -3.75
C ARG A 71 -4.27 -7.68 -2.92
N ALA A 72 -3.55 -8.75 -3.19
CA ALA A 72 -3.70 -9.99 -2.43
C ALA A 72 -3.34 -9.82 -0.94
N TYR A 73 -2.55 -8.79 -0.56
CA TYR A 73 -2.24 -8.48 0.82
C TYR A 73 -3.49 -8.01 1.58
N LEU A 74 -4.21 -7.15 0.91
CA LEU A 74 -5.48 -6.60 1.50
C LEU A 74 -6.49 -7.66 1.99
N GLU A 75 -6.61 -8.75 1.21
CA GLU A 75 -7.42 -9.94 1.37
C GLU A 75 -6.54 -11.23 1.77
N THR A 76 -5.39 -10.99 2.42
CA THR A 76 -4.40 -12.03 2.89
C THR A 76 -4.77 -13.00 3.92
N LYS A 77 -6.06 -13.39 4.04
CA LYS A 77 -6.66 -14.20 5.07
C LYS A 77 -7.64 -15.09 4.40
#